data_7VQ2
#
_entry.id   7VQ2
#
_entity_poly.entity_id   1
_entity_poly.type   'polypeptide(L)'
_entity_poly.pdbx_seq_one_letter_code
;GQLSVDNGLWRVTLCMLAFPLLLTGLISFREKRLQDVGTPAARARAFFTAPVVVFHLNILSYFAFLCLFAYVLMVDFQPV
PSWCECAIYLWLFSLVCEEMRQLFYDPDECGLMKKAALYFSDFWNKLDVGAILLFVAGLTCRLIPATLYPGRVILSLDFI
LFCLRLMHIFTISKTLGPKIIIVKRMMKDVFFFLFLLAVWVVSFGVAKQAILIHNERRVDWLFRGAVYHSYLTIFGQIPG
YIDGVNFNPEHCSPNGTDPYKPKCPESDATQQRPAFPEWLTVLLLCLYLLFTNILLLNLLIAMFNYTFQQVQEHTDQIWK
FQRHDLIEEYHGRPAAPPPFILLSHLQLFIKRVV
;
_entity_poly.pdbx_strand_id   A,B,C,D
#
# COMPACT_ATOMS: atom_id res chain seq x y z
N GLY A 1 -0.29 -41.98 12.49
CA GLY A 1 -0.54 -42.78 13.67
C GLY A 1 -1.38 -44.00 13.37
N GLN A 2 -2.20 -44.40 14.34
CA GLN A 2 -3.04 -45.57 14.18
C GLN A 2 -4.17 -45.35 13.19
N LEU A 3 -4.77 -44.17 13.21
CA LEU A 3 -5.98 -43.96 12.43
C LEU A 3 -5.67 -43.71 10.97
N SER A 4 -6.70 -43.84 10.14
CA SER A 4 -6.56 -43.71 8.70
C SER A 4 -6.13 -42.29 8.35
N VAL A 5 -5.32 -42.20 7.28
CA VAL A 5 -4.66 -40.96 6.90
C VAL A 5 -5.46 -40.15 5.89
N ASP A 6 -6.68 -40.57 5.58
CA ASP A 6 -7.47 -39.93 4.54
C ASP A 6 -8.75 -39.30 5.08
N ASN A 7 -8.80 -39.06 6.39
CA ASN A 7 -10.00 -38.53 7.02
C ASN A 7 -10.05 -37.01 7.01
N GLY A 8 -9.13 -36.34 6.35
CA GLY A 8 -9.10 -34.90 6.37
C GLY A 8 -8.57 -34.37 7.69
N LEU A 9 -8.95 -33.14 8.00
CA LEU A 9 -8.48 -32.55 9.25
C LEU A 9 -9.62 -32.00 10.10
N TRP A 10 -10.68 -31.50 9.47
CA TRP A 10 -11.77 -30.94 10.24
C TRP A 10 -12.36 -32.00 11.15
N ARG A 11 -12.36 -33.26 10.70
CA ARG A 11 -12.95 -34.33 11.49
C ARG A 11 -12.13 -34.58 12.75
N VAL A 12 -10.83 -34.31 12.69
CA VAL A 12 -10.01 -34.40 13.89
C VAL A 12 -10.44 -33.34 14.89
N THR A 13 -10.66 -32.11 14.42
CA THR A 13 -11.02 -31.05 15.34
C THR A 13 -12.42 -31.23 15.91
N LEU A 14 -13.31 -31.83 15.13
CA LEU A 14 -14.67 -32.04 15.60
C LEU A 14 -14.75 -33.22 16.56
N CYS A 15 -14.16 -34.35 16.17
CA CYS A 15 -14.11 -35.47 17.08
C CYS A 15 -13.33 -35.15 18.35
N MET A 16 -12.35 -34.26 18.26
CA MET A 16 -11.67 -33.82 19.48
C MET A 16 -12.67 -33.23 20.47
N LEU A 17 -13.70 -32.56 19.96
CA LEU A 17 -14.59 -31.84 20.87
C LEU A 17 -15.50 -32.79 21.63
N ALA A 18 -16.21 -33.66 20.92
CA ALA A 18 -17.26 -34.49 21.50
C ALA A 18 -16.74 -35.90 21.69
N PHE A 19 -16.56 -36.30 22.96
CA PHE A 19 -16.04 -37.64 23.24
C PHE A 19 -16.82 -38.73 22.51
N PRO A 20 -18.15 -38.82 22.61
CA PRO A 20 -18.86 -39.90 21.92
C PRO A 20 -18.81 -39.79 20.40
N LEU A 21 -18.44 -38.63 19.85
CA LEU A 21 -18.29 -38.54 18.40
C LEU A 21 -17.28 -39.56 17.90
N LEU A 22 -16.29 -39.91 18.73
CA LEU A 22 -15.44 -41.06 18.43
C LEU A 22 -16.24 -42.35 18.45
N LEU A 23 -17.16 -42.49 19.41
CA LEU A 23 -17.96 -43.71 19.49
C LEU A 23 -18.92 -43.84 18.32
N THR A 24 -19.28 -42.74 17.67
CA THR A 24 -20.17 -42.79 16.53
C THR A 24 -19.41 -43.19 15.27
N GLY A 25 -20.15 -43.42 14.19
CA GLY A 25 -19.54 -43.75 12.91
C GLY A 25 -19.24 -42.54 12.05
N LEU A 26 -18.57 -41.55 12.62
CA LEU A 26 -18.18 -40.34 11.89
C LEU A 26 -16.68 -40.11 11.85
N ILE A 27 -15.88 -41.15 12.06
CA ILE A 27 -14.42 -41.04 11.92
C ILE A 27 -13.91 -42.36 11.36
N SER A 28 -12.82 -42.28 10.63
CA SER A 28 -12.31 -43.46 9.95
C SER A 28 -11.11 -44.05 10.70
N PHE A 29 -10.94 -45.35 10.52
CA PHE A 29 -9.75 -46.05 10.97
C PHE A 29 -9.24 -46.89 9.81
N ARG A 30 -8.06 -47.47 9.99
CA ARG A 30 -7.61 -48.55 9.15
C ARG A 30 -7.56 -49.82 10.00
N GLU A 31 -7.34 -50.95 9.34
CA GLU A 31 -7.36 -52.25 10.02
C GLU A 31 -8.72 -52.45 10.71
N LYS A 32 -9.71 -52.78 9.89
CA LYS A 32 -11.11 -52.81 10.30
C LYS A 32 -11.39 -53.77 11.45
N ARG A 33 -10.40 -54.59 11.83
CA ARG A 33 -10.51 -55.38 13.04
C ARG A 33 -10.76 -54.49 14.26
N LEU A 34 -10.35 -53.23 14.20
CA LEU A 34 -10.67 -52.30 15.27
C LEU A 34 -11.76 -51.32 14.86
N GLN A 35 -11.85 -51.00 13.57
CA GLN A 35 -12.89 -50.09 13.10
C GLN A 35 -14.27 -50.72 13.26
N ASP A 36 -14.42 -51.99 12.86
CA ASP A 36 -15.72 -52.64 12.94
C ASP A 36 -15.99 -53.16 14.34
N VAL A 37 -14.98 -53.73 14.99
CA VAL A 37 -15.14 -54.30 16.31
C VAL A 37 -14.91 -53.20 17.33
N GLY A 38 -15.99 -52.59 17.80
CA GLY A 38 -15.89 -51.36 18.56
C GLY A 38 -15.61 -51.56 20.03
N THR A 39 -14.36 -51.37 20.44
CA THR A 39 -14.05 -51.17 21.85
C THR A 39 -13.80 -49.69 22.03
N PRO A 40 -14.81 -48.90 22.41
CA PRO A 40 -14.62 -47.45 22.50
C PRO A 40 -13.43 -47.04 23.34
N ALA A 41 -13.17 -47.73 24.46
CA ALA A 41 -12.08 -47.31 25.32
C ALA A 41 -10.74 -47.37 24.60
N ALA A 42 -10.49 -48.48 23.89
CA ALA A 42 -9.24 -48.59 23.14
C ALA A 42 -9.25 -47.66 21.93
N ARG A 43 -10.42 -47.47 21.32
CA ARG A 43 -10.47 -46.61 20.14
C ARG A 43 -10.14 -45.18 20.49
N ALA A 44 -10.73 -44.66 21.55
CA ALA A 44 -10.39 -43.31 22.00
C ALA A 44 -8.94 -43.24 22.46
N ARG A 45 -8.47 -44.28 23.17
CA ARG A 45 -7.09 -44.29 23.61
C ARG A 45 -6.14 -44.24 22.42
N ALA A 46 -6.36 -45.09 21.43
CA ALA A 46 -5.52 -45.06 20.24
C ALA A 46 -5.62 -43.73 19.54
N PHE A 47 -6.83 -43.17 19.45
CA PHE A 47 -6.98 -41.83 18.91
C PHE A 47 -6.05 -40.86 19.61
N PHE A 48 -5.94 -40.97 20.92
CA PHE A 48 -5.12 -40.03 21.67
C PHE A 48 -3.65 -40.21 21.43
N THR A 49 -3.23 -41.32 20.84
CA THR A 49 -1.81 -41.54 20.61
C THR A 49 -1.35 -40.97 19.28
N ALA A 50 -2.25 -40.58 18.40
CA ALA A 50 -1.85 -40.05 17.12
C ALA A 50 -1.15 -38.71 17.31
N PRO A 51 0.08 -38.57 16.83
CA PRO A 51 0.76 -37.28 16.93
C PRO A 51 -0.04 -36.14 16.37
N VAL A 52 -0.94 -36.37 15.42
CA VAL A 52 -1.74 -35.28 14.90
C VAL A 52 -2.60 -34.72 16.01
N VAL A 53 -3.15 -35.59 16.83
CA VAL A 53 -4.00 -35.12 17.92
C VAL A 53 -3.17 -34.45 18.98
N VAL A 54 -2.06 -35.06 19.39
CA VAL A 54 -1.20 -34.48 20.42
C VAL A 54 -0.70 -33.12 19.97
N PHE A 55 -0.41 -32.99 18.69
CA PHE A 55 -0.07 -31.70 18.16
C PHE A 55 -1.19 -30.71 18.40
N HIS A 56 -2.43 -31.08 18.07
CA HIS A 56 -3.52 -30.13 18.25
C HIS A 56 -3.78 -29.82 19.72
N LEU A 57 -3.57 -30.77 20.60
CA LEU A 57 -3.73 -30.46 22.01
C LEU A 57 -2.70 -29.44 22.45
N ASN A 58 -1.48 -29.55 21.95
CA ASN A 58 -0.49 -28.55 22.27
C ASN A 58 -0.89 -27.19 21.73
N ILE A 59 -1.40 -27.16 20.51
CA ILE A 59 -1.68 -25.85 19.95
C ILE A 59 -2.85 -25.20 20.67
N LEU A 60 -3.78 -26.01 21.18
CA LEU A 60 -4.89 -25.43 21.95
C LEU A 60 -4.42 -24.96 23.31
N SER A 61 -3.59 -25.76 23.98
CA SER A 61 -3.04 -25.35 25.26
C SER A 61 -2.22 -24.07 25.11
N TYR A 62 -1.40 -24.00 24.07
CA TYR A 62 -0.64 -22.78 23.85
C TYR A 62 -1.56 -21.61 23.63
N PHE A 63 -2.61 -21.80 22.83
CA PHE A 63 -3.55 -20.71 22.63
C PHE A 63 -4.08 -20.21 23.97
N ALA A 64 -4.48 -21.13 24.83
CA ALA A 64 -5.04 -20.75 26.12
C ALA A 64 -4.03 -20.01 26.97
N PHE A 65 -2.81 -20.55 27.05
CA PHE A 65 -1.76 -19.88 27.80
C PHE A 65 -1.60 -18.45 27.35
N LEU A 66 -1.56 -18.23 26.05
CA LEU A 66 -1.27 -16.89 25.56
C LEU A 66 -2.38 -15.92 25.91
N CYS A 67 -3.64 -16.31 25.66
CA CYS A 67 -4.72 -15.35 25.84
C CYS A 67 -5.06 -15.17 27.32
N LEU A 68 -4.87 -16.21 28.12
CA LEU A 68 -5.07 -16.04 29.54
C LEU A 68 -4.03 -15.10 30.15
N PHE A 69 -2.76 -15.36 29.89
CA PHE A 69 -1.73 -14.43 30.33
C PHE A 69 -2.07 -13.02 29.88
N ALA A 70 -2.50 -12.86 28.64
CA ALA A 70 -2.86 -11.53 28.17
C ALA A 70 -3.91 -10.89 29.07
N TYR A 71 -4.98 -11.62 29.37
CA TYR A 71 -6.01 -11.09 30.25
C TYR A 71 -5.43 -10.68 31.59
N VAL A 72 -4.60 -11.55 32.17
CA VAL A 72 -4.06 -11.26 33.49
C VAL A 72 -3.25 -9.98 33.46
N LEU A 73 -2.38 -9.83 32.45
CA LEU A 73 -1.65 -8.59 32.34
C LEU A 73 -2.56 -7.44 31.94
N MET A 74 -3.66 -7.72 31.28
CA MET A 74 -4.51 -6.65 30.77
C MET A 74 -5.12 -5.86 31.92
N VAL A 75 -5.80 -6.55 32.83
CA VAL A 75 -6.63 -5.86 33.81
C VAL A 75 -6.24 -6.29 35.22
N ASP A 76 -5.87 -7.55 35.41
CA ASP A 76 -5.64 -8.12 36.72
C ASP A 76 -4.23 -7.89 37.23
N PHE A 77 -3.44 -7.09 36.52
CA PHE A 77 -2.12 -6.75 37.01
C PHE A 77 -2.24 -6.01 38.34
N GLN A 78 -1.57 -6.54 39.36
CA GLN A 78 -1.70 -6.04 40.72
C GLN A 78 -0.40 -6.31 41.46
N PRO A 79 0.07 -5.39 42.31
CA PRO A 79 1.34 -5.61 43.00
C PRO A 79 1.43 -6.93 43.74
N VAL A 80 0.37 -7.38 44.40
CA VAL A 80 0.46 -8.60 45.19
C VAL A 80 0.31 -9.77 44.22
N PRO A 81 1.10 -10.83 44.36
CA PRO A 81 0.99 -11.96 43.42
C PRO A 81 -0.43 -12.50 43.39
N SER A 82 -1.14 -12.22 42.31
CA SER A 82 -2.49 -12.74 42.15
C SER A 82 -2.44 -14.24 41.91
N TRP A 83 -3.58 -14.89 42.12
CA TRP A 83 -3.66 -16.32 41.82
C TRP A 83 -3.30 -16.58 40.37
N CYS A 84 -3.80 -15.77 39.45
CA CYS A 84 -3.55 -16.00 38.04
C CYS A 84 -2.09 -15.75 37.67
N GLU A 85 -1.44 -14.78 38.33
CA GLU A 85 -0.02 -14.56 38.06
C GLU A 85 0.80 -15.79 38.40
N CYS A 86 0.49 -16.44 39.53
CA CYS A 86 1.18 -17.68 39.85
C CYS A 86 0.78 -18.80 38.90
N ALA A 87 -0.45 -18.74 38.38
CA ALA A 87 -0.88 -19.78 37.44
C ALA A 87 -0.03 -19.78 36.18
N ILE A 88 0.23 -18.60 35.63
CA ILE A 88 1.04 -18.59 34.41
C ILE A 88 2.50 -18.80 34.77
N TYR A 89 2.91 -18.47 35.99
CA TYR A 89 4.26 -18.77 36.41
C TYR A 89 4.54 -20.25 36.32
N LEU A 90 3.70 -21.06 36.95
CA LEU A 90 3.89 -22.50 36.88
C LEU A 90 3.58 -23.04 35.50
N TRP A 91 2.66 -22.40 34.76
CA TRP A 91 2.34 -22.89 33.42
C TRP A 91 3.52 -22.73 32.49
N LEU A 92 4.13 -21.55 32.49
CA LEU A 92 5.36 -21.35 31.72
C LEU A 92 6.45 -22.27 32.20
N PHE A 93 6.60 -22.44 33.52
CA PHE A 93 7.62 -23.35 34.00
C PHE A 93 7.45 -24.73 33.39
N SER A 94 6.22 -25.25 33.39
CA SER A 94 5.99 -26.58 32.86
C SER A 94 6.34 -26.65 31.39
N LEU A 95 6.25 -25.51 30.70
CA LEU A 95 6.51 -25.50 29.26
C LEU A 95 8.01 -25.52 28.99
N VAL A 96 8.76 -24.66 29.67
CA VAL A 96 10.21 -24.72 29.50
C VAL A 96 10.77 -26.00 30.05
N CYS A 97 10.10 -26.62 31.03
CA CYS A 97 10.54 -27.91 31.51
C CYS A 97 10.58 -28.94 30.39
N GLU A 98 9.51 -29.03 29.62
CA GLU A 98 9.49 -29.97 28.50
C GLU A 98 10.54 -29.61 27.47
N GLU A 99 10.72 -28.32 27.21
CA GLU A 99 11.73 -27.89 26.25
C GLU A 99 13.11 -28.35 26.68
N MET A 100 13.51 -28.02 27.91
CA MET A 100 14.81 -28.47 28.40
C MET A 100 14.88 -29.99 28.43
N ARG A 101 13.75 -30.64 28.72
CA ARG A 101 13.74 -32.10 28.74
C ARG A 101 14.21 -32.68 27.43
N GLN A 102 13.80 -32.09 26.30
CA GLN A 102 14.17 -32.66 25.01
C GLN A 102 15.63 -32.44 24.68
N LEU A 103 16.40 -31.84 25.58
CA LEU A 103 17.83 -31.70 25.35
C LEU A 103 18.61 -32.89 25.87
N PHE A 104 18.03 -33.68 26.78
CA PHE A 104 18.75 -34.77 27.43
C PHE A 104 18.24 -36.13 27.05
N TYR A 105 17.39 -36.23 26.02
CA TYR A 105 16.77 -37.50 25.70
C TYR A 105 17.69 -38.41 24.89
N ASP A 106 18.77 -37.85 24.33
CA ASP A 106 19.60 -38.51 23.33
C ASP A 106 19.88 -39.95 23.71
N PRO A 107 19.36 -40.91 22.94
CA PRO A 107 19.60 -42.32 23.28
C PRO A 107 21.04 -42.72 23.03
N ASP A 108 21.72 -42.06 22.10
CA ASP A 108 23.14 -42.28 21.91
C ASP A 108 23.93 -41.35 22.81
N GLU A 109 25.25 -41.56 22.87
CA GLU A 109 26.11 -40.74 23.71
C GLU A 109 26.60 -39.56 22.89
N CYS A 110 25.68 -38.64 22.62
CA CYS A 110 25.99 -37.41 21.92
C CYS A 110 26.72 -36.45 22.85
N GLY A 111 27.61 -35.66 22.26
CA GLY A 111 28.32 -34.64 23.01
C GLY A 111 27.35 -33.65 23.63
N LEU A 112 27.63 -33.21 24.85
CA LEU A 112 26.71 -32.31 25.53
C LEU A 112 26.76 -30.92 24.92
N MET A 113 27.97 -30.42 24.65
CA MET A 113 28.10 -29.09 24.07
C MET A 113 27.71 -29.11 22.59
N LYS A 114 27.81 -30.27 21.94
CA LYS A 114 27.40 -30.37 20.55
C LYS A 114 25.92 -30.10 20.37
N LYS A 115 25.08 -30.85 21.10
CA LYS A 115 23.63 -30.66 20.96
C LYS A 115 23.21 -29.29 21.48
N ALA A 116 23.99 -28.73 22.41
CA ALA A 116 23.76 -27.35 22.81
C ALA A 116 24.02 -26.39 21.66
N ALA A 117 25.13 -26.59 20.93
CA ALA A 117 25.41 -25.74 19.79
C ALA A 117 24.32 -25.82 18.75
N LEU A 118 23.79 -27.02 18.52
CA LEU A 118 22.70 -27.17 17.55
C LEU A 118 21.46 -26.40 18.00
N TYR A 119 21.08 -26.55 19.27
CA TYR A 119 19.96 -25.76 19.78
C TYR A 119 20.24 -24.28 19.62
N PHE A 120 21.44 -23.84 20.00
CA PHE A 120 21.77 -22.43 19.94
C PHE A 120 21.91 -21.95 18.50
N SER A 121 22.05 -22.86 17.55
CA SER A 121 22.16 -22.45 16.15
C SER A 121 20.79 -22.27 15.50
N ASP A 122 19.72 -22.74 16.14
CA ASP A 122 18.41 -22.67 15.53
C ASP A 122 17.72 -21.35 15.81
N PHE A 123 17.43 -20.62 14.73
CA PHE A 123 16.73 -19.35 14.83
C PHE A 123 15.52 -19.44 15.73
N TRP A 124 14.69 -20.48 15.53
CA TRP A 124 13.50 -20.60 16.35
C TRP A 124 13.85 -20.85 17.80
N ASN A 125 14.81 -21.72 18.08
CA ASN A 125 15.21 -21.88 19.47
C ASN A 125 15.81 -20.59 19.99
N LYS A 126 16.50 -19.84 19.14
CA LYS A 126 17.06 -18.57 19.58
C LYS A 126 15.98 -17.60 20.05
N LEU A 127 14.88 -17.53 19.32
CA LEU A 127 13.80 -16.63 19.73
C LEU A 127 13.15 -17.13 21.01
N ASP A 128 13.06 -18.44 21.17
CA ASP A 128 12.44 -19.01 22.37
C ASP A 128 13.24 -18.64 23.61
N VAL A 129 14.56 -18.79 23.55
CA VAL A 129 15.34 -18.46 24.72
C VAL A 129 15.40 -16.95 24.93
N GLY A 130 15.29 -16.16 23.86
CA GLY A 130 15.13 -14.74 24.03
C GLY A 130 13.95 -14.40 24.94
N ALA A 131 12.80 -15.01 24.67
CA ALA A 131 11.65 -14.78 25.53
C ALA A 131 11.91 -15.26 26.94
N ILE A 132 12.59 -16.40 27.10
CA ILE A 132 12.83 -16.90 28.45
C ILE A 132 13.68 -15.92 29.25
N LEU A 133 14.75 -15.40 28.63
CA LEU A 133 15.60 -14.46 29.33
C LEU A 133 14.85 -13.17 29.65
N LEU A 134 14.03 -12.69 28.70
CA LEU A 134 13.28 -11.47 28.93
C LEU A 134 12.26 -11.64 30.04
N PHE A 135 11.51 -12.74 30.01
CA PHE A 135 10.54 -13.00 31.08
C PHE A 135 11.19 -12.99 32.44
N VAL A 136 12.24 -13.79 32.61
CA VAL A 136 12.78 -13.97 33.94
C VAL A 136 13.35 -12.67 34.48
N ALA A 137 13.77 -11.77 33.60
CA ALA A 137 14.12 -10.43 34.03
C ALA A 137 12.88 -9.64 34.44
N GLY A 138 11.83 -9.71 33.62
CA GLY A 138 10.61 -8.99 33.93
C GLY A 138 9.96 -9.43 35.23
N LEU A 139 10.12 -10.71 35.57
CA LEU A 139 9.52 -11.22 36.80
C LEU A 139 10.00 -10.44 38.00
N THR A 140 11.30 -10.35 38.20
CA THR A 140 11.82 -9.61 39.34
C THR A 140 11.59 -8.10 39.20
N CYS A 141 11.59 -7.59 37.97
CA CYS A 141 11.26 -6.18 37.79
C CYS A 141 9.88 -5.87 38.32
N ARG A 142 8.91 -6.73 38.04
CA ARG A 142 7.58 -6.56 38.63
C ARG A 142 7.64 -6.73 40.14
N LEU A 143 8.39 -7.73 40.60
CA LEU A 143 8.45 -8.00 42.03
C LEU A 143 8.96 -6.81 42.83
N ILE A 144 9.87 -6.03 42.27
CA ILE A 144 10.33 -4.82 42.94
C ILE A 144 9.23 -3.78 42.87
N PRO A 145 8.75 -3.27 44.02
CA PRO A 145 7.64 -2.32 44.00
C PRO A 145 8.02 -0.96 43.44
N ALA A 146 9.30 -0.61 43.43
CA ALA A 146 9.76 0.66 42.88
C ALA A 146 9.81 0.66 41.36
N THR A 147 9.66 -0.49 40.72
CA THR A 147 9.75 -0.56 39.27
C THR A 147 8.53 -1.27 38.70
N LEU A 148 7.37 -1.09 39.34
CA LEU A 148 6.17 -1.76 38.87
C LEU A 148 5.86 -1.35 37.43
N TYR A 149 5.90 -0.05 37.14
CA TYR A 149 5.59 0.38 35.79
C TYR A 149 6.56 -0.18 34.75
N PRO A 150 7.88 -0.02 34.89
CA PRO A 150 8.78 -0.86 34.08
C PRO A 150 8.39 -2.33 34.08
N GLY A 151 7.91 -2.86 35.20
CA GLY A 151 7.48 -4.25 35.20
C GLY A 151 6.41 -4.48 34.16
N ARG A 152 5.52 -3.51 33.98
CA ARG A 152 4.50 -3.60 32.96
C ARG A 152 5.12 -3.60 31.56
N VAL A 153 6.13 -2.75 31.32
CA VAL A 153 6.64 -2.65 29.96
C VAL A 153 7.38 -3.93 29.57
N ILE A 154 8.11 -4.54 30.50
CA ILE A 154 8.86 -5.73 30.15
C ILE A 154 7.93 -6.90 29.93
N LEU A 155 6.94 -7.05 30.79
CA LEU A 155 6.00 -8.15 30.62
C LEU A 155 5.21 -7.99 29.34
N SER A 156 4.93 -6.75 28.95
CA SER A 156 4.25 -6.52 27.69
C SER A 156 5.12 -6.92 26.51
N LEU A 157 6.41 -6.64 26.60
CA LEU A 157 7.32 -7.09 25.55
C LEU A 157 7.40 -8.61 25.50
N ASP A 158 7.42 -9.24 26.67
CA ASP A 158 7.42 -10.70 26.73
C ASP A 158 6.23 -11.26 25.97
N PHE A 159 5.04 -10.73 26.26
CA PHE A 159 3.83 -11.16 25.56
C PHE A 159 4.03 -11.13 24.07
N ILE A 160 4.60 -10.05 23.55
CA ILE A 160 4.76 -9.95 22.11
C ILE A 160 5.67 -11.04 21.59
N LEU A 161 6.76 -11.32 22.31
CA LEU A 161 7.67 -12.36 21.87
C LEU A 161 6.99 -13.72 21.82
N PHE A 162 6.06 -13.96 22.73
CA PHE A 162 5.33 -15.21 22.66
C PHE A 162 4.34 -15.23 21.51
N CYS A 163 3.62 -14.13 21.29
CA CYS A 163 2.59 -14.21 20.27
C CYS A 163 3.18 -14.31 18.87
N LEU A 164 4.35 -13.73 18.62
CA LEU A 164 4.92 -13.88 17.29
C LEU A 164 5.45 -15.29 17.07
N ARG A 165 5.54 -16.08 18.12
CA ARG A 165 6.04 -17.45 18.02
C ARG A 165 5.07 -18.35 17.28
N LEU A 166 3.81 -17.93 17.12
CA LEU A 166 2.83 -18.80 16.50
C LEU A 166 3.05 -19.03 15.03
N MET A 167 4.01 -18.36 14.39
CA MET A 167 4.30 -18.70 13.01
C MET A 167 4.70 -20.15 12.86
N HIS A 168 5.11 -20.78 13.95
CA HIS A 168 5.45 -22.19 13.99
C HIS A 168 4.34 -23.10 13.54
N ILE A 169 3.09 -22.65 13.62
CA ILE A 169 1.98 -23.50 13.24
C ILE A 169 2.19 -24.04 11.85
N PHE A 170 2.52 -23.16 10.92
CA PHE A 170 2.49 -23.48 9.50
C PHE A 170 3.78 -24.14 9.04
N THR A 171 4.72 -24.38 9.94
CA THR A 171 5.93 -25.09 9.53
C THR A 171 5.60 -26.51 9.13
N ILE A 172 4.54 -27.07 9.70
CA ILE A 172 4.08 -28.38 9.27
C ILE A 172 2.99 -28.31 8.22
N SER A 173 2.69 -27.12 7.71
CA SER A 173 1.62 -26.99 6.74
C SER A 173 1.94 -27.74 5.46
N LYS A 174 0.89 -27.98 4.69
CA LYS A 174 1.12 -28.52 3.36
C LYS A 174 1.72 -27.47 2.46
N THR A 175 1.22 -26.24 2.55
CA THR A 175 1.42 -25.25 1.52
C THR A 175 2.03 -23.96 2.03
N LEU A 176 2.27 -23.83 3.32
CA LEU A 176 2.79 -22.58 3.84
C LEU A 176 4.22 -22.69 4.32
N GLY A 177 4.60 -23.86 4.82
CA GLY A 177 5.93 -24.10 5.33
C GLY A 177 7.02 -23.60 4.42
N PRO A 178 6.98 -24.00 3.15
CA PRO A 178 8.03 -23.56 2.23
C PRO A 178 8.20 -22.06 2.20
N LYS A 179 7.11 -21.34 2.44
CA LYS A 179 7.17 -19.89 2.36
C LYS A 179 7.76 -19.31 3.63
N ILE A 180 7.57 -20.01 4.74
CA ILE A 180 8.28 -19.67 5.95
C ILE A 180 9.78 -19.80 5.75
N ILE A 181 10.18 -20.82 5.01
CA ILE A 181 11.61 -20.98 4.71
C ILE A 181 12.11 -19.75 4.00
N ILE A 182 11.29 -19.23 3.10
CA ILE A 182 11.74 -18.12 2.29
C ILE A 182 11.93 -16.89 3.14
N VAL A 183 10.97 -16.61 4.01
CA VAL A 183 11.07 -15.41 4.82
C VAL A 183 12.19 -15.57 5.84
N LYS A 184 12.52 -16.80 6.18
CA LYS A 184 13.70 -17.03 6.99
C LYS A 184 14.95 -16.58 6.25
N ARG A 185 14.93 -16.69 4.92
CA ARG A 185 16.02 -16.13 4.15
C ARG A 185 15.95 -14.61 4.16
N MET A 186 14.73 -14.08 4.11
CA MET A 186 14.59 -12.63 4.00
C MET A 186 14.92 -11.92 5.30
N MET A 187 14.77 -12.62 6.43
CA MET A 187 14.91 -11.97 7.73
C MET A 187 16.17 -11.10 7.77
N LYS A 188 17.25 -11.59 7.17
CA LYS A 188 18.53 -10.89 7.24
C LYS A 188 18.43 -9.48 6.68
N ASP A 189 17.93 -9.33 5.45
CA ASP A 189 18.04 -8.04 4.78
C ASP A 189 16.85 -7.13 5.06
N VAL A 190 15.71 -7.67 5.47
CA VAL A 190 14.59 -6.81 5.84
C VAL A 190 14.90 -6.12 7.15
N PHE A 191 15.71 -6.76 7.99
CA PHE A 191 16.24 -6.09 9.17
C PHE A 191 17.09 -4.88 8.78
N PHE A 192 18.05 -5.09 7.90
CA PHE A 192 18.91 -4.00 7.53
C PHE A 192 18.15 -2.87 6.84
N PHE A 193 17.18 -3.21 5.99
CA PHE A 193 16.36 -2.16 5.42
C PHE A 193 15.60 -1.42 6.51
N LEU A 194 15.05 -2.16 7.48
CA LEU A 194 14.34 -1.54 8.59
C LEU A 194 15.13 -0.40 9.18
N PHE A 195 16.43 -0.61 9.33
CA PHE A 195 17.29 0.43 9.88
C PHE A 195 17.21 1.72 9.07
N LEU A 196 17.45 1.62 7.76
CA LEU A 196 17.63 2.82 6.96
C LEU A 196 16.32 3.57 6.81
N LEU A 197 15.19 2.87 6.82
CA LEU A 197 13.92 3.59 6.74
C LEU A 197 13.64 4.27 8.06
N ALA A 198 14.11 3.71 9.17
CA ALA A 198 13.91 4.34 10.45
C ALA A 198 14.62 5.68 10.51
N VAL A 199 15.91 5.69 10.21
CA VAL A 199 16.65 6.94 10.26
C VAL A 199 16.16 7.87 9.17
N TRP A 200 15.65 7.30 8.08
CA TRP A 200 15.09 8.11 7.01
C TRP A 200 13.96 8.98 7.52
N VAL A 201 12.93 8.35 8.09
CA VAL A 201 11.71 9.07 8.40
C VAL A 201 11.94 10.05 9.54
N VAL A 202 12.80 9.67 10.50
CA VAL A 202 12.99 10.58 11.63
C VAL A 202 13.77 11.80 11.19
N SER A 203 14.60 11.67 10.15
CA SER A 203 15.27 12.83 9.60
C SER A 203 14.26 13.78 8.99
N PHE A 204 13.22 13.22 8.39
CA PHE A 204 12.16 14.07 7.88
C PHE A 204 11.33 14.68 9.02
N GLY A 205 11.05 13.89 10.04
CA GLY A 205 10.29 14.41 11.16
C GLY A 205 10.98 15.58 11.82
N VAL A 206 12.25 15.43 12.17
CA VAL A 206 12.94 16.52 12.83
C VAL A 206 13.09 17.71 11.89
N ALA A 207 13.21 17.46 10.59
CA ALA A 207 13.27 18.57 9.65
C ALA A 207 12.00 19.40 9.74
N LYS A 208 10.84 18.75 9.64
CA LYS A 208 9.57 19.44 9.80
C LYS A 208 9.49 20.18 11.13
N GLN A 209 9.79 19.47 12.22
CA GLN A 209 9.65 20.06 13.55
C GLN A 209 10.64 21.18 13.78
N ALA A 210 11.70 21.24 12.98
CA ALA A 210 12.67 22.31 13.13
C ALA A 210 12.20 23.58 12.45
N ILE A 211 11.70 23.47 11.22
CA ILE A 211 11.51 24.67 10.43
C ILE A 211 10.19 25.36 10.74
N LEU A 212 9.11 24.60 10.95
CA LEU A 212 7.77 25.19 11.03
C LEU A 212 7.44 25.68 12.42
N ILE A 213 8.44 25.81 13.29
CA ILE A 213 8.25 26.33 14.64
C ILE A 213 9.60 26.83 15.14
N HIS A 214 9.54 27.78 16.07
CA HIS A 214 10.75 28.18 16.77
C HIS A 214 11.19 27.07 17.72
N ASN A 215 12.32 27.32 18.40
CA ASN A 215 12.82 26.36 19.37
C ASN A 215 11.77 26.02 20.43
N GLU A 216 11.59 24.72 20.67
CA GLU A 216 10.74 24.23 21.73
C GLU A 216 11.57 24.07 23.00
N ARG A 217 10.97 24.44 24.14
CA ARG A 217 11.69 24.40 25.41
C ARG A 217 12.00 22.97 25.84
N ARG A 218 11.12 22.03 25.47
CA ARG A 218 11.28 20.65 25.85
C ARG A 218 11.13 19.77 24.62
N VAL A 219 12.07 18.84 24.44
CA VAL A 219 11.86 17.76 23.48
C VAL A 219 10.83 16.78 24.02
N ASP A 220 10.57 16.83 25.34
CA ASP A 220 9.64 15.88 25.95
C ASP A 220 8.28 15.92 25.25
N TRP A 221 7.69 17.12 25.14
CA TRP A 221 6.36 17.22 24.53
C TRP A 221 6.46 17.13 23.02
N LEU A 222 7.60 17.52 22.47
CA LEU A 222 7.81 17.39 21.02
C LEU A 222 7.55 15.97 20.57
N PHE A 223 8.23 14.99 21.17
CA PHE A 223 8.15 13.62 20.68
C PHE A 223 6.78 13.01 21.00
N ARG A 224 6.15 13.47 22.09
CA ARG A 224 4.78 13.06 22.35
C ARG A 224 3.87 13.39 21.18
N GLY A 225 4.08 14.53 20.54
CA GLY A 225 3.35 14.85 19.33
C GLY A 225 4.06 14.35 18.08
N ALA A 226 5.36 14.60 17.99
CA ALA A 226 6.09 14.35 16.75
C ALA A 226 6.18 12.86 16.45
N VAL A 227 6.39 12.03 17.46
CA VAL A 227 6.58 10.60 17.22
C VAL A 227 5.23 9.91 17.03
N TYR A 228 4.20 10.39 17.74
CA TYR A 228 2.84 9.97 17.43
C TYR A 228 2.47 10.34 16.00
N HIS A 229 2.75 11.57 15.58
CA HIS A 229 2.49 11.97 14.20
C HIS A 229 3.35 11.16 13.24
N SER A 230 4.60 10.91 13.62
CA SER A 230 5.45 10.02 12.83
C SER A 230 4.79 8.65 12.67
N TYR A 231 4.36 8.05 13.78
CA TYR A 231 3.62 6.80 13.70
C TYR A 231 2.52 6.89 12.64
N LEU A 232 1.74 7.98 12.66
CA LEU A 232 0.62 8.11 11.73
C LEU A 232 1.11 8.25 10.30
N THR A 233 2.14 9.08 10.08
CA THR A 233 2.56 9.41 8.72
C THR A 233 3.70 8.52 8.26
N ILE A 234 4.01 7.47 9.02
CA ILE A 234 4.82 6.36 8.51
C ILE A 234 4.41 5.96 7.10
N PHE A 235 3.14 6.19 6.77
CA PHE A 235 2.61 5.85 5.46
C PHE A 235 2.13 7.12 4.74
N GLY A 236 2.79 8.23 5.03
CA GLY A 236 2.44 9.51 4.41
C GLY A 236 1.00 9.89 4.74
N GLN A 237 0.82 10.54 5.90
CA GLN A 237 -0.51 10.96 6.33
C GLN A 237 -0.49 12.38 6.87
N ILE A 238 0.07 12.55 8.07
CA ILE A 238 0.14 13.86 8.70
C ILE A 238 1.58 14.34 8.83
N PRO A 239 1.88 15.50 8.27
CA PRO A 239 3.22 16.06 8.34
C PRO A 239 3.75 16.04 9.77
N GLY A 240 3.01 16.68 10.67
CA GLY A 240 3.39 16.74 12.08
C GLY A 240 2.63 17.84 12.82
N TYR A 241 1.87 18.63 12.07
CA TYR A 241 1.09 19.72 12.66
C TYR A 241 -0.37 19.54 12.32
N ILE A 242 -1.07 18.72 13.10
CA ILE A 242 -2.49 18.47 12.87
C ILE A 242 -3.30 19.75 12.94
N ASP A 243 -2.77 20.75 13.64
CA ASP A 243 -3.45 22.04 13.78
C ASP A 243 -3.26 22.89 12.54
N GLY A 244 -2.62 22.32 11.52
CA GLY A 244 -2.37 23.04 10.27
C GLY A 244 -0.87 23.23 10.07
N VAL A 245 -0.35 23.00 8.77
CA VAL A 245 1.10 22.97 8.58
C VAL A 245 1.71 24.36 8.75
N ASN A 246 1.12 25.34 8.07
CA ASN A 246 1.60 26.72 8.14
C ASN A 246 0.75 27.54 9.09
N PHE A 247 1.38 28.11 10.11
CA PHE A 247 0.68 28.93 11.09
C PHE A 247 0.31 30.28 10.48
N ASN A 248 0.88 30.57 9.31
CA ASN A 248 0.61 31.83 8.62
C ASN A 248 1.09 31.79 7.18
N PRO A 249 0.19 31.39 6.28
CA PRO A 249 0.52 31.30 4.85
C PRO A 249 0.61 32.70 4.25
N GLU A 250 1.31 32.81 3.12
CA GLU A 250 1.46 34.09 2.45
C GLU A 250 2.04 33.89 1.05
N HIS A 251 1.82 34.89 0.18
CA HIS A 251 2.32 34.83 -1.18
C HIS A 251 1.70 33.68 -1.97
N CYS A 252 1.71 33.80 -3.29
CA CYS A 252 1.15 32.77 -4.15
C CYS A 252 1.88 32.76 -5.49
N SER A 253 1.77 31.66 -6.21
CA SER A 253 2.42 31.52 -7.51
C SER A 253 2.35 32.84 -8.26
N PRO A 254 3.34 33.09 -9.12
CA PRO A 254 3.38 34.31 -9.91
C PRO A 254 2.05 34.57 -10.61
N ASN A 255 1.19 35.34 -9.95
CA ASN A 255 -0.11 35.67 -10.52
C ASN A 255 -0.73 36.83 -9.76
N GLY A 256 -1.93 37.24 -10.18
CA GLY A 256 -2.63 38.34 -9.54
C GLY A 256 -2.37 39.64 -10.29
N THR A 257 -1.28 39.66 -11.05
CA THR A 257 -0.91 40.84 -11.83
C THR A 257 -1.54 40.79 -13.22
N ASP A 258 -2.31 39.73 -13.47
CA ASP A 258 -2.97 39.56 -14.76
C ASP A 258 -3.73 40.84 -15.11
N PRO A 259 -3.26 41.53 -16.15
CA PRO A 259 -3.90 42.76 -16.59
C PRO A 259 -5.39 42.54 -16.86
N TYR A 260 -5.75 41.30 -17.16
CA TYR A 260 -7.15 40.96 -17.43
C TYR A 260 -7.94 40.80 -16.15
N LYS A 261 -7.46 39.92 -15.27
CA LYS A 261 -8.12 39.67 -13.99
C LYS A 261 -7.25 38.88 -13.04
N PRO A 262 -6.96 39.46 -11.88
CA PRO A 262 -6.13 38.81 -10.88
C PRO A 262 -6.61 37.39 -10.59
N LYS A 263 -5.71 36.54 -10.13
CA LYS A 263 -6.05 35.16 -9.81
C LYS A 263 -5.61 34.79 -8.40
N CYS A 264 -4.47 35.33 -7.98
CA CYS A 264 -3.93 35.05 -6.65
C CYS A 264 -2.79 36.01 -6.31
N PRO A 265 -2.45 36.08 -5.02
CA PRO A 265 -1.37 36.95 -4.56
C PRO A 265 -0.07 36.66 -5.29
N GLU A 266 0.95 37.46 -5.00
CA GLU A 266 2.26 37.29 -5.62
C GLU A 266 3.26 38.28 -5.03
N SER A 267 4.07 37.81 -4.09
CA SER A 267 5.06 38.65 -3.44
C SER A 267 6.17 37.82 -2.81
N ASP A 268 7.36 38.41 -2.70
CA ASP A 268 8.50 37.73 -2.11
C ASP A 268 8.35 37.57 -0.61
N ALA A 269 7.64 36.53 -0.19
CA ALA A 269 7.40 36.26 1.22
C ALA A 269 8.45 35.29 1.78
N THR A 270 9.43 35.23 1.00
CA THR A 270 10.18 33.99 0.89
C THR A 270 11.64 34.21 1.26
N GLN A 271 12.35 34.99 0.46
CA GLN A 271 13.75 35.29 0.71
C GLN A 271 13.88 36.63 1.42
N GLN A 272 13.17 37.63 0.92
CA GLN A 272 13.19 38.97 1.50
C GLN A 272 12.51 38.98 2.87
N ARG A 273 11.52 38.12 3.05
CA ARG A 273 10.79 38.04 4.31
C ARG A 273 10.98 36.66 4.94
N PRO A 274 10.67 36.56 6.23
CA PRO A 274 10.79 35.30 6.95
C PRO A 274 10.19 34.17 6.12
N ALA A 275 10.96 33.18 5.77
CA ALA A 275 10.61 31.95 5.06
C ALA A 275 9.57 31.15 5.85
N PHE A 276 8.33 31.63 5.82
CA PHE A 276 7.24 30.95 6.53
C PHE A 276 5.91 31.09 5.80
N PRO A 277 5.98 31.40 4.50
CA PRO A 277 4.79 31.56 3.69
C PRO A 277 4.33 30.21 3.17
N GLU A 278 3.20 30.21 2.47
CA GLU A 278 2.66 28.97 1.91
C GLU A 278 3.63 28.34 0.92
N TRP A 279 4.46 29.18 0.30
CA TRP A 279 5.43 28.67 -0.66
C TRP A 279 6.39 27.68 0.00
N LEU A 280 6.90 28.03 1.18
CA LEU A 280 7.73 27.10 1.92
C LEU A 280 6.96 25.84 2.27
N THR A 281 5.69 26.00 2.65
CA THR A 281 4.86 24.85 2.97
C THR A 281 4.73 23.92 1.78
N VAL A 282 4.49 24.48 0.59
CA VAL A 282 4.43 23.65 -0.61
C VAL A 282 5.74 22.93 -0.84
N LEU A 283 6.86 23.66 -0.73
CA LEU A 283 8.17 23.04 -0.94
C LEU A 283 8.42 21.89 0.04
N LEU A 284 8.18 22.12 1.32
CA LEU A 284 8.50 21.10 2.32
C LEU A 284 7.59 19.89 2.18
N LEU A 285 6.29 20.13 2.04
CA LEU A 285 5.34 19.02 2.00
C LEU A 285 5.54 18.18 0.76
N CYS A 286 5.80 18.81 -0.39
CA CYS A 286 6.05 18.03 -1.58
C CYS A 286 7.37 17.28 -1.49
N LEU A 287 8.36 17.86 -0.81
CA LEU A 287 9.64 17.17 -0.64
C LEU A 287 9.45 15.84 0.08
N TYR A 288 8.76 15.86 1.21
CA TYR A 288 8.40 14.63 1.88
C TYR A 288 7.81 13.63 0.90
N LEU A 289 6.84 14.08 0.09
CA LEU A 289 6.20 13.15 -0.83
C LEU A 289 7.12 12.75 -1.97
N LEU A 290 8.10 13.61 -2.32
CA LEU A 290 9.00 13.30 -3.43
C LEU A 290 9.69 11.98 -3.20
N PHE A 291 9.90 11.59 -1.95
CA PHE A 291 10.77 10.46 -1.72
C PHE A 291 10.11 9.37 -0.89
N THR A 292 9.30 9.76 0.11
CA THR A 292 8.86 8.82 1.13
C THR A 292 8.05 7.66 0.54
N ASN A 293 6.97 7.98 -0.16
CA ASN A 293 6.08 6.91 -0.61
C ASN A 293 6.54 6.27 -1.92
N ILE A 294 7.76 6.55 -2.39
CA ILE A 294 8.20 6.01 -3.67
C ILE A 294 9.56 5.31 -3.61
N LEU A 295 10.58 6.00 -3.11
CA LEU A 295 11.95 5.48 -3.21
C LEU A 295 12.06 4.14 -2.49
N LEU A 296 11.53 4.09 -1.28
CA LEU A 296 11.73 2.92 -0.44
C LEU A 296 10.82 1.78 -0.86
N LEU A 297 9.70 2.09 -1.51
CA LEU A 297 8.77 1.05 -1.91
C LEU A 297 9.28 0.29 -3.13
N ASN A 298 9.65 1.01 -4.18
CA ASN A 298 10.18 0.34 -5.36
C ASN A 298 11.47 -0.38 -5.03
N LEU A 299 12.22 0.13 -4.05
CA LEU A 299 13.45 -0.54 -3.64
C LEU A 299 13.14 -1.93 -3.08
N LEU A 300 12.22 -2.00 -2.11
CA LEU A 300 11.94 -3.27 -1.46
C LEU A 300 11.43 -4.31 -2.44
N ILE A 301 10.45 -3.93 -3.25
CA ILE A 301 9.82 -4.90 -4.15
C ILE A 301 10.83 -5.35 -5.19
N ALA A 302 11.81 -4.51 -5.49
CA ALA A 302 12.92 -4.95 -6.31
C ALA A 302 13.76 -5.99 -5.58
N MET A 303 14.06 -5.73 -4.31
CA MET A 303 14.82 -6.70 -3.52
C MET A 303 14.13 -8.05 -3.49
N PHE A 304 12.81 -8.06 -3.32
CA PHE A 304 12.10 -9.32 -3.17
C PHE A 304 11.95 -10.02 -4.50
N ASN A 305 11.65 -9.26 -5.56
CA ASN A 305 11.60 -9.85 -6.89
C ASN A 305 12.93 -10.50 -7.23
N TYR A 306 14.03 -9.90 -6.77
CA TYR A 306 15.34 -10.50 -7.00
C TYR A 306 15.53 -11.77 -6.19
N THR A 307 15.44 -11.66 -4.87
CA THR A 307 15.84 -12.75 -4.01
C THR A 307 14.89 -13.94 -4.14
N PHE A 308 13.60 -13.67 -4.32
CA PHE A 308 12.65 -14.76 -4.49
C PHE A 308 13.10 -15.72 -5.59
N GLN A 309 13.52 -15.19 -6.74
CA GLN A 309 13.85 -16.04 -7.87
C GLN A 309 15.16 -16.80 -7.63
N GLN A 310 15.86 -16.46 -6.54
CA GLN A 310 17.10 -17.16 -6.25
C GLN A 310 16.84 -18.40 -5.39
N VAL A 311 15.67 -18.48 -4.76
CA VAL A 311 15.39 -19.59 -3.84
C VAL A 311 14.13 -20.38 -4.21
N GLN A 312 13.50 -20.05 -5.34
CA GLN A 312 12.14 -20.51 -5.62
C GLN A 312 12.02 -22.03 -5.72
N GLU A 313 13.08 -22.72 -6.13
CA GLU A 313 12.87 -24.13 -6.47
C GLU A 313 13.33 -25.08 -5.37
N HIS A 314 14.56 -24.93 -4.90
CA HIS A 314 15.12 -25.92 -3.98
C HIS A 314 14.49 -25.77 -2.62
N THR A 315 13.80 -24.64 -2.38
CA THR A 315 13.07 -24.46 -1.14
C THR A 315 12.09 -25.60 -0.92
N ASP A 316 11.61 -26.22 -1.99
CA ASP A 316 10.63 -27.27 -1.85
C ASP A 316 11.21 -28.47 -1.14
N GLN A 317 12.29 -29.03 -1.70
CA GLN A 317 12.84 -30.24 -1.13
C GLN A 317 13.42 -30.00 0.25
N ILE A 318 13.87 -28.77 0.50
CA ILE A 318 14.39 -28.48 1.83
C ILE A 318 13.30 -28.63 2.86
N TRP A 319 12.12 -28.11 2.56
CA TRP A 319 11.01 -28.31 3.49
C TRP A 319 10.74 -29.78 3.69
N LYS A 320 10.71 -30.54 2.60
CA LYS A 320 10.41 -31.96 2.71
C LYS A 320 11.43 -32.66 3.58
N PHE A 321 12.68 -32.23 3.47
CA PHE A 321 13.72 -32.83 4.28
C PHE A 321 13.51 -32.49 5.74
N GLN A 322 13.21 -31.24 6.03
CA GLN A 322 13.00 -30.80 7.39
C GLN A 322 11.83 -31.49 8.04
N ARG A 323 10.88 -31.97 7.26
CA ARG A 323 9.68 -32.55 7.83
C ARG A 323 10.00 -33.63 8.84
N HIS A 324 11.09 -34.37 8.65
CA HIS A 324 11.29 -35.57 9.45
C HIS A 324 11.30 -35.26 10.94
N ASP A 325 12.26 -34.44 11.38
CA ASP A 325 12.59 -34.40 12.80
C ASP A 325 11.41 -33.94 13.62
N LEU A 326 10.58 -33.06 13.07
CA LEU A 326 9.36 -32.69 13.77
C LEU A 326 8.47 -33.89 13.96
N ILE A 327 8.31 -34.72 12.93
CA ILE A 327 7.46 -35.89 13.08
C ILE A 327 8.02 -36.83 14.12
N GLU A 328 9.33 -37.02 14.11
CA GLU A 328 9.94 -37.88 15.12
C GLU A 328 9.71 -37.35 16.51
N GLU A 329 9.80 -36.04 16.67
CA GLU A 329 9.65 -35.45 17.99
C GLU A 329 8.30 -35.77 18.59
N TYR A 330 7.23 -35.37 17.93
CA TYR A 330 5.91 -35.57 18.49
C TYR A 330 5.48 -37.02 18.49
N HIS A 331 6.08 -37.86 17.64
CA HIS A 331 5.87 -39.29 17.81
C HIS A 331 6.32 -39.73 19.19
N GLY A 332 7.53 -39.34 19.58
CA GLY A 332 8.04 -39.82 20.85
C GLY A 332 7.65 -38.99 22.04
N ARG A 333 7.10 -37.82 21.82
CA ARG A 333 6.75 -36.94 22.93
C ARG A 333 5.66 -37.56 23.80
N PRO A 334 5.79 -37.48 25.12
CA PRO A 334 4.72 -37.96 26.00
C PRO A 334 3.38 -37.31 25.67
N ALA A 335 2.33 -38.10 25.76
CA ALA A 335 0.99 -37.67 25.38
C ALA A 335 0.28 -36.90 26.50
N ALA A 336 0.69 -35.68 26.80
CA ALA A 336 -0.02 -34.85 27.75
C ALA A 336 0.25 -33.37 27.48
N PRO A 337 -0.79 -32.55 27.46
CA PRO A 337 -0.59 -31.11 27.27
C PRO A 337 -0.02 -30.48 28.52
N PRO A 338 0.58 -29.30 28.41
CA PRO A 338 1.33 -28.70 29.53
C PRO A 338 0.54 -28.65 30.84
N PRO A 339 -0.74 -28.27 30.84
CA PRO A 339 -1.46 -28.26 32.12
C PRO A 339 -1.38 -29.61 32.81
N PHE A 340 -1.58 -30.67 32.06
CA PHE A 340 -1.57 -32.02 32.61
C PHE A 340 -0.27 -32.76 32.35
N ILE A 341 0.73 -32.08 31.75
CA ILE A 341 2.01 -32.73 31.54
C ILE A 341 2.80 -32.90 32.83
N LEU A 342 2.39 -32.21 33.89
CA LEU A 342 3.18 -32.23 35.11
C LEU A 342 3.34 -33.64 35.65
N LEU A 343 2.27 -34.43 35.64
CA LEU A 343 2.36 -35.79 36.18
C LEU A 343 3.31 -36.64 35.35
N SER A 344 3.48 -36.31 34.08
CA SER A 344 4.41 -37.06 33.24
C SER A 344 5.83 -36.56 33.44
N HIS A 345 5.99 -35.30 33.80
CA HIS A 345 7.29 -34.80 34.22
C HIS A 345 7.69 -35.44 35.55
N LEU A 346 6.72 -35.65 36.44
CA LEU A 346 7.02 -36.42 37.64
C LEU A 346 7.47 -37.83 37.29
N GLN A 347 6.81 -38.51 36.36
CA GLN A 347 7.25 -39.85 35.98
C GLN A 347 8.67 -39.81 35.43
N LEU A 348 9.00 -38.79 34.65
CA LEU A 348 10.36 -38.67 34.16
C LEU A 348 11.34 -38.47 35.29
N PHE A 349 11.00 -37.62 36.26
CA PHE A 349 11.92 -37.46 37.38
C PHE A 349 12.04 -38.76 38.17
N ILE A 350 10.96 -39.55 38.26
CA ILE A 350 11.04 -40.84 38.91
C ILE A 350 12.09 -41.70 38.23
N LYS A 351 12.10 -41.71 36.88
CA LYS A 351 13.17 -42.40 36.17
C LYS A 351 14.51 -41.74 36.39
N ARG A 352 14.54 -40.42 36.51
CA ARG A 352 15.79 -39.71 36.78
C ARG A 352 16.36 -40.07 38.13
N VAL A 353 15.50 -40.30 39.13
CA VAL A 353 15.99 -40.67 40.44
C VAL A 353 16.45 -42.13 40.46
N VAL A 354 15.70 -43.02 39.82
CA VAL A 354 16.06 -44.42 39.76
C VAL A 354 16.18 -44.89 38.31
N GLY B 1 -25.62 -17.99 -30.63
CA GLY B 1 -27.01 -18.15 -30.94
C GLY B 1 -27.31 -17.90 -32.40
N GLN B 2 -28.49 -17.36 -32.68
CA GLN B 2 -28.90 -17.10 -34.04
C GLN B 2 -28.13 -15.95 -34.67
N LEU B 3 -27.86 -14.91 -33.91
CA LEU B 3 -27.32 -13.69 -34.49
C LEU B 3 -25.81 -13.82 -34.71
N SER B 4 -25.30 -12.92 -35.54
CA SER B 4 -23.90 -12.95 -35.92
C SER B 4 -23.01 -12.72 -34.70
N VAL B 5 -21.85 -13.37 -34.73
CA VAL B 5 -20.95 -13.43 -33.58
C VAL B 5 -19.91 -12.33 -33.59
N ASP B 6 -19.99 -11.39 -34.52
CA ASP B 6 -18.97 -10.37 -34.70
C ASP B 6 -19.50 -8.97 -34.45
N ASN B 7 -20.64 -8.86 -33.76
CA ASN B 7 -21.28 -7.58 -33.52
C ASN B 7 -20.78 -6.88 -32.27
N GLY B 8 -19.76 -7.41 -31.61
CA GLY B 8 -19.28 -6.82 -30.37
C GLY B 8 -20.24 -7.12 -29.23
N LEU B 9 -20.17 -6.27 -28.21
CA LEU B 9 -21.04 -6.48 -27.06
C LEU B 9 -21.86 -5.24 -26.71
N TRP B 10 -21.30 -4.05 -26.94
CA TRP B 10 -22.05 -2.85 -26.58
C TRP B 10 -23.35 -2.79 -27.36
N ARG B 11 -23.36 -3.33 -28.58
CA ARG B 11 -24.56 -3.26 -29.40
C ARG B 11 -25.65 -4.16 -28.82
N VAL B 12 -25.25 -5.21 -28.12
CA VAL B 12 -26.23 -6.03 -27.42
C VAL B 12 -26.88 -5.23 -26.32
N THR B 13 -26.08 -4.49 -25.55
CA THR B 13 -26.65 -3.74 -24.43
C THR B 13 -27.50 -2.58 -24.90
N LEU B 14 -27.15 -2.00 -26.03
CA LEU B 14 -27.92 -0.87 -26.55
C LEU B 14 -29.21 -1.34 -27.20
N CYS B 15 -29.11 -2.34 -28.08
CA CYS B 15 -30.32 -2.89 -28.67
C CYS B 15 -31.23 -3.50 -27.61
N MET B 16 -30.66 -4.00 -26.51
CA MET B 16 -31.52 -4.47 -25.42
C MET B 16 -32.42 -3.36 -24.93
N LEU B 17 -31.92 -2.11 -24.95
CA LEU B 17 -32.69 -1.03 -24.33
C LEU B 17 -33.89 -0.64 -25.19
N ALA B 18 -33.66 -0.35 -26.47
CA ALA B 18 -34.67 0.23 -27.33
C ALA B 18 -35.23 -0.84 -28.26
N PHE B 19 -36.50 -1.21 -28.04
CA PHE B 19 -37.10 -2.26 -28.86
C PHE B 19 -36.94 -2.01 -30.35
N PRO B 20 -37.31 -0.84 -30.89
CA PRO B 20 -37.17 -0.62 -32.34
C PRO B 20 -35.73 -0.58 -32.81
N LEU B 21 -34.76 -0.40 -31.91
CA LEU B 21 -33.37 -0.46 -32.33
C LEU B 21 -33.05 -1.79 -33.00
N LEU B 22 -33.75 -2.86 -32.59
CA LEU B 22 -33.69 -4.10 -33.34
C LEU B 22 -34.30 -3.93 -34.74
N LEU B 23 -35.40 -3.19 -34.84
CA LEU B 23 -36.03 -3.00 -36.13
C LEU B 23 -35.19 -2.14 -37.06
N THR B 24 -34.29 -1.33 -36.51
CA THR B 24 -33.42 -0.50 -37.35
C THR B 24 -32.25 -1.31 -37.87
N GLY B 25 -31.45 -0.71 -38.76
CA GLY B 25 -30.28 -1.36 -39.30
C GLY B 25 -29.02 -1.08 -38.49
N LEU B 26 -29.08 -1.29 -37.17
CA LEU B 26 -27.94 -1.10 -36.30
C LEU B 26 -27.54 -2.36 -35.55
N ILE B 27 -27.92 -3.54 -36.04
CA ILE B 27 -27.48 -4.80 -35.44
C ILE B 27 -27.31 -5.81 -36.57
N SER B 28 -26.39 -6.74 -36.37
CA SER B 28 -26.08 -7.68 -37.43
C SER B 28 -26.73 -9.03 -37.18
N PHE B 29 -26.97 -9.74 -38.28
CA PHE B 29 -27.38 -11.13 -38.24
C PHE B 29 -26.50 -11.91 -39.20
N ARG B 30 -26.63 -13.22 -39.16
CA ARG B 30 -26.14 -14.07 -40.23
C ARG B 30 -27.33 -14.67 -40.94
N GLU B 31 -27.07 -15.34 -42.07
CA GLU B 31 -28.13 -15.88 -42.91
C GLU B 31 -29.10 -14.78 -43.33
N LYS B 32 -28.64 -13.99 -44.30
CA LYS B 32 -29.29 -12.75 -44.71
C LYS B 32 -30.73 -12.94 -45.17
N ARG B 33 -31.15 -14.20 -45.34
CA ARG B 33 -32.57 -14.47 -45.58
C ARG B 33 -33.44 -13.91 -44.47
N LEU B 34 -32.89 -13.74 -43.27
CA LEU B 34 -33.62 -13.10 -42.19
C LEU B 34 -33.12 -11.68 -41.95
N GLN B 35 -31.84 -11.42 -42.20
CA GLN B 35 -31.31 -10.07 -42.03
C GLN B 35 -31.92 -9.10 -43.01
N ASP B 36 -32.01 -9.49 -44.29
CA ASP B 36 -32.55 -8.60 -45.31
C ASP B 36 -34.07 -8.62 -45.30
N VAL B 37 -34.66 -9.80 -45.15
CA VAL B 37 -36.11 -9.94 -45.19
C VAL B 37 -36.64 -9.71 -43.78
N GLY B 38 -37.06 -8.48 -43.50
CA GLY B 38 -37.34 -8.10 -42.14
C GLY B 38 -38.71 -8.46 -41.62
N THR B 39 -38.79 -9.54 -40.84
CA THR B 39 -39.96 -9.78 -40.01
C THR B 39 -39.58 -9.37 -38.60
N PRO B 40 -39.88 -8.15 -38.18
CA PRO B 40 -39.43 -7.70 -36.84
C PRO B 40 -39.84 -8.62 -35.73
N ALA B 41 -41.05 -9.19 -35.78
CA ALA B 41 -41.50 -10.03 -34.68
C ALA B 41 -40.59 -11.24 -34.51
N ALA B 42 -40.27 -11.92 -35.60
CA ALA B 42 -39.37 -13.07 -35.50
C ALA B 42 -37.95 -12.63 -35.21
N ARG B 43 -37.53 -11.47 -35.72
CA ARG B 43 -36.17 -11.02 -35.48
C ARG B 43 -35.95 -10.72 -34.00
N ALA B 44 -36.88 -10.00 -33.39
CA ALA B 44 -36.78 -9.75 -31.95
C ALA B 44 -36.89 -11.05 -31.16
N ARG B 45 -37.81 -11.93 -31.58
CA ARG B 45 -37.95 -13.21 -30.89
C ARG B 45 -36.66 -14.00 -30.94
N ALA B 46 -36.07 -14.14 -32.13
CA ALA B 46 -34.80 -14.84 -32.24
C ALA B 46 -33.72 -14.16 -31.43
N PHE B 47 -33.69 -12.82 -31.46
CA PHE B 47 -32.77 -12.10 -30.59
C PHE B 47 -32.92 -12.54 -29.14
N PHE B 48 -34.15 -12.74 -28.70
CA PHE B 48 -34.36 -13.10 -27.30
C PHE B 48 -33.92 -14.52 -26.98
N THR B 49 -33.67 -15.34 -27.99
CA THR B 49 -33.26 -16.71 -27.73
C THR B 49 -31.75 -16.85 -27.57
N ALA B 50 -30.98 -15.83 -27.93
CA ALA B 50 -29.55 -15.93 -27.82
C ALA B 50 -29.15 -16.00 -26.36
N PRO B 51 -28.41 -17.03 -25.95
CA PRO B 51 -27.96 -17.10 -24.56
C PRO B 51 -27.20 -15.87 -24.13
N VAL B 52 -26.57 -15.14 -25.04
CA VAL B 52 -25.88 -13.92 -24.62
C VAL B 52 -26.88 -12.94 -24.04
N VAL B 53 -28.04 -12.85 -24.68
CA VAL B 53 -29.05 -11.91 -24.19
C VAL B 53 -29.65 -12.41 -22.88
N VAL B 54 -30.02 -13.70 -22.83
CA VAL B 54 -30.60 -14.25 -21.62
C VAL B 54 -29.64 -14.11 -20.46
N PHE B 55 -28.36 -14.28 -20.73
CA PHE B 55 -27.36 -14.02 -19.72
C PHE B 55 -27.49 -12.59 -19.22
N HIS B 56 -27.54 -11.62 -20.13
CA HIS B 56 -27.59 -10.23 -19.68
C HIS B 56 -28.89 -9.91 -18.95
N LEU B 57 -29.99 -10.55 -19.34
CA LEU B 57 -31.21 -10.32 -18.59
C LEU B 57 -31.09 -10.82 -17.18
N ASN B 58 -30.42 -11.95 -17.00
CA ASN B 58 -30.19 -12.44 -15.65
C ASN B 58 -29.32 -11.48 -14.88
N ILE B 59 -28.28 -10.96 -15.51
CA ILE B 59 -27.37 -10.14 -14.73
C ILE B 59 -28.05 -8.83 -14.35
N LEU B 60 -28.97 -8.34 -15.19
CA LEU B 60 -29.70 -7.12 -14.83
C LEU B 60 -30.70 -7.39 -13.74
N SER B 61 -31.43 -8.50 -13.84
CA SER B 61 -32.36 -8.87 -12.78
C SER B 61 -31.64 -9.06 -11.46
N TYR B 62 -30.50 -9.74 -11.48
CA TYR B 62 -29.75 -9.90 -10.25
C TYR B 62 -29.33 -8.57 -9.70
N PHE B 63 -28.87 -7.67 -10.57
CA PHE B 63 -28.49 -6.35 -10.08
C PHE B 63 -29.66 -5.70 -9.36
N ALA B 64 -30.84 -5.76 -9.95
CA ALA B 64 -32.00 -5.12 -9.35
C ALA B 64 -32.35 -5.76 -8.02
N PHE B 65 -32.36 -7.09 -7.97
CA PHE B 65 -32.63 -7.79 -6.73
C PHE B 65 -31.72 -7.30 -5.63
N LEU B 66 -30.43 -7.21 -5.93
CA LEU B 66 -29.49 -6.89 -4.89
C LEU B 66 -29.69 -5.47 -4.36
N CYS B 67 -29.83 -4.50 -5.26
CA CYS B 67 -29.89 -3.11 -4.80
C CYS B 67 -31.25 -2.78 -4.20
N LEU B 68 -32.30 -3.42 -4.70
CA LEU B 68 -33.60 -3.21 -4.08
C LEU B 68 -33.64 -3.78 -2.68
N PHE B 69 -33.25 -5.03 -2.50
CA PHE B 69 -33.14 -5.58 -1.16
C PHE B 69 -32.32 -4.66 -0.27
N ALA B 70 -31.20 -4.15 -0.78
CA ALA B 70 -30.39 -3.25 0.02
C ALA B 70 -31.21 -2.06 0.50
N TYR B 71 -31.94 -1.42 -0.41
CA TYR B 71 -32.78 -0.29 -0.02
C TYR B 71 -33.76 -0.68 1.06
N VAL B 72 -34.42 -1.82 0.88
CA VAL B 72 -35.45 -2.22 1.84
C VAL B 72 -34.83 -2.42 3.21
N LEU B 73 -33.70 -3.10 3.28
CA LEU B 73 -33.03 -3.23 4.55
C LEU B 73 -32.45 -1.91 5.02
N MET B 74 -32.15 -1.01 4.10
CA MET B 74 -31.48 0.23 4.49
C MET B 74 -32.39 1.08 5.36
N VAL B 75 -33.60 1.37 4.87
CA VAL B 75 -34.43 2.38 5.51
C VAL B 75 -35.80 1.80 5.85
N ASP B 76 -36.32 0.93 5.00
CA ASP B 76 -37.69 0.43 5.12
C ASP B 76 -37.80 -0.76 6.04
N PHE B 77 -36.73 -1.12 6.74
CA PHE B 77 -36.82 -2.19 7.72
C PHE B 77 -37.81 -1.81 8.80
N GLN B 78 -38.81 -2.66 9.01
CA GLN B 78 -39.93 -2.37 9.90
C GLN B 78 -40.45 -3.69 10.45
N PRO B 79 -40.84 -3.75 11.73
CA PRO B 79 -41.30 -5.03 12.30
C PRO B 79 -42.42 -5.70 11.50
N VAL B 80 -43.37 -4.95 10.97
CA VAL B 80 -44.49 -5.57 10.27
C VAL B 80 -44.02 -5.90 8.86
N PRO B 81 -44.35 -7.07 8.33
CA PRO B 81 -43.87 -7.42 6.98
C PRO B 81 -44.30 -6.37 5.97
N SER B 82 -43.34 -5.57 5.53
CA SER B 82 -43.64 -4.57 4.51
C SER B 82 -43.90 -5.23 3.17
N TRP B 83 -44.54 -4.49 2.27
CA TRP B 83 -44.75 -5.01 0.93
C TRP B 83 -43.43 -5.41 0.27
N CYS B 84 -42.41 -4.57 0.42
CA CYS B 84 -41.13 -4.86 -0.22
C CYS B 84 -40.44 -6.06 0.41
N GLU B 85 -40.59 -6.26 1.72
CA GLU B 85 -40.01 -7.43 2.35
C GLU B 85 -40.57 -8.71 1.76
N CYS B 86 -41.88 -8.75 1.53
CA CYS B 86 -42.47 -9.90 0.87
C CYS B 86 -42.03 -9.98 -0.59
N ALA B 87 -41.77 -8.83 -1.22
CA ALA B 87 -41.34 -8.85 -2.60
C ALA B 87 -40.01 -9.58 -2.76
N ILE B 88 -39.05 -9.30 -1.88
CA ILE B 88 -37.78 -9.99 -2.02
C ILE B 88 -37.90 -11.41 -1.53
N TYR B 89 -38.84 -11.67 -0.61
CA TYR B 89 -39.05 -13.05 -0.18
C TYR B 89 -39.42 -13.92 -1.37
N LEU B 90 -40.43 -13.52 -2.13
CA LEU B 90 -40.82 -14.31 -3.29
C LEU B 90 -39.78 -14.21 -4.39
N TRP B 91 -39.06 -13.09 -4.49
CA TRP B 91 -38.05 -12.96 -5.54
C TRP B 91 -36.91 -13.93 -5.31
N LEU B 92 -36.39 -13.98 -4.09
CA LEU B 92 -35.40 -14.97 -3.73
C LEU B 92 -35.93 -16.37 -3.91
N PHE B 93 -37.17 -16.62 -3.50
CA PHE B 93 -37.73 -17.95 -3.68
C PHE B 93 -37.66 -18.36 -5.15
N SER B 94 -38.07 -17.47 -6.05
CA SER B 94 -38.07 -17.81 -7.47
C SER B 94 -36.67 -18.10 -7.95
N LEU B 95 -35.67 -17.51 -7.30
CA LEU B 95 -34.29 -17.71 -7.73
C LEU B 95 -33.76 -19.05 -7.29
N VAL B 96 -33.96 -19.40 -6.02
CA VAL B 96 -33.53 -20.72 -5.57
C VAL B 96 -34.37 -21.80 -6.23
N CYS B 97 -35.60 -21.48 -6.63
CA CYS B 97 -36.40 -22.44 -7.36
C CYS B 97 -35.70 -22.88 -8.64
N GLU B 98 -35.22 -21.92 -9.43
CA GLU B 98 -34.51 -22.27 -10.65
C GLU B 98 -33.23 -23.04 -10.35
N GLU B 99 -32.53 -22.64 -9.28
CA GLU B 99 -31.31 -23.34 -8.92
C GLU B 99 -31.59 -24.80 -8.61
N MET B 100 -32.54 -25.06 -7.71
CA MET B 100 -32.89 -26.44 -7.40
C MET B 100 -33.42 -27.15 -8.63
N ARG B 101 -34.12 -26.42 -9.51
CA ARG B 101 -34.64 -27.03 -10.73
C ARG B 101 -33.53 -27.66 -11.54
N GLN B 102 -32.37 -27.00 -11.63
CA GLN B 102 -31.30 -27.53 -12.47
C GLN B 102 -30.63 -28.75 -11.86
N LEU B 103 -31.12 -29.22 -10.72
CA LEU B 103 -30.58 -30.45 -10.13
C LEU B 103 -31.32 -31.69 -10.63
N PHE B 104 -32.53 -31.53 -11.17
CA PHE B 104 -33.36 -32.66 -11.56
C PHE B 104 -33.55 -32.77 -13.06
N TYR B 105 -32.81 -32.00 -13.85
CA TYR B 105 -33.05 -31.97 -15.28
C TYR B 105 -32.44 -33.15 -16.00
N ASP B 106 -31.53 -33.88 -15.34
CA ASP B 106 -30.66 -34.87 -15.96
C ASP B 106 -31.44 -35.76 -16.92
N PRO B 107 -31.15 -35.66 -18.23
CA PRO B 107 -31.89 -36.50 -19.18
C PRO B 107 -31.51 -37.97 -19.08
N ASP B 108 -30.30 -38.26 -18.61
CA ASP B 108 -29.94 -39.64 -18.33
C ASP B 108 -30.31 -39.99 -16.90
N GLU B 109 -30.18 -41.26 -16.55
CA GLU B 109 -30.52 -41.73 -15.21
C GLU B 109 -29.27 -41.64 -14.35
N CYS B 110 -28.89 -40.40 -14.03
CA CYS B 110 -27.77 -40.14 -13.15
C CYS B 110 -28.16 -40.43 -11.71
N GLY B 111 -27.19 -40.87 -10.91
CA GLY B 111 -27.42 -41.11 -9.51
C GLY B 111 -27.84 -39.83 -8.81
N LEU B 112 -28.76 -39.94 -7.85
CA LEU B 112 -29.26 -38.75 -7.19
C LEU B 112 -28.22 -38.18 -6.24
N MET B 113 -27.58 -39.05 -5.46
CA MET B 113 -26.58 -38.58 -4.52
C MET B 113 -25.28 -38.19 -5.25
N LYS B 114 -25.06 -38.75 -6.44
CA LYS B 114 -23.87 -38.38 -7.21
C LYS B 114 -23.92 -36.91 -7.61
N LYS B 115 -24.99 -36.49 -8.29
CA LYS B 115 -25.08 -35.11 -8.73
C LYS B 115 -25.18 -34.17 -7.55
N ALA B 116 -25.71 -34.66 -6.41
CA ALA B 116 -25.65 -33.88 -5.19
C ALA B 116 -24.22 -33.68 -4.72
N ALA B 117 -23.40 -34.73 -4.76
CA ALA B 117 -22.01 -34.58 -4.36
C ALA B 117 -21.29 -33.59 -5.25
N LEU B 118 -21.58 -33.62 -6.55
CA LEU B 118 -20.95 -32.67 -7.46
C LEU B 118 -21.34 -31.24 -7.11
N TYR B 119 -22.63 -31.00 -6.90
CA TYR B 119 -23.06 -29.66 -6.47
C TYR B 119 -22.36 -29.27 -5.17
N PHE B 120 -22.34 -30.20 -4.20
CA PHE B 120 -21.74 -29.90 -2.91
C PHE B 120 -20.23 -29.76 -3.00
N SER B 121 -19.63 -30.25 -4.08
CA SER B 121 -18.18 -30.12 -4.24
C SER B 121 -17.78 -28.79 -4.85
N ASP B 122 -18.73 -28.05 -5.41
CA ASP B 122 -18.39 -26.80 -6.09
C ASP B 122 -18.35 -25.63 -5.13
N PHE B 123 -17.16 -25.02 -5.04
CA PHE B 123 -16.95 -23.85 -4.20
C PHE B 123 -18.06 -22.83 -4.40
N TRP B 124 -18.37 -22.51 -5.66
CA TRP B 124 -19.39 -21.52 -5.92
C TRP B 124 -20.75 -21.98 -5.43
N ASN B 125 -21.12 -23.24 -5.69
CA ASN B 125 -22.37 -23.72 -5.14
C ASN B 125 -22.31 -23.72 -3.61
N LYS B 126 -21.14 -24.00 -3.05
CA LYS B 126 -21.01 -23.99 -1.59
C LYS B 126 -21.34 -22.61 -1.03
N LEU B 127 -20.85 -21.55 -1.66
CA LEU B 127 -21.14 -20.22 -1.16
C LEU B 127 -22.60 -19.87 -1.34
N ASP B 128 -23.20 -20.36 -2.41
CA ASP B 128 -24.61 -20.08 -2.66
C ASP B 128 -25.49 -20.68 -1.57
N VAL B 129 -25.23 -21.94 -1.22
CA VAL B 129 -26.05 -22.55 -0.19
C VAL B 129 -25.74 -21.97 1.18
N GLY B 130 -24.50 -21.50 1.40
CA GLY B 130 -24.21 -20.74 2.60
C GLY B 130 -25.16 -19.58 2.78
N ALA B 131 -25.33 -18.78 1.73
CA ALA B 131 -26.28 -17.67 1.80
C ALA B 131 -27.70 -18.16 2.05
N ILE B 132 -28.09 -19.27 1.41
CA ILE B 132 -29.45 -19.74 1.60
C ILE B 132 -29.70 -20.11 3.05
N LEU B 133 -28.76 -20.84 3.65
CA LEU B 133 -28.92 -21.23 5.05
C LEU B 133 -28.93 -20.02 5.97
N LEU B 134 -28.05 -19.05 5.69
CA LEU B 134 -28.00 -17.85 6.52
C LEU B 134 -29.27 -17.03 6.41
N PHE B 135 -29.76 -16.82 5.18
CA PHE B 135 -31.00 -16.09 5.01
C PHE B 135 -32.15 -16.73 5.79
N VAL B 136 -32.37 -18.03 5.59
CA VAL B 136 -33.56 -18.62 6.14
C VAL B 136 -33.51 -18.60 7.66
N ALA B 137 -32.31 -18.57 8.24
CA ALA B 137 -32.20 -18.34 9.67
C ALA B 137 -32.55 -16.89 10.01
N GLY B 138 -32.01 -15.95 9.25
CA GLY B 138 -32.29 -14.54 9.51
C GLY B 138 -33.75 -14.19 9.38
N LEU B 139 -34.48 -14.89 8.50
CA LEU B 139 -35.89 -14.60 8.30
C LEU B 139 -36.65 -14.74 9.62
N THR B 140 -36.55 -15.89 10.27
CA THR B 140 -37.26 -16.07 11.52
C THR B 140 -36.67 -15.24 12.63
N CYS B 141 -35.36 -14.98 12.61
CA CYS B 141 -34.80 -14.07 13.60
C CYS B 141 -35.45 -12.70 13.53
N ARG B 142 -35.65 -12.18 12.33
CA ARG B 142 -36.39 -10.93 12.20
C ARG B 142 -37.82 -11.11 12.65
N LEU B 143 -38.45 -12.23 12.28
CA LEU B 143 -39.85 -12.44 12.62
C LEU B 143 -40.09 -12.41 14.11
N ILE B 144 -39.14 -12.90 14.91
CA ILE B 144 -39.27 -12.82 16.35
C ILE B 144 -39.07 -11.38 16.79
N PRO B 145 -40.04 -10.77 17.47
CA PRO B 145 -39.92 -9.36 17.85
C PRO B 145 -38.88 -9.10 18.91
N ALA B 146 -38.51 -10.12 19.70
CA ALA B 146 -37.49 -9.97 20.72
C ALA B 146 -36.08 -9.96 20.17
N THR B 147 -35.90 -10.30 18.89
CA THR B 147 -34.56 -10.35 18.31
C THR B 147 -34.50 -9.54 17.03
N LEU B 148 -35.26 -8.44 16.99
CA LEU B 148 -35.27 -7.62 15.79
C LEU B 148 -33.88 -7.12 15.46
N TYR B 149 -33.16 -6.60 16.45
CA TYR B 149 -31.82 -6.08 16.19
C TYR B 149 -30.88 -7.17 15.69
N PRO B 150 -30.70 -8.30 16.38
CA PRO B 150 -30.07 -9.44 15.71
C PRO B 150 -30.63 -9.71 14.32
N GLY B 151 -31.93 -9.54 14.12
CA GLY B 151 -32.48 -9.74 12.78
C GLY B 151 -31.80 -8.84 11.77
N ARG B 152 -31.48 -7.62 12.19
CA ARG B 152 -30.75 -6.69 11.34
C ARG B 152 -29.35 -7.20 11.03
N VAL B 153 -28.65 -7.76 12.04
CA VAL B 153 -27.27 -8.13 11.80
C VAL B 153 -27.20 -9.33 10.86
N ILE B 154 -28.12 -10.27 10.98
CA ILE B 154 -28.05 -11.45 10.13
C ILE B 154 -28.41 -11.10 8.70
N LEU B 155 -29.46 -10.29 8.53
CA LEU B 155 -29.83 -9.90 7.18
C LEU B 155 -28.75 -9.08 6.52
N SER B 156 -28.03 -8.28 7.31
CA SER B 156 -26.92 -7.53 6.75
C SER B 156 -25.80 -8.45 6.30
N LEU B 157 -25.54 -9.51 7.07
CA LEU B 157 -24.55 -10.49 6.63
C LEU B 157 -25.01 -11.20 5.36
N ASP B 158 -26.29 -11.53 5.28
CA ASP B 158 -26.82 -12.14 4.08
C ASP B 158 -26.55 -11.28 2.87
N PHE B 159 -26.86 -9.99 2.98
CA PHE B 159 -26.60 -9.06 1.88
C PHE B 159 -25.16 -9.18 1.41
N ILE B 160 -24.21 -9.22 2.33
CA ILE B 160 -22.82 -9.27 1.93
C ILE B 160 -22.52 -10.55 1.16
N LEU B 161 -23.08 -11.67 1.62
CA LEU B 161 -22.85 -12.92 0.92
C LEU B 161 -23.39 -12.87 -0.50
N PHE B 162 -24.49 -12.17 -0.71
CA PHE B 162 -24.99 -12.04 -2.06
C PHE B 162 -24.12 -11.12 -2.90
N CYS B 163 -23.68 -10.00 -2.34
CA CYS B 163 -22.96 -9.06 -3.18
C CYS B 163 -21.60 -9.58 -3.58
N LEU B 164 -20.95 -10.39 -2.75
CA LEU B 164 -19.66 -10.93 -3.17
C LEU B 164 -19.82 -12.00 -4.23
N ARG B 165 -21.04 -12.45 -4.46
CA ARG B 165 -21.32 -13.48 -5.45
C ARG B 165 -21.12 -12.96 -6.87
N LEU B 166 -21.06 -11.64 -7.06
CA LEU B 166 -20.97 -11.10 -8.40
C LEU B 166 -19.65 -11.35 -9.08
N MET B 167 -18.66 -11.92 -8.39
CA MET B 167 -17.43 -12.27 -9.09
C MET B 167 -17.70 -13.25 -10.21
N HIS B 168 -18.86 -13.93 -10.18
CA HIS B 168 -19.28 -14.84 -11.22
C HIS B 168 -19.39 -14.20 -12.59
N ILE B 169 -19.54 -12.88 -12.65
CA ILE B 169 -19.70 -12.23 -13.93
C ILE B 169 -18.55 -12.61 -14.84
N PHE B 170 -17.34 -12.49 -14.33
CA PHE B 170 -16.15 -12.56 -15.15
C PHE B 170 -15.69 -13.99 -15.40
N THR B 171 -16.42 -14.98 -14.90
CA THR B 171 -16.05 -16.35 -15.18
C THR B 171 -16.22 -16.64 -16.66
N ILE B 172 -17.13 -15.93 -17.32
CA ILE B 172 -17.27 -16.06 -18.75
C ILE B 172 -16.48 -15.01 -19.51
N SER B 173 -15.66 -14.23 -18.83
CA SER B 173 -14.94 -13.17 -19.49
C SER B 173 -13.94 -13.73 -20.50
N LYS B 174 -13.51 -12.86 -21.40
CA LYS B 174 -12.43 -13.26 -22.28
C LYS B 174 -11.13 -13.32 -21.50
N THR B 175 -10.90 -12.35 -20.62
CA THR B 175 -9.57 -12.08 -20.11
C THR B 175 -9.49 -12.08 -18.59
N LEU B 176 -10.60 -12.29 -17.90
CA LEU B 176 -10.56 -12.26 -16.44
C LEU B 176 -10.77 -13.62 -15.83
N GLY B 177 -11.55 -14.47 -16.46
CA GLY B 177 -11.84 -15.79 -15.96
C GLY B 177 -10.62 -16.53 -15.48
N PRO B 178 -9.59 -16.62 -16.32
CA PRO B 178 -8.40 -17.36 -15.91
C PRO B 178 -7.83 -16.87 -14.59
N LYS B 179 -8.02 -15.59 -14.29
CA LYS B 179 -7.46 -15.02 -13.08
C LYS B 179 -8.33 -15.35 -11.89
N ILE B 180 -9.62 -15.52 -12.13
CA ILE B 180 -10.49 -16.05 -11.09
C ILE B 180 -10.06 -17.45 -10.72
N ILE B 181 -9.63 -18.23 -11.71
CA ILE B 181 -9.15 -19.57 -11.41
C ILE B 181 -7.98 -19.49 -10.46
N ILE B 182 -7.13 -18.49 -10.68
CA ILE B 182 -5.92 -18.40 -9.89
C ILE B 182 -6.27 -18.08 -8.45
N VAL B 183 -7.16 -17.12 -8.25
CA VAL B 183 -7.48 -16.73 -6.88
C VAL B 183 -8.27 -17.83 -6.20
N LYS B 184 -8.94 -18.68 -6.99
CA LYS B 184 -9.52 -19.87 -6.41
C LYS B 184 -8.45 -20.78 -5.85
N ARG B 185 -7.28 -20.77 -6.46
CA ARG B 185 -6.17 -21.48 -5.86
C ARG B 185 -5.68 -20.78 -4.62
N MET B 186 -5.69 -19.45 -4.64
CA MET B 186 -5.13 -18.70 -3.53
C MET B 186 -6.03 -18.74 -2.30
N MET B 187 -7.33 -18.94 -2.51
CA MET B 187 -8.29 -18.83 -1.41
C MET B 187 -7.80 -19.61 -0.19
N LYS B 188 -7.20 -20.77 -0.42
CA LYS B 188 -6.78 -21.63 0.68
C LYS B 188 -5.81 -20.92 1.62
N ASP B 189 -4.73 -20.36 1.08
CA ASP B 189 -3.66 -19.88 1.95
C ASP B 189 -3.83 -18.44 2.37
N VAL B 190 -4.60 -17.65 1.63
CA VAL B 190 -4.88 -16.29 2.07
C VAL B 190 -5.80 -16.32 3.29
N PHE B 191 -6.63 -17.36 3.37
CA PHE B 191 -7.40 -17.58 4.59
C PHE B 191 -6.47 -17.82 5.77
N PHE B 192 -5.55 -18.76 5.63
CA PHE B 192 -4.67 -19.06 6.74
C PHE B 192 -3.81 -17.87 7.13
N PHE B 193 -3.31 -17.11 6.15
CA PHE B 193 -2.60 -15.89 6.50
C PHE B 193 -3.51 -14.93 7.25
N LEU B 194 -4.75 -14.78 6.79
CA LEU B 194 -5.70 -13.92 7.46
C LEU B 194 -5.72 -14.16 8.95
N PHE B 195 -5.68 -15.43 9.33
CA PHE B 195 -5.67 -15.78 10.74
C PHE B 195 -4.51 -15.14 11.49
N LEU B 196 -3.29 -15.35 10.99
CA LEU B 196 -2.11 -14.98 11.76
C LEU B 196 -1.97 -13.46 11.85
N LEU B 197 -2.43 -12.74 10.82
CA LEU B 197 -2.36 -11.29 10.92
C LEU B 197 -3.40 -10.78 11.89
N ALA B 198 -4.52 -11.50 12.01
CA ALA B 198 -5.53 -11.08 12.97
C ALA B 198 -5.01 -11.16 14.38
N VAL B 199 -4.48 -12.32 14.77
CA VAL B 199 -3.96 -12.45 16.12
C VAL B 199 -2.74 -11.57 16.30
N TRP B 200 -2.02 -11.32 15.21
CA TRP B 200 -0.88 -10.44 15.27
C TRP B 200 -1.28 -9.05 15.76
N VAL B 201 -2.20 -8.41 15.04
CA VAL B 201 -2.47 -7.01 15.31
C VAL B 201 -3.16 -6.85 16.66
N VAL B 202 -4.01 -7.80 17.05
CA VAL B 202 -4.71 -7.63 18.32
C VAL B 202 -3.74 -7.82 19.47
N SER B 203 -2.68 -8.58 19.27
CA SER B 203 -1.66 -8.68 20.30
C SER B 203 -0.97 -7.34 20.48
N PHE B 204 -0.79 -6.61 19.38
CA PHE B 204 -0.24 -5.27 19.49
C PHE B 204 -1.24 -4.31 20.12
N GLY B 205 -2.51 -4.43 19.75
CA GLY B 205 -3.52 -3.55 20.32
C GLY B 205 -3.60 -3.69 21.82
N VAL B 206 -3.72 -4.93 22.32
CA VAL B 206 -3.84 -5.10 23.75
C VAL B 206 -2.55 -4.70 24.45
N ALA B 207 -1.41 -4.87 23.79
CA ALA B 207 -0.16 -4.42 24.39
C ALA B 207 -0.21 -2.93 24.63
N LYS B 208 -0.55 -2.15 23.60
CA LYS B 208 -0.71 -0.71 23.76
C LYS B 208 -1.70 -0.38 24.86
N GLN B 209 -2.90 -0.98 24.80
CA GLN B 209 -3.96 -0.65 25.75
C GLN B 209 -3.60 -1.08 27.16
N ALA B 210 -2.64 -1.99 27.30
CA ALA B 210 -2.24 -2.41 28.64
C ALA B 210 -1.27 -1.41 29.26
N ILE B 211 -0.27 -0.97 28.50
CA ILE B 211 0.82 -0.27 29.14
C ILE B 211 0.51 1.21 29.32
N LEU B 212 -0.14 1.86 28.37
CA LEU B 212 -0.27 3.30 28.38
C LEU B 212 -1.45 3.78 29.20
N ILE B 213 -2.02 2.89 30.02
CA ILE B 213 -3.13 3.24 30.91
C ILE B 213 -3.16 2.23 32.04
N HIS B 214 -3.72 2.64 33.17
CA HIS B 214 -3.99 1.71 34.24
C HIS B 214 -5.16 0.80 33.83
N ASN B 215 -5.49 -0.13 34.73
CA ASN B 215 -6.61 -1.03 34.49
C ASN B 215 -7.90 -0.27 34.21
N GLU B 216 -8.59 -0.66 33.14
CA GLU B 216 -9.90 -0.13 32.80
C GLU B 216 -10.97 -0.99 33.47
N ARG B 217 -12.01 -0.33 34.00
CA ARG B 217 -13.05 -1.04 34.74
C ARG B 217 -13.87 -1.93 33.81
N ARG B 218 -14.02 -1.54 32.55
CA ARG B 218 -14.80 -2.28 31.58
C ARG B 218 -13.98 -2.48 30.32
N VAL B 219 -13.95 -3.71 29.83
CA VAL B 219 -13.47 -3.95 28.47
C VAL B 219 -14.49 -3.45 27.46
N ASP B 220 -15.74 -3.25 27.91
CA ASP B 220 -16.79 -2.83 26.99
C ASP B 220 -16.39 -1.56 26.24
N TRP B 221 -16.01 -0.51 26.96
CA TRP B 221 -15.68 0.75 26.32
C TRP B 221 -14.28 0.68 25.70
N LEU B 222 -13.42 -0.17 26.25
CA LEU B 222 -12.10 -0.37 25.67
C LEU B 222 -12.20 -0.72 24.19
N PHE B 223 -12.95 -1.78 23.87
CA PHE B 223 -12.98 -2.27 22.49
C PHE B 223 -13.73 -1.30 21.59
N ARG B 224 -14.69 -0.57 22.14
CA ARG B 224 -15.35 0.50 21.38
C ARG B 224 -14.33 1.49 20.85
N GLY B 225 -13.31 1.80 21.66
CA GLY B 225 -12.23 2.63 21.19
C GLY B 225 -11.11 1.83 20.56
N ALA B 226 -10.70 0.76 21.22
CA ALA B 226 -9.50 0.04 20.82
C ALA B 226 -9.70 -0.66 19.48
N VAL B 227 -10.87 -1.25 19.25
CA VAL B 227 -11.08 -2.02 18.03
C VAL B 227 -11.40 -1.08 16.87
N TYR B 228 -12.09 0.03 17.15
CA TYR B 228 -12.21 1.09 16.16
C TYR B 228 -10.83 1.64 15.77
N HIS B 229 -9.99 1.91 16.76
CA HIS B 229 -8.64 2.37 16.46
C HIS B 229 -7.84 1.28 15.75
N SER B 230 -8.04 0.03 16.15
CA SER B 230 -7.46 -1.09 15.42
C SER B 230 -7.88 -1.07 13.97
N TYR B 231 -9.18 -0.97 13.72
CA TYR B 231 -9.67 -0.83 12.36
C TYR B 231 -8.88 0.23 11.60
N LEU B 232 -8.69 1.39 12.23
CA LEU B 232 -8.00 2.49 11.56
C LEU B 232 -6.52 2.16 11.32
N THR B 233 -5.85 1.59 12.33
CA THR B 233 -4.41 1.39 12.23
C THR B 233 -4.06 -0.01 11.75
N ILE B 234 -5.06 -0.76 11.28
CA ILE B 234 -4.81 -1.93 10.45
C ILE B 234 -3.72 -1.69 9.42
N PHE B 235 -3.58 -0.42 9.00
CA PHE B 235 -2.58 -0.05 8.02
C PHE B 235 -1.59 0.94 8.62
N GLY B 236 -1.35 0.81 9.92
CA GLY B 236 -0.42 1.69 10.62
C GLY B 236 -0.87 3.14 10.53
N GLN B 237 -1.77 3.54 11.44
CA GLN B 237 -2.28 4.90 11.46
C GLN B 237 -2.29 5.49 12.87
N ILE B 238 -3.23 5.02 13.68
CA ILE B 238 -3.36 5.48 15.05
C ILE B 238 -3.06 4.37 16.04
N PRO B 239 -2.09 4.62 16.92
CA PRO B 239 -1.71 3.63 17.93
C PRO B 239 -2.94 3.11 18.67
N GLY B 240 -3.69 4.02 19.27
CA GLY B 240 -4.89 3.66 20.01
C GLY B 240 -5.36 4.77 20.92
N TYR B 241 -4.55 5.83 21.01
CA TYR B 241 -4.88 6.97 21.86
C TYR B 241 -4.91 8.24 21.01
N ILE B 242 -6.03 8.50 20.36
CA ILE B 242 -6.19 9.68 19.52
C ILE B 242 -5.97 10.96 20.31
N ASP B 243 -6.18 10.89 21.63
CA ASP B 243 -6.01 12.04 22.50
C ASP B 243 -4.53 12.27 22.82
N GLY B 244 -3.67 11.48 22.20
CA GLY B 244 -2.23 11.60 22.41
C GLY B 244 -1.69 10.33 23.06
N VAL B 245 -0.47 9.81 22.57
CA VAL B 245 -0.03 8.49 23.04
C VAL B 245 0.40 8.53 24.50
N ASN B 246 1.24 9.50 24.84
CA ASN B 246 1.73 9.64 26.20
C ASN B 246 0.97 10.73 26.94
N PHE B 247 0.35 10.37 28.05
CA PHE B 247 -0.42 11.32 28.85
C PHE B 247 0.52 12.24 29.61
N ASN B 248 1.80 11.90 29.62
CA ASN B 248 2.80 12.70 30.31
C ASN B 248 4.21 12.30 29.90
N PRO B 249 4.74 12.97 28.88
CA PRO B 249 6.08 12.68 28.39
C PRO B 249 7.13 13.22 29.36
N GLU B 250 8.33 12.67 29.30
CA GLU B 250 9.42 13.09 30.17
C GLU B 250 10.76 12.53 29.69
N HIS B 251 11.84 13.18 30.10
CA HIS B 251 13.18 12.75 29.72
C HIS B 251 13.40 12.86 28.22
N CYS B 252 14.67 12.93 27.82
CA CYS B 252 15.01 13.04 26.40
C CYS B 252 16.38 12.42 26.17
N SER B 253 16.66 12.06 24.92
CA SER B 253 17.93 11.46 24.55
C SER B 253 19.06 12.11 25.35
N PRO B 254 20.12 11.35 25.60
CA PRO B 254 21.26 11.86 26.34
C PRO B 254 21.75 13.19 25.79
N ASN B 255 21.23 14.28 26.36
CA ASN B 255 21.61 15.62 25.92
C ASN B 255 21.19 16.65 26.96
N GLY B 256 21.48 17.91 26.68
CA GLY B 256 21.12 19.00 27.58
C GLY B 256 22.30 19.34 28.49
N THR B 257 23.22 18.39 28.62
CA THR B 257 24.40 18.58 29.46
C THR B 257 25.55 19.17 28.64
N ASP B 258 25.28 19.43 27.37
CA ASP B 258 26.29 20.00 26.48
C ASP B 258 26.89 21.24 27.13
N PRO B 259 28.16 21.15 27.48
CA PRO B 259 28.86 22.27 28.11
C PRO B 259 28.76 23.52 27.26
N TYR B 260 28.55 23.34 25.96
CA TYR B 260 28.42 24.46 25.04
C TYR B 260 27.02 25.07 25.09
N LYS B 261 26.01 24.23 24.87
CA LYS B 261 24.63 24.68 24.89
C LYS B 261 23.65 23.52 24.94
N PRO B 262 22.83 23.47 25.98
CA PRO B 262 21.84 22.41 26.14
C PRO B 262 21.02 22.23 24.87
N LYS B 263 20.47 21.03 24.67
CA LYS B 263 19.66 20.74 23.50
C LYS B 263 18.32 20.13 23.90
N CYS B 264 18.32 19.33 24.95
CA CYS B 264 17.11 18.68 25.44
C CYS B 264 17.33 18.06 26.80
N PRO B 265 16.23 17.72 27.48
CA PRO B 265 16.30 17.10 28.80
C PRO B 265 17.13 15.83 28.78
N GLU B 266 17.32 15.24 29.96
CA GLU B 266 18.09 14.01 30.07
C GLU B 266 18.06 13.50 31.51
N SER B 267 17.19 12.54 31.78
CA SER B 267 17.07 11.97 33.11
C SER B 267 16.42 10.59 33.08
N ASP B 268 16.75 9.77 34.07
CA ASP B 268 16.19 8.42 34.16
C ASP B 268 14.72 8.45 34.54
N ALA B 269 13.85 8.63 33.55
CA ALA B 269 12.42 8.68 33.78
C ALA B 269 11.77 7.31 33.58
N THR B 270 12.65 6.42 33.62
CA THR B 270 12.50 5.22 32.81
C THR B 270 12.50 3.98 33.70
N GLN B 271 13.64 3.69 34.31
CA GLN B 271 13.77 2.54 35.19
C GLN B 271 13.59 2.97 36.64
N GLN B 272 14.26 4.06 37.02
CA GLN B 272 14.15 4.59 38.38
C GLN B 272 12.79 5.16 38.66
N ARG B 273 12.14 5.69 37.62
CA ARG B 273 10.80 6.26 37.76
C ARG B 273 9.79 5.50 36.91
N PRO B 274 8.51 5.69 37.21
CA PRO B 274 7.45 5.02 36.47
C PRO B 274 7.72 5.11 34.97
N ALA B 275 7.87 4.00 34.30
CA ALA B 275 8.03 3.82 32.86
C ALA B 275 6.85 4.40 32.09
N PHE B 276 6.79 5.72 32.00
CA PHE B 276 5.71 6.39 31.30
C PHE B 276 6.18 7.69 30.63
N PRO B 277 7.48 7.79 30.42
CA PRO B 277 8.07 8.97 29.79
C PRO B 277 8.00 8.83 28.27
N GLU B 278 8.43 9.86 27.57
CA GLU B 278 8.43 9.86 26.11
C GLU B 278 9.32 8.74 25.57
N TRP B 279 10.33 8.36 26.35
CA TRP B 279 11.23 7.30 25.93
C TRP B 279 10.48 6.00 25.72
N LEU B 280 9.61 5.63 26.66
CA LEU B 280 8.77 4.46 26.48
C LEU B 280 7.87 4.62 25.26
N THR B 281 7.34 5.82 25.06
CA THR B 281 6.49 6.08 23.90
C THR B 281 7.26 5.83 22.60
N VAL B 282 8.50 6.32 22.52
CA VAL B 282 9.33 6.08 21.34
C VAL B 282 9.54 4.58 21.15
N LEU B 283 9.90 3.87 22.23
CA LEU B 283 10.13 2.44 22.13
C LEU B 283 8.90 1.69 21.64
N LEU B 284 7.74 1.96 22.24
CA LEU B 284 6.55 1.21 21.88
C LEU B 284 6.10 1.52 20.47
N LEU B 285 6.05 2.81 20.11
CA LEU B 285 5.53 3.18 18.81
C LEU B 285 6.43 2.70 17.69
N CYS B 286 7.76 2.77 17.89
CA CYS B 286 8.65 2.25 16.86
C CYS B 286 8.56 0.74 16.78
N LEU B 287 8.32 0.06 17.90
CA LEU B 287 8.17 -1.39 17.87
C LEU B 287 7.03 -1.82 16.95
N TYR B 288 5.86 -1.22 17.15
CA TYR B 288 4.76 -1.43 16.22
C TYR B 288 5.22 -1.30 14.79
N LEU B 289 5.93 -0.21 14.48
CA LEU B 289 6.35 0.01 13.10
C LEU B 289 7.45 -0.95 12.69
N LEU B 290 8.23 -1.46 13.64
CA LEU B 290 9.32 -2.37 13.30
C LEU B 290 8.81 -3.58 12.54
N PHE B 291 7.56 -3.96 12.78
CA PHE B 291 7.14 -5.24 12.24
C PHE B 291 5.89 -5.13 11.39
N THR B 292 4.95 -4.27 11.79
CA THR B 292 3.60 -4.30 11.23
C THR B 292 3.60 -4.04 9.72
N ASN B 293 4.14 -2.91 9.30
CA ASN B 293 4.03 -2.54 7.90
C ASN B 293 5.12 -3.18 7.03
N ILE B 294 5.87 -4.15 7.56
CA ILE B 294 6.96 -4.74 6.78
C ILE B 294 6.94 -6.26 6.72
N LEU B 295 6.90 -6.93 7.89
CA LEU B 295 7.07 -8.37 7.93
C LEU B 295 5.99 -9.06 7.13
N LEU B 296 4.75 -8.65 7.34
CA LEU B 296 3.63 -9.36 6.76
C LEU B 296 3.45 -9.01 5.29
N LEU B 297 3.94 -7.84 4.88
CA LEU B 297 3.79 -7.41 3.49
C LEU B 297 4.75 -8.17 2.59
N ASN B 298 6.04 -8.16 2.92
CA ASN B 298 7.00 -8.89 2.11
C ASN B 298 6.70 -10.38 2.12
N LEU B 299 6.12 -10.87 3.21
CA LEU B 299 5.74 -12.27 3.27
C LEU B 299 4.71 -12.61 2.21
N LEU B 300 3.61 -11.84 2.17
CA LEU B 300 2.53 -12.13 1.24
C LEU B 300 3.00 -12.10 -0.20
N ILE B 301 3.69 -11.02 -0.56
CA ILE B 301 4.06 -10.83 -1.96
C ILE B 301 5.07 -11.89 -2.37
N ALA B 302 5.82 -12.41 -1.39
CA ALA B 302 6.64 -13.59 -1.66
C ALA B 302 5.78 -14.81 -1.93
N MET B 303 4.74 -15.01 -1.11
CA MET B 303 3.84 -16.13 -1.34
C MET B 303 3.23 -16.09 -2.73
N PHE B 304 2.82 -14.91 -3.17
CA PHE B 304 2.12 -14.80 -4.43
C PHE B 304 3.08 -14.92 -5.59
N ASN B 305 4.26 -14.29 -5.48
CA ASN B 305 5.28 -14.46 -6.50
C ASN B 305 5.64 -15.92 -6.67
N TYR B 306 5.61 -16.68 -5.58
CA TYR B 306 5.88 -18.10 -5.67
C TYR B 306 4.74 -18.84 -6.35
N THR B 307 3.55 -18.76 -5.79
CA THR B 307 2.46 -19.61 -6.23
C THR B 307 2.01 -19.26 -7.63
N PHE B 308 2.02 -17.97 -7.97
CA PHE B 308 1.63 -17.57 -9.32
C PHE B 308 2.40 -18.35 -10.37
N GLN B 309 3.71 -18.47 -10.20
CA GLN B 309 4.54 -19.09 -11.23
C GLN B 309 4.32 -20.59 -11.27
N GLN B 310 3.57 -21.13 -10.30
CA GLN B 310 3.29 -22.55 -10.31
C GLN B 310 2.04 -22.88 -11.11
N VAL B 311 1.20 -21.87 -11.40
CA VAL B 311 -0.07 -22.12 -12.08
C VAL B 311 -0.23 -21.31 -13.36
N GLN B 312 0.80 -20.56 -13.76
CA GLN B 312 0.64 -19.52 -14.77
C GLN B 312 0.21 -20.05 -16.14
N GLU B 313 0.55 -21.29 -16.48
CA GLU B 313 0.36 -21.68 -17.87
C GLU B 313 -0.89 -22.55 -18.07
N HIS B 314 -1.03 -23.61 -17.29
CA HIS B 314 -2.10 -24.57 -17.56
C HIS B 314 -3.43 -23.97 -17.15
N THR B 315 -3.39 -22.88 -16.38
CA THR B 315 -4.63 -22.18 -16.03
C THR B 315 -5.40 -21.79 -17.27
N ASP B 316 -4.71 -21.58 -18.38
CA ASP B 316 -5.38 -21.15 -19.59
C ASP B 316 -6.32 -22.21 -20.10
N GLN B 317 -5.80 -23.40 -20.38
CA GLN B 317 -6.62 -24.43 -20.97
C GLN B 317 -7.69 -24.90 -20.02
N ILE B 318 -7.44 -24.79 -18.71
CA ILE B 318 -8.46 -25.18 -17.77
C ILE B 318 -9.68 -24.30 -17.91
N TRP B 319 -9.45 -23.00 -18.04
CA TRP B 319 -10.58 -22.11 -18.27
C TRP B 319 -11.31 -22.49 -19.54
N LYS B 320 -10.56 -22.75 -20.61
CA LYS B 320 -11.21 -23.10 -21.87
C LYS B 320 -12.04 -24.34 -21.73
N PHE B 321 -11.55 -25.30 -20.94
CA PHE B 321 -12.30 -26.51 -20.73
C PHE B 321 -13.58 -26.23 -19.98
N GLN B 322 -13.48 -25.44 -18.92
CA GLN B 322 -14.63 -25.10 -18.11
C GLN B 322 -15.70 -24.36 -18.89
N ARG B 323 -15.31 -23.68 -19.95
CA ARG B 323 -16.25 -22.86 -20.67
C ARG B 323 -17.50 -23.64 -21.08
N HIS B 324 -17.36 -24.92 -21.35
CA HIS B 324 -18.45 -25.65 -21.98
C HIS B 324 -19.72 -25.59 -21.15
N ASP B 325 -19.67 -26.12 -19.93
CA ASP B 325 -20.91 -26.44 -19.21
C ASP B 325 -21.74 -25.20 -18.97
N LEU B 326 -21.09 -24.06 -18.75
CA LEU B 326 -21.84 -22.83 -18.64
C LEU B 326 -22.60 -22.53 -19.91
N ILE B 327 -21.96 -22.72 -21.06
CA ILE B 327 -22.65 -22.45 -22.32
C ILE B 327 -23.81 -23.38 -22.50
N GLU B 328 -23.63 -24.66 -22.16
CA GLU B 328 -24.72 -25.60 -22.27
C GLU B 328 -25.88 -25.22 -21.38
N GLU B 329 -25.56 -24.75 -20.17
CA GLU B 329 -26.61 -24.41 -19.22
C GLU B 329 -27.53 -23.33 -19.79
N TYR B 330 -26.98 -22.17 -20.12
CA TYR B 330 -27.83 -21.08 -20.57
C TYR B 330 -28.40 -21.32 -21.95
N HIS B 331 -27.77 -22.18 -22.75
CA HIS B 331 -28.45 -22.60 -23.97
C HIS B 331 -29.78 -23.25 -23.65
N GLY B 332 -29.79 -24.19 -22.70
CA GLY B 332 -31.02 -24.90 -22.42
C GLY B 332 -31.92 -24.24 -21.41
N ARG B 333 -31.44 -23.23 -20.73
CA ARG B 333 -32.22 -22.58 -19.69
C ARG B 333 -33.43 -21.88 -20.29
N PRO B 334 -34.60 -22.01 -19.68
CA PRO B 334 -35.79 -21.27 -20.16
C PRO B 334 -35.53 -19.78 -20.24
N ALA B 335 -36.06 -19.16 -21.28
CA ALA B 335 -35.83 -17.75 -21.56
C ALA B 335 -36.74 -16.83 -20.77
N ALA B 336 -36.53 -16.69 -19.46
CA ALA B 336 -37.26 -15.72 -18.67
C ALA B 336 -36.47 -15.33 -17.42
N PRO B 337 -36.37 -14.04 -17.13
CA PRO B 337 -35.68 -13.61 -15.93
C PRO B 337 -36.52 -13.89 -14.70
N PRO B 338 -35.90 -13.93 -13.52
CA PRO B 338 -36.60 -14.39 -12.30
C PRO B 338 -37.94 -13.70 -12.05
N PRO B 339 -38.06 -12.37 -12.22
CA PRO B 339 -39.37 -11.77 -12.00
C PRO B 339 -40.44 -12.42 -12.84
N PHE B 340 -40.14 -12.68 -14.10
CA PHE B 340 -41.10 -13.27 -15.01
C PHE B 340 -40.85 -14.76 -15.24
N ILE B 341 -39.89 -15.35 -14.53
CA ILE B 341 -39.67 -16.78 -14.66
C ILE B 341 -40.76 -17.60 -14.01
N LEU B 342 -41.60 -16.98 -13.17
CA LEU B 342 -42.57 -17.74 -12.42
C LEU B 342 -43.52 -18.51 -13.34
N LEU B 343 -43.97 -17.88 -14.42
CA LEU B 343 -44.90 -18.55 -15.33
C LEU B 343 -44.25 -19.76 -15.99
N SER B 344 -42.93 -19.71 -16.15
CA SER B 344 -42.22 -20.85 -16.73
C SER B 344 -41.98 -21.93 -15.70
N HIS B 345 -41.84 -21.54 -14.43
CA HIS B 345 -41.83 -22.52 -13.36
C HIS B 345 -43.19 -23.20 -13.23
N LEU B 346 -44.27 -22.45 -13.44
CA LEU B 346 -45.58 -23.08 -13.52
C LEU B 346 -45.64 -24.08 -14.65
N GLN B 347 -45.12 -23.74 -15.84
CA GLN B 347 -45.14 -24.70 -16.95
C GLN B 347 -44.36 -25.95 -16.58
N LEU B 348 -43.23 -25.78 -15.89
CA LEU B 348 -42.47 -26.95 -15.47
C LEU B 348 -43.27 -27.79 -14.49
N PHE B 349 -43.94 -27.16 -13.53
CA PHE B 349 -44.75 -27.95 -12.62
C PHE B 349 -45.88 -28.63 -13.36
N ILE B 350 -46.43 -28.00 -14.40
CA ILE B 350 -47.45 -28.64 -15.22
C ILE B 350 -46.91 -29.95 -15.80
N LYS B 351 -45.67 -29.91 -16.30
CA LYS B 351 -45.04 -31.14 -16.77
C LYS B 351 -44.76 -32.09 -15.61
N ARG B 352 -44.43 -31.55 -14.44
CA ARG B 352 -44.20 -32.38 -13.26
C ARG B 352 -45.47 -33.10 -12.83
N VAL B 353 -46.63 -32.45 -12.97
CA VAL B 353 -47.87 -33.11 -12.59
C VAL B 353 -48.28 -34.13 -13.63
N VAL B 354 -48.13 -33.82 -14.92
CA VAL B 354 -48.47 -34.74 -15.98
C VAL B 354 -47.27 -34.99 -16.89
N GLY C 1 17.35 16.54 -36.65
CA GLY C 1 17.32 17.74 -37.45
C GLY C 1 18.69 18.16 -37.91
N GLN C 2 18.90 19.47 -38.02
CA GLN C 2 20.18 20.00 -38.47
C GLN C 2 21.29 19.82 -37.44
N LEU C 3 20.98 19.99 -36.17
CA LEU C 3 22.02 20.03 -35.16
C LEU C 3 22.49 18.63 -34.79
N SER C 4 23.65 18.57 -34.15
CA SER C 4 24.25 17.30 -33.79
C SER C 4 23.38 16.56 -32.78
N VAL C 5 23.41 15.23 -32.91
CA VAL C 5 22.49 14.36 -32.17
C VAL C 5 23.08 13.88 -30.85
N ASP C 6 24.23 14.38 -30.45
CA ASP C 6 24.92 13.90 -29.27
C ASP C 6 25.05 14.96 -28.20
N ASN C 7 24.25 16.02 -28.28
CA ASN C 7 24.33 17.13 -27.35
C ASN C 7 23.51 16.93 -26.08
N GLY C 8 22.91 15.77 -25.89
CA GLY C 8 22.06 15.55 -24.75
C GLY C 8 20.72 16.24 -24.93
N LEU C 9 20.09 16.52 -23.79
CA LEU C 9 18.79 17.17 -23.85
C LEU C 9 18.72 18.43 -22.99
N TRP C 10 19.44 18.44 -21.87
CA TRP C 10 19.37 19.62 -21.00
C TRP C 10 19.85 20.85 -21.75
N ARG C 11 20.81 20.66 -22.66
CA ARG C 11 21.35 21.80 -23.39
C ARG C 11 20.30 22.38 -24.32
N VAL C 12 19.38 21.55 -24.80
CA VAL C 12 18.28 22.07 -25.60
C VAL C 12 17.40 22.96 -24.75
N THR C 13 17.09 22.53 -23.53
CA THR C 13 16.20 23.32 -22.68
C THR C 13 16.86 24.60 -22.20
N LEU C 14 18.18 24.57 -22.02
CA LEU C 14 18.88 25.76 -21.57
C LEU C 14 19.09 26.75 -22.71
N CYS C 15 19.57 26.27 -23.85
CA CYS C 15 19.69 27.15 -25.00
C CYS C 15 18.34 27.68 -25.46
N MET C 16 17.27 26.92 -25.24
CA MET C 16 15.94 27.45 -25.53
C MET C 16 15.69 28.72 -24.75
N LEU C 17 16.21 28.80 -23.52
CA LEU C 17 15.86 29.94 -22.67
C LEU C 17 16.56 31.21 -23.12
N ALA C 18 17.88 31.18 -23.28
CA ALA C 18 18.68 32.36 -23.52
C ALA C 18 19.07 32.45 -24.99
N PHE C 19 18.50 33.42 -25.70
CA PHE C 19 18.78 33.56 -27.12
C PHE C 19 20.28 33.57 -27.41
N PRO C 20 21.10 34.42 -26.79
CA PRO C 20 22.53 34.43 -27.11
C PRO C 20 23.26 33.16 -26.70
N LEU C 21 22.67 32.33 -25.84
CA LEU C 21 23.31 31.06 -25.52
C LEU C 21 23.54 30.23 -26.77
N LEU C 22 22.68 30.39 -27.78
CA LEU C 22 22.96 29.84 -29.10
C LEU C 22 24.19 30.50 -29.71
N LEU C 23 24.31 31.82 -29.55
CA LEU C 23 25.46 32.52 -30.12
C LEU C 23 26.76 32.14 -29.44
N THR C 24 26.71 31.66 -28.20
CA THR C 24 27.91 31.25 -27.50
C THR C 24 28.34 29.86 -27.92
N GLY C 25 29.51 29.44 -27.46
CA GLY C 25 30.02 28.11 -27.76
C GLY C 25 29.61 27.07 -26.75
N LEU C 26 28.32 26.99 -26.44
CA LEU C 26 27.79 26.00 -25.51
C LEU C 26 26.75 25.08 -26.13
N ILE C 27 26.73 24.95 -27.45
CA ILE C 27 25.85 24.00 -28.12
C ILE C 27 26.58 23.45 -29.33
N SER C 28 26.27 22.21 -29.69
CA SER C 28 26.99 21.55 -30.77
C SER C 28 26.19 21.57 -32.05
N PHE C 29 26.92 21.53 -33.16
CA PHE C 29 26.33 21.30 -34.47
C PHE C 29 27.13 20.20 -35.16
N ARG C 30 26.63 19.77 -36.30
CA ARG C 30 27.43 18.99 -37.23
C ARG C 30 27.66 19.84 -38.47
N GLU C 31 28.52 19.36 -39.36
CA GLU C 31 28.91 20.11 -40.55
C GLU C 31 29.48 21.47 -40.15
N LYS C 32 30.74 21.42 -39.68
CA LYS C 32 31.40 22.55 -39.05
C LYS C 32 31.49 23.79 -39.93
N ARG C 33 31.14 23.65 -41.22
CA ARG C 33 31.00 24.81 -42.08
C ARG C 33 30.00 25.81 -41.52
N LEU C 34 29.05 25.33 -40.70
CA LEU C 34 28.13 26.24 -40.03
C LEU C 34 28.48 26.39 -38.55
N GLN C 35 29.05 25.35 -37.94
CA GLN C 35 29.44 25.43 -36.54
C GLN C 35 30.55 26.43 -36.33
N ASP C 36 31.58 26.39 -37.18
CA ASP C 36 32.72 27.29 -37.03
C ASP C 36 32.42 28.66 -37.62
N VAL C 37 31.77 28.68 -38.79
CA VAL C 37 31.48 29.94 -39.46
C VAL C 37 30.16 30.46 -38.93
N GLY C 38 30.23 31.36 -37.96
CA GLY C 38 29.04 31.73 -37.21
C GLY C 38 28.18 32.79 -37.85
N THR C 39 27.09 32.38 -38.48
CA THR C 39 26.02 33.31 -38.81
C THR C 39 24.92 33.10 -37.78
N PRO C 40 24.89 33.87 -36.70
CA PRO C 40 23.90 33.61 -35.65
C PRO C 40 22.48 33.56 -36.15
N ALA C 41 22.10 34.41 -37.11
CA ALA C 41 20.72 34.42 -37.57
C ALA C 41 20.33 33.08 -38.17
N ALA C 42 21.17 32.53 -39.04
CA ALA C 42 20.88 31.23 -39.63
C ALA C 42 21.02 30.12 -38.60
N ARG C 43 21.96 30.26 -37.66
CA ARG C 43 22.14 29.22 -36.67
C ARG C 43 20.93 29.09 -35.78
N ALA C 44 20.42 30.21 -35.28
CA ALA C 44 19.19 30.17 -34.48
C ALA C 44 18.01 29.71 -35.32
N ARG C 45 17.93 30.18 -36.57
CA ARG C 45 16.84 29.73 -37.44
C ARG C 45 16.87 28.23 -37.63
N ALA C 46 18.03 27.68 -37.97
CA ALA C 46 18.14 26.24 -38.12
C ALA C 46 17.83 25.53 -36.82
N PHE C 47 18.31 26.06 -35.70
CA PHE C 47 17.93 25.51 -34.41
C PHE C 47 16.41 25.41 -34.28
N PHE C 48 15.69 26.42 -34.75
CA PHE C 48 14.25 26.41 -34.60
C PHE C 48 13.57 25.40 -35.49
N THR C 49 14.27 24.86 -36.48
CA THR C 49 13.65 23.89 -37.37
C THR C 49 13.74 22.47 -36.85
N ALA C 50 14.57 22.22 -35.84
CA ALA C 50 14.70 20.88 -35.33
C ALA C 50 13.40 20.43 -34.69
N PRO C 51 12.82 19.31 -35.12
CA PRO C 51 11.61 18.83 -34.47
C PRO C 51 11.76 18.66 -32.98
N VAL C 52 12.97 18.43 -32.47
CA VAL C 52 13.12 18.30 -31.03
C VAL C 52 12.72 19.61 -30.36
N VAL C 53 13.12 20.73 -30.96
CA VAL C 53 12.79 22.01 -30.38
C VAL C 53 11.31 22.30 -30.52
N VAL C 54 10.76 22.08 -31.73
CA VAL C 54 9.34 22.34 -31.95
C VAL C 54 8.50 21.49 -31.03
N PHE C 55 8.94 20.26 -30.79
CA PHE C 55 8.28 19.45 -29.79
C PHE C 55 8.27 20.14 -28.44
N HIS C 56 9.43 20.64 -27.99
CA HIS C 56 9.47 21.26 -26.68
C HIS C 56 8.66 22.55 -26.62
N LEU C 57 8.59 23.29 -27.72
CA LEU C 57 7.74 24.46 -27.71
C LEU C 57 6.29 24.09 -27.54
N ASN C 58 5.87 23.00 -28.18
CA ASN C 58 4.51 22.54 -27.98
C ASN C 58 4.29 22.13 -26.54
N ILE C 59 5.25 21.43 -25.94
CA ILE C 59 4.97 20.94 -24.61
C ILE C 59 4.94 22.09 -23.62
N LEU C 60 5.69 23.16 -23.88
CA LEU C 60 5.63 24.32 -23.01
C LEU C 60 4.33 25.08 -23.18
N SER C 61 3.93 25.27 -24.44
CA SER C 61 2.64 25.92 -24.71
C SER C 61 1.50 25.15 -24.08
N TYR C 62 1.51 23.83 -24.23
CA TYR C 62 0.47 23.04 -23.61
C TYR C 62 0.49 23.21 -22.11
N PHE C 63 1.67 23.20 -21.52
CA PHE C 63 1.74 23.40 -20.08
C PHE C 63 1.06 24.71 -19.69
N ALA C 64 1.37 25.78 -20.42
CA ALA C 64 0.80 27.08 -20.11
C ALA C 64 -0.71 27.07 -20.25
N PHE C 65 -1.20 26.52 -21.37
CA PHE C 65 -2.63 26.43 -21.57
C PHE C 65 -3.31 25.77 -20.40
N LEU C 66 -2.75 24.66 -19.94
CA LEU C 66 -3.43 23.90 -18.91
C LEU C 66 -3.48 24.66 -17.59
N CYS C 67 -2.35 25.24 -17.18
CA CYS C 67 -2.32 25.87 -15.85
C CYS C 67 -3.01 27.22 -15.86
N LEU C 68 -2.98 27.92 -16.99
CA LEU C 68 -3.73 29.16 -17.08
C LEU C 68 -5.22 28.91 -17.03
N PHE C 69 -5.73 28.01 -17.87
CA PHE C 69 -7.12 27.65 -17.77
C PHE C 69 -7.48 27.27 -16.35
N ALA C 70 -6.63 26.49 -15.69
CA ALA C 70 -6.91 26.11 -14.32
C ALA C 70 -7.12 27.34 -13.44
N TYR C 71 -6.20 28.30 -13.53
CA TYR C 71 -6.34 29.52 -12.75
C TYR C 71 -7.66 30.22 -13.04
N VAL C 72 -8.00 30.33 -14.31
CA VAL C 72 -9.22 31.05 -14.69
C VAL C 72 -10.43 30.38 -14.08
N LEU C 73 -10.50 29.05 -14.20
CA LEU C 73 -11.60 28.35 -13.57
C LEU C 73 -11.48 28.38 -12.06
N MET C 74 -10.26 28.51 -11.53
CA MET C 74 -10.10 28.42 -10.08
C MET C 74 -10.78 29.59 -9.39
N VAL C 75 -10.46 30.81 -9.79
CA VAL C 75 -10.87 31.97 -9.02
C VAL C 75 -11.64 32.95 -9.89
N ASP C 76 -11.24 33.08 -11.16
CA ASP C 76 -11.77 34.10 -12.05
C ASP C 76 -13.05 33.66 -12.74
N PHE C 77 -13.62 32.52 -12.36
CA PHE C 77 -14.89 32.11 -12.91
C PHE C 77 -15.95 33.14 -12.56
N GLN C 78 -16.62 33.68 -13.59
CA GLN C 78 -17.55 34.77 -13.43
C GLN C 78 -18.61 34.67 -14.52
N PRO C 79 -19.88 34.95 -14.23
CA PRO C 79 -20.92 34.81 -15.26
C PRO C 79 -20.62 35.55 -16.55
N VAL C 80 -20.07 36.75 -16.49
CA VAL C 80 -19.85 37.53 -17.71
C VAL C 80 -18.57 37.01 -18.34
N PRO C 81 -18.53 36.82 -19.66
CA PRO C 81 -17.31 36.30 -20.29
C PRO C 81 -16.11 37.17 -19.95
N SER C 82 -15.24 36.66 -19.10
CA SER C 82 -14.03 37.38 -18.75
C SER C 82 -13.06 37.38 -19.92
N TRP C 83 -12.10 38.30 -19.89
CA TRP C 83 -11.09 38.30 -20.93
C TRP C 83 -10.36 36.97 -21.00
N CYS C 84 -10.02 36.39 -19.85
CA CYS C 84 -9.29 35.14 -19.86
C CYS C 84 -10.14 33.98 -20.35
N GLU C 85 -11.44 34.00 -20.08
CA GLU C 85 -12.30 32.94 -20.60
C GLU C 85 -12.29 32.93 -22.13
N CYS C 86 -12.34 34.11 -22.75
CA CYS C 86 -12.23 34.17 -24.19
C CYS C 86 -10.83 33.79 -24.66
N ALA C 87 -9.81 34.06 -23.84
CA ALA C 87 -8.45 33.71 -24.21
C ALA C 87 -8.31 32.20 -24.37
N ILE C 88 -8.84 31.42 -23.44
CA ILE C 88 -8.69 30.00 -23.58
C ILE C 88 -9.66 29.47 -24.64
N TYR C 89 -10.76 30.18 -24.86
CA TYR C 89 -11.65 29.78 -25.94
C TYR C 89 -10.92 29.78 -27.27
N LEU C 90 -10.29 30.90 -27.61
CA LEU C 90 -9.55 30.94 -28.86
C LEU C 90 -8.30 30.08 -28.81
N TRP C 91 -7.70 29.91 -27.62
CA TRP C 91 -6.50 29.09 -27.54
C TRP C 91 -6.81 27.64 -27.83
N LEU C 92 -7.86 27.11 -27.20
CA LEU C 92 -8.32 25.77 -27.52
C LEU C 92 -8.73 25.66 -28.98
N PHE C 93 -9.43 26.66 -29.49
CA PHE C 93 -9.81 26.62 -30.90
C PHE C 93 -8.59 26.42 -31.78
N SER C 94 -7.53 27.21 -31.53
CA SER C 94 -6.34 27.11 -32.36
C SER C 94 -5.72 25.72 -32.25
N LEU C 95 -5.94 25.05 -31.14
CA LEU C 95 -5.33 23.75 -30.93
C LEU C 95 -6.09 22.67 -31.69
N VAL C 96 -7.43 22.66 -31.57
CA VAL C 96 -8.19 21.71 -32.35
C VAL C 96 -8.11 22.02 -33.83
N CYS C 97 -7.87 23.29 -34.19
CA CYS C 97 -7.66 23.63 -35.58
C CYS C 97 -6.50 22.85 -36.17
N GLU C 98 -5.35 22.84 -35.49
CA GLU C 98 -4.21 22.10 -35.98
C GLU C 98 -4.51 20.60 -36.02
N GLU C 99 -5.21 20.11 -35.01
CA GLU C 99 -5.56 18.69 -34.99
C GLU C 99 -6.39 18.32 -36.20
N MET C 100 -7.48 19.03 -36.45
CA MET C 100 -8.30 18.75 -37.62
C MET C 100 -7.50 18.98 -38.89
N ARG C 101 -6.58 19.94 -38.88
CA ARG C 101 -5.76 20.19 -40.06
C ARG C 101 -5.00 18.94 -40.48
N GLN C 102 -4.48 18.18 -39.51
CA GLN C 102 -3.69 17.02 -39.87
C GLN C 102 -4.52 15.88 -40.42
N LEU C 103 -5.83 16.07 -40.55
CA LEU C 103 -6.67 15.06 -41.17
C LEU C 103 -6.76 15.21 -42.67
N PHE C 104 -6.45 16.39 -43.20
CA PHE C 104 -6.63 16.67 -44.62
C PHE C 104 -5.31 16.85 -45.36
N TYR C 105 -4.19 16.53 -44.74
CA TYR C 105 -2.90 16.81 -45.36
C TYR C 105 -2.51 15.76 -46.39
N ASP C 106 -3.20 14.62 -46.40
CA ASP C 106 -2.79 13.44 -47.15
C ASP C 106 -2.35 13.79 -48.56
N PRO C 107 -1.05 13.62 -48.87
CA PRO C 107 -0.59 13.96 -50.22
C PRO C 107 -1.11 13.00 -51.26
N ASP C 108 -1.41 11.76 -50.87
CA ASP C 108 -2.05 10.83 -51.79
C ASP C 108 -3.57 10.97 -51.67
N GLU C 109 -4.29 10.29 -52.56
CA GLU C 109 -5.75 10.36 -52.57
C GLU C 109 -6.28 9.25 -51.68
N CYS C 110 -6.08 9.42 -50.38
CA CYS C 110 -6.60 8.48 -49.40
C CYS C 110 -8.10 8.67 -49.23
N GLY C 111 -8.79 7.57 -48.93
CA GLY C 111 -10.21 7.64 -48.67
C GLY C 111 -10.50 8.53 -47.50
N LEU C 112 -11.60 9.29 -47.58
CA LEU C 112 -11.91 10.23 -46.50
C LEU C 112 -12.41 9.50 -45.27
N MET C 113 -13.30 8.52 -45.45
CA MET C 113 -13.81 7.78 -44.32
C MET C 113 -12.76 6.81 -43.78
N LYS C 114 -11.80 6.40 -44.61
CA LYS C 114 -10.74 5.52 -44.15
C LYS C 114 -9.88 6.19 -43.09
N LYS C 115 -9.33 7.36 -43.41
CA LYS C 115 -8.48 8.05 -42.45
C LYS C 115 -9.27 8.50 -41.23
N ALA C 116 -10.58 8.73 -41.42
CA ALA C 116 -11.43 8.97 -40.27
C ALA C 116 -11.54 7.75 -39.37
N ALA C 117 -11.70 6.55 -39.95
CA ALA C 117 -11.74 5.35 -39.15
C ALA C 117 -10.45 5.14 -38.38
N LEU C 118 -9.32 5.45 -39.02
CA LEU C 118 -8.05 5.30 -38.32
C LEU C 118 -7.95 6.25 -37.14
N TYR C 119 -8.32 7.52 -37.35
CA TYR C 119 -8.35 8.46 -36.21
C TYR C 119 -9.29 7.95 -35.14
N PHE C 120 -10.48 7.51 -35.52
CA PHE C 120 -11.47 7.04 -34.55
C PHE C 120 -11.05 5.75 -33.90
N SER C 121 -10.10 5.02 -34.48
CA SER C 121 -9.63 3.77 -33.90
C SER C 121 -8.54 4.00 -32.86
N ASP C 122 -7.96 5.20 -32.80
CA ASP C 122 -6.86 5.44 -31.90
C ASP C 122 -7.35 5.86 -30.52
N PHE C 123 -6.99 5.05 -29.52
CA PHE C 123 -7.34 5.34 -28.14
C PHE C 123 -7.02 6.78 -27.77
N TRP C 124 -5.81 7.22 -28.11
CA TRP C 124 -5.45 8.59 -27.77
C TRP C 124 -6.31 9.61 -28.48
N ASN C 125 -6.56 9.41 -29.77
CA ASN C 125 -7.47 10.32 -30.44
C ASN C 125 -8.86 10.22 -29.84
N LYS C 126 -9.26 9.02 -29.41
CA LYS C 126 -10.56 8.86 -28.80
C LYS C 126 -10.69 9.72 -27.55
N LEU C 127 -9.66 9.75 -26.71
CA LEU C 127 -9.73 10.56 -25.50
C LEU C 127 -9.73 12.04 -25.84
N ASP C 128 -9.02 12.41 -26.90
CA ASP C 128 -8.96 13.82 -27.30
C ASP C 128 -10.34 14.31 -27.72
N VAL C 129 -11.03 13.53 -28.55
CA VAL C 129 -12.35 13.98 -28.97
C VAL C 129 -13.35 13.90 -27.83
N GLY C 130 -13.15 12.98 -26.89
CA GLY C 130 -13.97 12.99 -25.69
C GLY C 130 -13.91 14.34 -24.99
N ALA C 131 -12.71 14.87 -24.80
CA ALA C 131 -12.60 16.19 -24.19
C ALA C 131 -13.26 17.26 -25.05
N ILE C 132 -13.12 17.17 -26.37
CA ILE C 132 -13.70 18.19 -27.22
C ILE C 132 -15.21 18.20 -27.07
N LEU C 133 -15.83 17.02 -27.09
CA LEU C 133 -17.28 16.97 -26.94
C LEU C 133 -17.72 17.46 -25.58
N LEU C 134 -16.98 17.09 -24.53
CA LEU C 134 -17.34 17.51 -23.19
C LEU C 134 -17.20 19.02 -23.03
N PHE C 135 -16.10 19.60 -23.51
CA PHE C 135 -15.92 21.03 -23.44
C PHE C 135 -17.07 21.76 -24.10
N VAL C 136 -17.37 21.43 -25.36
CA VAL C 136 -18.31 22.23 -26.10
C VAL C 136 -19.70 22.15 -25.48
N ALA C 137 -19.99 21.06 -24.78
CA ALA C 137 -21.20 21.00 -23.98
C ALA C 137 -21.10 21.92 -22.77
N GLY C 138 -19.98 21.87 -22.07
CA GLY C 138 -19.81 22.71 -20.90
C GLY C 138 -19.85 24.19 -21.21
N LEU C 139 -19.41 24.57 -22.41
CA LEU C 139 -19.41 25.98 -22.78
C LEU C 139 -20.81 26.57 -22.68
N THR C 140 -21.77 25.96 -23.37
CA THR C 140 -23.12 26.48 -23.31
C THR C 140 -23.76 26.27 -21.95
N CYS C 141 -23.40 25.19 -21.24
CA CYS C 141 -23.90 25.03 -19.88
C CYS C 141 -23.51 26.21 -19.00
N ARG C 142 -22.26 26.67 -19.11
CA ARG C 142 -21.87 27.87 -18.39
C ARG C 142 -22.61 29.07 -18.91
N LEU C 143 -22.78 29.17 -20.23
CA LEU C 143 -23.42 30.33 -20.82
C LEU C 143 -24.84 30.51 -20.32
N ILE C 144 -25.55 29.42 -20.04
CA ILE C 144 -26.89 29.52 -19.48
C ILE C 144 -26.76 29.94 -18.02
N PRO C 145 -27.38 31.05 -17.63
CA PRO C 145 -27.23 31.54 -16.25
C PRO C 145 -27.92 30.66 -15.23
N ALA C 146 -28.91 29.88 -15.63
CA ALA C 146 -29.62 28.98 -14.73
C ALA C 146 -28.83 27.72 -14.40
N THR C 147 -27.74 27.45 -15.10
CA THR C 147 -26.97 26.25 -14.86
C THR C 147 -25.50 26.59 -14.64
N LEU C 148 -25.24 27.74 -14.03
CA LEU C 148 -23.86 28.15 -13.79
C LEU C 148 -23.12 27.10 -12.97
N TYR C 149 -23.73 26.64 -11.87
CA TYR C 149 -23.05 25.66 -11.05
C TYR C 149 -22.78 24.36 -11.78
N PRO C 150 -23.75 23.70 -12.40
CA PRO C 150 -23.39 22.66 -13.38
C PRO C 150 -22.31 23.09 -14.35
N GLY C 151 -22.32 24.35 -14.78
CA GLY C 151 -21.26 24.81 -15.67
C GLY C 151 -19.90 24.61 -15.04
N ARG C 152 -19.81 24.83 -13.73
CA ARG C 152 -18.58 24.59 -13.01
C ARG C 152 -18.20 23.12 -13.02
N VAL C 153 -19.18 22.22 -12.83
CA VAL C 153 -18.82 20.82 -12.71
C VAL C 153 -18.33 20.27 -14.05
N ILE C 154 -18.94 20.70 -15.15
CA ILE C 154 -18.54 20.17 -16.44
C ILE C 154 -17.17 20.69 -16.83
N LEU C 155 -16.95 21.99 -16.62
CA LEU C 155 -15.65 22.53 -16.95
C LEU C 155 -14.55 21.93 -16.10
N SER C 156 -14.87 21.59 -14.86
CA SER C 156 -13.89 20.93 -14.01
C SER C 156 -13.57 19.53 -14.53
N LEU C 157 -14.59 18.83 -15.03
CA LEU C 157 -14.32 17.53 -15.65
C LEU C 157 -13.47 17.68 -16.89
N ASP C 158 -13.76 18.70 -17.69
CA ASP C 158 -12.95 18.96 -18.87
C ASP C 158 -11.49 19.11 -18.51
N PHE C 159 -11.22 19.95 -17.51
CA PHE C 159 -9.86 20.14 -17.03
C PHE C 159 -9.17 18.81 -16.77
N ILE C 160 -9.87 17.90 -16.09
CA ILE C 160 -9.24 16.63 -15.75
C ILE C 160 -8.90 15.85 -17.01
N LEU C 161 -9.81 15.86 -17.99
CA LEU C 161 -9.54 15.15 -19.23
C LEU C 161 -8.32 15.70 -19.94
N PHE C 162 -8.10 17.00 -19.85
CA PHE C 162 -6.89 17.55 -20.44
C PHE C 162 -5.65 17.19 -19.66
N CYS C 163 -5.71 17.24 -18.33
CA CYS C 163 -4.48 17.02 -17.60
C CYS C 163 -4.02 15.58 -17.66
N LEU C 164 -4.94 14.62 -17.77
CA LEU C 164 -4.49 13.23 -17.90
C LEU C 164 -3.90 12.97 -19.27
N ARG C 165 -4.07 13.89 -20.21
CA ARG C 165 -3.54 13.73 -21.55
C ARG C 165 -2.03 13.82 -21.59
N LEU C 166 -1.40 14.33 -20.54
CA LEU C 166 0.03 14.53 -20.55
C LEU C 166 0.83 13.25 -20.53
N MET C 167 0.19 12.08 -20.36
CA MET C 167 0.96 10.85 -20.46
C MET C 167 1.62 10.71 -21.82
N HIS C 168 1.14 11.47 -22.80
CA HIS C 168 1.71 11.50 -24.13
C HIS C 168 3.16 11.92 -24.16
N ILE C 169 3.63 12.62 -23.13
CA ILE C 169 5.01 13.08 -23.14
C ILE C 169 5.94 11.92 -23.37
N PHE C 170 5.73 10.85 -22.61
CA PHE C 170 6.69 9.77 -22.53
C PHE C 170 6.53 8.76 -23.65
N THR C 171 5.60 8.98 -24.57
CA THR C 171 5.47 8.07 -25.70
C THR C 171 6.71 8.15 -26.57
N ILE C 172 7.38 9.29 -26.58
CA ILE C 172 8.64 9.41 -27.29
C ILE C 172 9.84 9.17 -26.39
N SER C 173 9.62 8.74 -25.16
CA SER C 173 10.74 8.56 -24.25
C SER C 173 11.66 7.46 -24.73
N LYS C 174 12.87 7.47 -24.18
CA LYS C 174 13.75 6.35 -24.43
C LYS C 174 13.27 5.11 -23.69
N THR C 175 12.82 5.29 -22.46
CA THR C 175 12.69 4.19 -21.53
C THR C 175 11.31 4.06 -20.91
N LEU C 176 10.38 4.95 -21.25
CA LEU C 176 9.07 4.89 -20.65
C LEU C 176 7.99 4.46 -21.63
N GLY C 177 8.15 4.84 -22.88
CA GLY C 177 7.20 4.53 -23.92
C GLY C 177 6.73 3.09 -23.89
N PRO C 178 7.67 2.14 -23.90
CA PRO C 178 7.27 0.74 -23.90
C PRO C 178 6.33 0.41 -22.78
N LYS C 179 6.45 1.10 -21.65
CA LYS C 179 5.63 0.79 -20.50
C LYS C 179 4.24 1.40 -20.65
N ILE C 180 4.16 2.51 -21.37
CA ILE C 180 2.87 3.03 -21.76
C ILE C 180 2.13 2.03 -22.62
N ILE C 181 2.86 1.35 -23.50
CA ILE C 181 2.24 0.34 -24.32
C ILE C 181 1.61 -0.72 -23.43
N ILE C 182 2.31 -1.06 -22.37
CA ILE C 182 1.84 -2.13 -21.53
C ILE C 182 0.55 -1.74 -20.85
N VAL C 183 0.52 -0.53 -20.29
CA VAL C 183 -0.67 -0.11 -19.56
C VAL C 183 -1.82 0.10 -20.53
N LYS C 184 -1.51 0.36 -21.80
CA LYS C 184 -2.54 0.38 -22.81
C LYS C 184 -3.17 -0.99 -22.95
N ARG C 185 -2.37 -2.03 -22.73
CA ARG C 185 -2.96 -3.36 -22.67
C ARG C 185 -3.78 -3.55 -21.42
N MET C 186 -3.31 -2.97 -20.31
CA MET C 186 -3.97 -3.19 -19.03
C MET C 186 -5.29 -2.45 -18.95
N MET C 187 -5.41 -1.34 -19.68
CA MET C 187 -6.58 -0.46 -19.55
C MET C 187 -7.87 -1.28 -19.54
N LYS C 188 -7.93 -2.31 -20.37
CA LYS C 188 -9.16 -3.09 -20.51
C LYS C 188 -9.60 -3.70 -19.19
N ASP C 189 -8.71 -4.42 -18.52
CA ASP C 189 -9.15 -5.22 -17.37
C ASP C 189 -9.08 -4.46 -16.07
N VAL C 190 -8.28 -3.40 -15.98
CA VAL C 190 -8.29 -2.58 -14.77
C VAL C 190 -9.60 -1.80 -14.68
N PHE C 191 -10.19 -1.49 -15.84
CA PHE C 191 -11.53 -0.94 -15.85
C PHE C 191 -12.53 -1.92 -15.24
N PHE C 192 -12.52 -3.15 -15.73
CA PHE C 192 -13.48 -4.11 -15.22
C PHE C 192 -13.28 -4.39 -13.75
N PHE C 193 -12.03 -4.48 -13.29
CA PHE C 193 -11.82 -4.62 -11.86
C PHE C 193 -12.36 -3.42 -11.11
N LEU C 194 -12.11 -2.22 -11.64
CA LEU C 194 -12.63 -1.01 -11.02
C LEU C 194 -14.09 -1.15 -10.66
N PHE C 195 -14.85 -1.74 -11.56
CA PHE C 195 -16.27 -1.94 -11.31
C PHE C 195 -16.53 -2.74 -10.05
N LEU C 196 -15.90 -3.91 -9.95
CA LEU C 196 -16.26 -4.85 -8.89
C LEU C 196 -15.81 -4.34 -7.54
N LEU C 197 -14.71 -3.58 -7.49
CA LEU C 197 -14.30 -3.03 -6.21
C LEU C 197 -15.23 -1.90 -5.80
N ALA C 198 -15.79 -1.20 -6.78
CA ALA C 198 -16.73 -0.13 -6.46
C ALA C 198 -17.96 -0.69 -5.77
N VAL C 199 -18.60 -1.67 -6.40
CA VAL C 199 -19.80 -2.24 -5.80
C VAL C 199 -19.44 -2.99 -4.53
N TRP C 200 -18.20 -3.49 -4.45
CA TRP C 200 -17.75 -4.15 -3.25
C TRP C 200 -17.82 -3.22 -2.05
N VAL C 201 -17.12 -2.09 -2.13
CA VAL C 201 -16.95 -1.25 -0.96
C VAL C 201 -18.27 -0.60 -0.57
N VAL C 202 -19.10 -0.27 -1.55
CA VAL C 202 -20.35 0.40 -1.19
C VAL C 202 -21.29 -0.58 -0.53
N SER C 203 -21.16 -1.87 -0.85
CA SER C 203 -21.95 -2.87 -0.14
C SER C 203 -21.54 -2.92 1.31
N PHE C 204 -20.25 -2.74 1.58
CA PHE C 204 -19.80 -2.67 2.96
C PHE C 204 -20.25 -1.38 3.62
N GLY C 205 -20.19 -0.26 2.90
CA GLY C 205 -20.62 1.00 3.47
C GLY C 205 -22.06 0.96 3.89
N VAL C 206 -22.95 0.53 3.00
CA VAL C 206 -24.36 0.52 3.36
C VAL C 206 -24.62 -0.50 4.45
N ALA C 207 -23.85 -1.59 4.49
CA ALA C 207 -24.01 -2.55 5.57
C ALA C 207 -23.74 -1.87 6.92
N LYS C 208 -22.60 -1.20 7.03
CA LYS C 208 -22.30 -0.45 8.24
C LYS C 208 -23.40 0.55 8.57
N GLN C 209 -23.76 1.38 7.59
CA GLN C 209 -24.74 2.45 7.82
C GLN C 209 -26.11 1.89 8.15
N ALA C 210 -26.37 0.64 7.79
CA ALA C 210 -27.66 0.05 8.11
C ALA C 210 -27.73 -0.43 9.55
N ILE C 211 -26.68 -1.11 10.01
CA ILE C 211 -26.82 -1.82 11.28
C ILE C 211 -26.56 -0.92 12.47
N LEU C 212 -25.58 -0.03 12.40
CA LEU C 212 -25.13 0.71 13.56
C LEU C 212 -25.97 1.95 13.84
N ILE C 213 -27.13 2.06 13.19
CA ILE C 213 -28.03 3.18 13.40
C ILE C 213 -29.42 2.75 12.96
N HIS C 214 -30.43 3.39 13.53
CA HIS C 214 -31.79 3.20 13.05
C HIS C 214 -31.95 3.88 11.69
N ASN C 215 -33.15 3.76 11.12
CA ASN C 215 -33.43 4.39 9.84
C ASN C 215 -33.18 5.90 9.89
N GLU C 216 -32.45 6.39 8.89
CA GLU C 216 -32.21 7.82 8.70
C GLU C 216 -33.31 8.39 7.82
N ARG C 217 -33.78 9.59 8.19
CA ARG C 217 -34.90 10.21 7.47
C ARG C 217 -34.50 10.60 6.06
N ARG C 218 -33.24 10.94 5.85
CA ARG C 218 -32.74 11.37 4.55
C ARG C 218 -31.48 10.58 4.22
N VAL C 219 -31.44 10.04 3.00
CA VAL C 219 -30.18 9.56 2.46
C VAL C 219 -29.26 10.72 2.11
N ASP C 220 -29.84 11.92 1.97
CA ASP C 220 -29.06 13.09 1.57
C ASP C 220 -27.87 13.29 2.50
N TRP C 221 -28.12 13.36 3.81
CA TRP C 221 -27.03 13.62 4.75
C TRP C 221 -26.22 12.35 4.99
N LEU C 222 -26.84 11.19 4.82
CA LEU C 222 -26.13 9.93 4.93
C LEU C 222 -24.90 9.92 4.02
N PHE C 223 -25.10 10.17 2.73
CA PHE C 223 -24.00 10.03 1.78
C PHE C 223 -22.99 11.15 1.95
N ARG C 224 -23.43 12.32 2.42
CA ARG C 224 -22.50 13.39 2.77
C ARG C 224 -21.49 12.90 3.79
N GLY C 225 -21.93 12.09 4.76
CA GLY C 225 -21.00 11.48 5.69
C GLY C 225 -20.48 10.14 5.19
N ALA C 226 -21.38 9.29 4.70
CA ALA C 226 -21.02 7.91 4.40
C ALA C 226 -20.05 7.84 3.22
N VAL C 227 -20.27 8.67 2.19
CA VAL C 227 -19.43 8.57 1.00
C VAL C 227 -18.11 9.29 1.21
N TYR C 228 -18.13 10.38 1.99
CA TYR C 228 -16.88 10.96 2.46
C TYR C 228 -16.08 9.97 3.29
N HIS C 229 -16.74 9.29 4.24
CA HIS C 229 -16.05 8.26 5.02
C HIS C 229 -15.60 7.12 4.12
N SER C 230 -16.43 6.75 3.15
CA SER C 230 -16.03 5.77 2.15
C SER C 230 -14.76 6.22 1.45
N TYR C 231 -14.75 7.44 0.94
CA TYR C 231 -13.52 7.98 0.36
C TYR C 231 -12.33 7.76 1.26
N LEU C 232 -12.48 8.05 2.55
CA LEU C 232 -11.36 7.91 3.48
C LEU C 232 -10.97 6.45 3.67
N THR C 233 -11.96 5.56 3.83
CA THR C 233 -11.67 4.18 4.18
C THR C 233 -11.62 3.28 2.96
N ILE C 234 -11.62 3.88 1.76
CA ILE C 234 -11.21 3.18 0.55
C ILE C 234 -9.97 2.34 0.77
N PHE C 235 -9.14 2.76 1.72
CA PHE C 235 -7.90 2.04 2.05
C PHE C 235 -7.94 1.55 3.49
N GLY C 236 -9.14 1.24 3.97
CA GLY C 236 -9.31 0.76 5.34
C GLY C 236 -8.83 1.79 6.35
N GLN C 237 -9.71 2.72 6.69
CA GLN C 237 -9.37 3.77 7.66
C GLN C 237 -10.47 3.98 8.67
N ILE C 238 -11.57 4.61 8.23
CA ILE C 238 -12.70 4.87 9.10
C ILE C 238 -13.93 4.09 8.66
N PRO C 239 -14.47 3.29 9.58
CA PRO C 239 -15.66 2.49 9.29
C PRO C 239 -16.75 3.36 8.67
N GLY C 240 -17.15 4.41 9.37
CA GLY C 240 -18.18 5.31 8.88
C GLY C 240 -18.74 6.19 10.00
N TYR C 241 -18.31 5.90 11.23
CA TYR C 241 -18.78 6.66 12.40
C TYR C 241 -17.57 7.24 13.12
N ILE C 242 -17.10 8.39 12.66
CA ILE C 242 -15.96 9.06 13.27
C ILE C 242 -16.23 9.38 14.73
N ASP C 243 -17.50 9.50 15.09
CA ASP C 243 -17.89 9.81 16.46
C ASP C 243 -17.83 8.56 17.35
N GLY C 244 -17.34 7.46 16.77
CA GLY C 244 -17.23 6.21 17.50
C GLY C 244 -18.15 5.15 16.89
N VAL C 245 -17.65 3.84 16.72
CA VAL C 245 -18.42 2.87 15.97
C VAL C 245 -19.68 2.44 16.72
N ASN C 246 -19.50 2.09 17.99
CA ASN C 246 -20.62 1.67 18.82
C ASN C 246 -21.08 2.80 19.74
N PHE C 247 -22.35 3.17 19.61
CA PHE C 247 -22.92 4.23 20.43
C PHE C 247 -23.14 3.76 21.86
N ASN C 248 -23.01 2.45 22.06
CA ASN C 248 -23.19 1.86 23.38
C ASN C 248 -22.68 0.43 23.42
N PRO C 249 -21.40 0.27 23.79
CA PRO C 249 -20.80 -1.05 23.88
C PRO C 249 -21.31 -1.80 25.10
N GLU C 250 -21.20 -3.12 25.07
CA GLU C 250 -21.66 -3.96 26.18
C GLU C 250 -21.16 -5.39 26.04
N HIS C 251 -21.11 -6.11 27.15
CA HIS C 251 -20.66 -7.49 27.16
C HIS C 251 -19.19 -7.59 26.75
N CYS C 252 -18.55 -8.69 27.14
CA CYS C 252 -17.14 -8.92 26.82
C CYS C 252 -16.87 -10.41 26.73
N SER C 253 -15.78 -10.77 26.06
CA SER C 253 -15.40 -12.16 25.90
C SER C 253 -15.70 -12.93 27.18
N PRO C 254 -15.98 -14.22 27.04
CA PRO C 254 -16.28 -15.06 28.19
C PRO C 254 -15.23 -14.91 29.28
N ASN C 255 -15.49 -14.01 30.22
CA ASN C 255 -14.57 -13.77 31.32
C ASN C 255 -15.26 -12.98 32.42
N GLY C 256 -14.53 -12.69 33.50
CA GLY C 256 -15.06 -11.94 34.62
C GLY C 256 -15.56 -12.90 35.70
N THR C 257 -15.84 -14.13 35.30
CA THR C 257 -16.31 -15.15 36.23
C THR C 257 -15.14 -15.90 36.86
N ASP C 258 -13.93 -15.52 36.47
CA ASP C 258 -12.73 -16.15 37.01
C ASP C 258 -12.80 -16.19 38.52
N PRO C 259 -12.91 -17.39 39.08
CA PRO C 259 -12.98 -17.58 40.51
C PRO C 259 -11.79 -16.91 41.21
N TYR C 260 -10.70 -16.76 40.47
CA TYR C 260 -9.50 -16.14 41.01
C TYR C 260 -9.61 -14.62 41.01
N LYS C 261 -9.88 -14.05 39.84
CA LYS C 261 -10.02 -12.61 39.70
C LYS C 261 -10.63 -12.21 38.36
N PRO C 262 -11.77 -11.53 38.41
CA PRO C 262 -12.45 -11.09 37.20
C PRO C 262 -11.49 -10.38 36.25
N LYS C 263 -11.83 -10.39 34.97
CA LYS C 263 -11.00 -9.74 33.96
C LYS C 263 -11.81 -8.80 33.09
N CYS C 264 -13.06 -9.18 32.82
CA CYS C 264 -13.96 -8.37 32.00
C CYS C 264 -15.39 -8.89 32.08
N PRO C 265 -16.34 -8.05 31.64
CA PRO C 265 -17.74 -8.43 31.66
C PRO C 265 -18.00 -9.72 30.89
N GLU C 266 -19.24 -10.18 30.91
CA GLU C 266 -19.61 -11.41 30.21
C GLU C 266 -21.11 -11.64 30.33
N SER C 267 -21.85 -11.27 29.29
CA SER C 267 -23.29 -11.45 29.28
C SER C 267 -23.86 -11.45 27.86
N ASP C 268 -24.98 -12.13 27.67
CA ASP C 268 -25.62 -12.20 26.36
C ASP C 268 -26.25 -10.86 25.97
N ALA C 269 -25.43 -9.97 25.42
CA ALA C 269 -25.91 -8.66 25.00
C ALA C 269 -26.30 -8.66 23.53
N THR C 270 -26.46 -9.82 23.12
CA THR C 270 -26.14 -10.17 21.74
C THR C 270 -27.38 -10.72 21.04
N GLN C 271 -27.82 -11.90 21.48
CA GLN C 271 -29.00 -12.54 20.89
C GLN C 271 -30.22 -12.24 21.74
N GLN C 272 -30.08 -12.40 23.05
CA GLN C 272 -31.17 -12.13 23.98
C GLN C 272 -31.51 -10.65 24.05
N ARG C 273 -30.50 -9.81 23.85
CA ARG C 273 -30.69 -8.36 23.88
C ARG C 273 -30.35 -7.75 22.53
N PRO C 274 -30.81 -6.52 22.31
CA PRO C 274 -30.56 -5.82 21.06
C PRO C 274 -29.09 -5.97 20.66
N ALA C 275 -28.81 -6.55 19.53
CA ALA C 275 -27.51 -6.73 18.90
C ALA C 275 -26.84 -5.39 18.63
N PHE C 276 -26.33 -4.77 19.68
CA PHE C 276 -25.65 -3.48 19.56
C PHE C 276 -24.52 -3.34 20.57
N PRO C 277 -24.04 -4.47 21.08
CA PRO C 277 -22.95 -4.47 22.06
C PRO C 277 -21.62 -4.42 21.32
N GLU C 278 -20.52 -4.35 22.09
CA GLU C 278 -19.19 -4.31 21.52
C GLU C 278 -18.90 -5.56 20.71
N TRP C 279 -19.55 -6.66 21.08
CA TRP C 279 -19.33 -7.91 20.37
C TRP C 279 -19.73 -7.79 18.90
N LEU C 280 -20.89 -7.18 18.63
CA LEU C 280 -21.26 -6.92 17.26
C LEU C 280 -20.26 -6.00 16.58
N THR C 281 -19.77 -4.99 17.30
CA THR C 281 -18.78 -4.09 16.76
C THR C 281 -17.52 -4.83 16.35
N VAL C 282 -17.04 -5.75 17.20
CA VAL C 282 -15.88 -6.56 16.85
C VAL C 282 -16.17 -7.38 15.60
N LEU C 283 -17.33 -8.04 15.56
CA LEU C 283 -17.67 -8.86 14.40
C LEU C 283 -17.70 -8.05 13.12
N LEU C 284 -18.39 -6.91 13.14
CA LEU C 284 -18.54 -6.13 11.92
C LEU C 284 -17.21 -5.54 11.46
N LEU C 285 -16.46 -4.94 12.38
CA LEU C 285 -15.23 -4.27 12.01
C LEU C 285 -14.19 -5.26 11.51
N CYS C 286 -14.10 -6.44 12.15
CA CYS C 286 -13.15 -7.42 11.66
C CYS C 286 -13.60 -7.99 10.32
N LEU C 287 -14.91 -8.09 10.09
CA LEU C 287 -15.39 -8.58 8.80
C LEU C 287 -14.91 -7.70 7.66
N TYR C 288 -15.11 -6.38 7.79
CA TYR C 288 -14.55 -5.45 6.83
C TYR C 288 -13.09 -5.76 6.57
N LEU C 289 -12.30 -5.94 7.64
CA LEU C 289 -10.88 -6.17 7.46
C LEU C 289 -10.61 -7.56 6.91
N LEU C 290 -11.50 -8.52 7.15
CA LEU C 290 -11.29 -9.88 6.67
C LEU C 290 -11.08 -9.91 5.16
N PHE C 291 -11.67 -8.95 4.47
CA PHE C 291 -11.69 -9.10 3.02
C PHE C 291 -11.10 -7.89 2.30
N THR C 292 -11.36 -6.69 2.82
CA THR C 292 -11.11 -5.46 2.06
C THR C 292 -9.64 -5.30 1.71
N ASN C 293 -8.77 -5.29 2.70
CA ASN C 293 -7.37 -4.99 2.42
C ASN C 293 -6.58 -6.21 1.98
N ILE C 294 -7.24 -7.33 1.64
CA ILE C 294 -6.51 -8.54 1.26
C ILE C 294 -6.98 -9.16 -0.04
N LEU C 295 -8.28 -9.44 -0.17
CA LEU C 295 -8.77 -10.22 -1.30
C LEU C 295 -8.47 -9.50 -2.60
N LEU C 296 -8.76 -8.22 -2.65
CA LEU C 296 -8.68 -7.49 -3.89
C LEU C 296 -7.24 -7.12 -4.22
N LEU C 297 -6.37 -7.06 -3.22
CA LEU C 297 -4.98 -6.70 -3.46
C LEU C 297 -4.21 -7.86 -4.07
N ASN C 298 -4.27 -9.03 -3.44
CA ASN C 298 -3.58 -10.18 -3.99
C ASN C 298 -4.14 -10.55 -5.36
N LEU C 299 -5.43 -10.26 -5.57
CA LEU C 299 -6.03 -10.52 -6.88
C LEU C 299 -5.35 -9.69 -7.96
N LEU C 300 -5.27 -8.38 -7.75
CA LEU C 300 -4.72 -7.49 -8.77
C LEU C 300 -3.28 -7.85 -9.10
N ILE C 301 -2.45 -7.99 -8.08
CA ILE C 301 -1.03 -8.21 -8.32
C ILE C 301 -0.82 -9.56 -8.98
N ALA C 302 -1.75 -10.50 -8.76
CA ALA C 302 -1.74 -11.73 -9.53
C ALA C 302 -2.07 -11.46 -10.99
N MET C 303 -3.09 -10.64 -11.25
CA MET C 303 -3.44 -10.28 -12.62
C MET C 303 -2.25 -9.68 -13.34
N PHE C 304 -1.53 -8.78 -12.68
CA PHE C 304 -0.44 -8.07 -13.34
C PHE C 304 0.77 -8.95 -13.53
N ASN C 305 1.09 -9.75 -12.50
CA ASN C 305 2.17 -10.71 -12.63
C ASN C 305 1.92 -11.65 -13.80
N TYR C 306 0.65 -11.98 -14.03
CA TYR C 306 0.30 -12.83 -15.16
C TYR C 306 0.47 -12.10 -16.48
N THR C 307 -0.25 -11.00 -16.64
CA THR C 307 -0.35 -10.35 -17.95
C THR C 307 0.99 -9.75 -18.36
N PHE C 308 1.73 -9.21 -17.40
CA PHE C 308 3.03 -8.64 -17.73
C PHE C 308 3.89 -9.63 -18.50
N GLN C 309 3.94 -10.87 -18.02
CA GLN C 309 4.84 -11.84 -18.63
C GLN C 309 4.34 -12.29 -20.00
N GLN C 310 3.13 -11.87 -20.36
CA GLN C 310 2.60 -12.23 -21.67
C GLN C 310 3.00 -11.20 -22.73
N VAL C 311 3.44 -10.02 -22.31
CA VAL C 311 3.73 -8.94 -23.26
C VAL C 311 5.16 -8.41 -23.14
N GLN C 312 5.98 -9.01 -22.27
CA GLN C 312 7.24 -8.40 -21.84
C GLN C 312 8.23 -8.18 -22.97
N GLU C 313 8.20 -9.01 -24.02
CA GLU C 313 9.30 -8.95 -24.96
C GLU C 313 8.97 -8.18 -26.24
N HIS C 314 7.87 -8.54 -26.89
CA HIS C 314 7.59 -7.97 -28.20
C HIS C 314 7.16 -6.52 -28.05
N THR C 315 6.82 -6.12 -26.82
CA THR C 315 6.49 -4.72 -26.57
C THR C 315 7.63 -3.80 -27.02
N ASP C 316 8.85 -4.31 -27.00
CA ASP C 316 9.98 -3.48 -27.36
C ASP C 316 9.92 -3.05 -28.81
N GLN C 317 9.88 -4.03 -29.71
CA GLN C 317 9.92 -3.71 -31.13
C GLN C 317 8.68 -2.96 -31.56
N ILE C 318 7.56 -3.19 -30.87
CA ILE C 318 6.35 -2.47 -31.23
C ILE C 318 6.56 -0.99 -31.00
N TRP C 319 7.15 -0.64 -29.86
CA TRP C 319 7.44 0.77 -29.65
C TRP C 319 8.35 1.32 -30.73
N LYS C 320 9.39 0.56 -31.07
CA LYS C 320 10.32 1.04 -32.09
C LYS C 320 9.61 1.26 -33.41
N PHE C 321 8.67 0.40 -33.72
CA PHE C 321 7.93 0.54 -34.95
C PHE C 321 7.07 1.80 -34.90
N GLN C 322 6.38 2.00 -33.79
CA GLN C 322 5.53 3.17 -33.63
C GLN C 322 6.29 4.47 -33.72
N ARG C 323 7.57 4.44 -33.41
CA ARG C 323 8.33 5.68 -33.35
C ARG C 323 8.21 6.47 -34.64
N HIS C 324 8.05 5.81 -35.78
CA HIS C 324 8.18 6.52 -37.04
C HIS C 324 7.19 7.66 -37.16
N ASP C 325 5.90 7.35 -37.11
CA ASP C 325 4.90 8.30 -37.58
C ASP C 325 4.92 9.57 -36.76
N LEU C 326 5.23 9.47 -35.48
CA LEU C 326 5.39 10.67 -34.68
C LEU C 326 6.53 11.52 -35.22
N ILE C 327 7.65 10.90 -35.57
CA ILE C 327 8.77 11.68 -36.08
C ILE C 327 8.39 12.34 -37.38
N GLU C 328 7.70 11.62 -38.25
CA GLU C 328 7.27 12.21 -39.51
C GLU C 328 6.35 13.39 -39.28
N GLU C 329 5.45 13.27 -38.31
CA GLU C 329 4.50 14.33 -38.05
C GLU C 329 5.19 15.63 -37.72
N TYR C 330 6.00 15.65 -36.66
CA TYR C 330 6.61 16.89 -36.24
C TYR C 330 7.70 17.34 -37.18
N HIS C 331 8.27 16.44 -37.97
CA HIS C 331 9.12 16.92 -39.06
C HIS C 331 8.35 17.83 -39.98
N GLY C 332 7.17 17.42 -40.42
CA GLY C 332 6.45 18.22 -41.38
C GLY C 332 5.56 19.27 -40.77
N ARG C 333 5.36 19.25 -39.48
CA ARG C 333 4.47 20.20 -38.84
C ARG C 333 5.03 21.61 -38.93
N PRO C 334 4.19 22.60 -39.26
CA PRO C 334 4.65 23.99 -39.27
C PRO C 334 5.27 24.39 -37.95
N ALA C 335 6.34 25.17 -38.03
CA ALA C 335 7.11 25.58 -36.86
C ALA C 335 6.53 26.77 -36.13
N ALA C 336 5.40 26.59 -35.44
CA ALA C 336 4.84 27.64 -34.59
C ALA C 336 3.99 27.05 -33.49
N PRO C 337 4.17 27.50 -32.26
CA PRO C 337 3.33 27.02 -31.16
C PRO C 337 1.94 27.61 -31.24
N PRO C 338 0.96 26.99 -30.59
CA PRO C 338 -0.46 27.39 -30.77
C PRO C 338 -0.71 28.88 -30.61
N PRO C 339 -0.13 29.56 -29.61
CA PRO C 339 -0.38 31.01 -29.52
C PRO C 339 -0.04 31.72 -30.80
N PHE C 340 1.10 31.38 -31.38
CA PHE C 340 1.56 32.02 -32.60
C PHE C 340 1.32 31.17 -33.84
N ILE C 341 0.64 30.04 -33.70
CA ILE C 341 0.34 29.22 -34.87
C ILE C 341 -0.75 29.84 -35.73
N LEU C 342 -1.47 30.84 -35.20
CA LEU C 342 -2.61 31.37 -35.92
C LEU C 342 -2.20 31.93 -37.28
N LEU C 343 -1.07 32.64 -37.34
CA LEU C 343 -0.64 33.23 -38.60
C LEU C 343 -0.30 32.15 -39.62
N SER C 344 0.10 30.98 -39.15
CA SER C 344 0.40 29.88 -40.05
C SER C 344 -0.87 29.16 -40.47
N HIS C 345 -1.88 29.17 -39.61
CA HIS C 345 -3.20 28.70 -40.03
C HIS C 345 -3.80 29.64 -41.06
N LEU C 346 -3.56 30.94 -40.92
CA LEU C 346 -3.95 31.86 -41.98
C LEU C 346 -3.25 31.53 -43.28
N GLN C 347 -1.94 31.25 -43.26
CA GLN C 347 -1.25 30.89 -44.49
C GLN C 347 -1.85 29.64 -45.10
N LEU C 348 -2.21 28.67 -44.27
CA LEU C 348 -2.85 27.48 -44.79
C LEU C 348 -4.19 27.80 -45.43
N PHE C 349 -4.99 28.65 -44.79
CA PHE C 349 -6.25 29.02 -45.41
C PHE C 349 -6.02 29.77 -46.71
N ILE C 350 -4.95 30.57 -46.78
CA ILE C 350 -4.60 31.25 -48.02
C ILE C 350 -4.40 30.22 -49.13
N LYS C 351 -3.68 29.13 -48.82
CA LYS C 351 -3.55 28.05 -49.80
C LYS C 351 -4.88 27.37 -50.05
N ARG C 352 -5.71 27.24 -49.02
CA ARG C 352 -7.03 26.65 -49.18
C ARG C 352 -7.92 27.48 -50.10
N VAL C 353 -7.79 28.80 -50.04
CA VAL C 353 -8.59 29.64 -50.92
C VAL C 353 -8.05 29.61 -52.35
N VAL C 354 -6.73 29.64 -52.52
CA VAL C 354 -6.13 29.60 -53.84
C VAL C 354 -5.15 28.43 -53.94
N GLY D 1 42.67 -7.44 6.46
CA GLY D 1 43.80 -6.88 7.16
C GLY D 1 44.63 -7.93 7.86
N GLN D 2 45.21 -7.55 9.00
CA GLN D 2 46.05 -8.48 9.76
C GLN D 2 45.25 -9.59 10.42
N LEU D 3 44.07 -9.28 10.93
CA LEU D 3 43.35 -10.23 11.75
C LEU D 3 42.63 -11.26 10.89
N SER D 4 42.24 -12.35 11.53
CA SER D 4 41.60 -13.46 10.84
C SER D 4 40.26 -13.01 10.25
N VAL D 5 39.93 -13.61 9.11
CA VAL D 5 38.79 -13.17 8.32
C VAL D 5 37.52 -13.94 8.63
N ASP D 6 37.54 -14.79 9.66
CA ASP D 6 36.41 -15.66 9.97
C ASP D 6 35.82 -15.37 11.32
N ASN D 7 36.09 -14.18 11.87
CA ASN D 7 35.62 -13.82 13.19
C ASN D 7 34.23 -13.20 13.20
N GLY D 8 33.55 -13.16 12.07
CA GLY D 8 32.26 -12.52 12.00
C GLY D 8 32.39 -11.02 12.01
N LEU D 9 31.31 -10.35 12.42
CA LEU D 9 31.35 -8.89 12.46
C LEU D 9 30.96 -8.33 13.82
N TRP D 10 30.06 -9.01 14.53
CA TRP D 10 29.65 -8.47 15.82
C TRP D 10 30.83 -8.37 16.75
N ARG D 11 31.80 -9.28 16.62
CA ARG D 11 32.96 -9.26 17.50
C ARG D 11 33.82 -8.04 17.24
N VAL D 12 33.80 -7.54 16.00
CA VAL D 12 34.49 -6.30 15.71
C VAL D 12 33.85 -5.15 16.45
N THR D 13 32.51 -5.09 16.44
CA THR D 13 31.82 -3.99 17.08
C THR D 13 31.94 -4.05 18.60
N LEU D 14 32.02 -5.25 19.15
CA LEU D 14 32.13 -5.40 20.60
C LEU D 14 33.55 -5.13 21.07
N CYS D 15 34.53 -5.74 20.41
CA CYS D 15 35.91 -5.43 20.75
C CYS D 15 36.24 -3.98 20.50
N MET D 16 35.58 -3.33 19.54
CA MET D 16 35.79 -1.90 19.37
C MET D 16 35.44 -1.16 20.64
N LEU D 17 34.44 -1.63 21.38
CA LEU D 17 33.96 -0.86 22.52
C LEU D 17 34.95 -0.94 23.70
N ALA D 18 35.32 -2.14 24.10
CA ALA D 18 36.09 -2.35 25.32
C ALA D 18 37.55 -2.62 24.97
N PHE D 19 38.43 -1.66 25.30
CA PHE D 19 39.84 -1.82 24.97
C PHE D 19 40.40 -3.16 25.44
N PRO D 20 40.26 -3.57 26.71
CA PRO D 20 40.83 -4.84 27.15
C PRO D 20 40.18 -6.05 26.52
N LEU D 21 38.99 -5.90 25.92
CA LEU D 21 38.39 -7.02 25.22
C LEU D 21 39.31 -7.55 24.13
N LEU D 22 40.13 -6.67 23.55
CA LEU D 22 41.22 -7.13 22.69
C LEU D 22 42.23 -7.92 23.48
N LEU D 23 42.55 -7.49 24.69
CA LEU D 23 43.53 -8.20 25.49
C LEU D 23 43.03 -9.56 25.94
N THR D 24 41.72 -9.76 25.99
CA THR D 24 41.16 -11.04 26.38
C THR D 24 41.17 -12.01 25.21
N GLY D 25 40.83 -13.27 25.48
CA GLY D 25 40.76 -14.28 24.44
C GLY D 25 39.39 -14.39 23.79
N LEU D 26 38.84 -13.26 23.35
CA LEU D 26 37.55 -13.24 22.68
C LEU D 26 37.62 -12.67 21.27
N ILE D 27 38.79 -12.65 20.64
CA ILE D 27 38.91 -12.24 19.25
C ILE D 27 39.99 -13.10 18.60
N SER D 28 39.84 -13.33 17.30
CA SER D 28 40.76 -14.23 16.61
C SER D 28 41.79 -13.45 15.82
N PHE D 29 42.94 -14.09 15.64
CA PHE D 29 43.97 -13.62 14.73
C PHE D 29 44.38 -14.78 13.85
N ARG D 30 45.20 -14.48 12.85
CA ARG D 30 45.95 -15.50 12.14
C ARG D 30 47.42 -15.30 12.47
N GLU D 31 48.25 -16.26 12.05
CA GLU D 31 49.67 -16.25 12.38
C GLU D 31 49.86 -16.21 13.89
N LYS D 32 49.66 -17.38 14.51
CA LYS D 32 49.57 -17.51 15.96
C LYS D 32 50.83 -17.04 16.69
N ARG D 33 51.89 -16.74 15.94
CA ARG D 33 53.05 -16.09 16.54
C ARG D 33 52.68 -14.78 17.22
N LEU D 34 51.58 -14.15 16.77
CA LEU D 34 51.09 -12.96 17.44
C LEU D 34 49.84 -13.26 18.26
N GLN D 35 49.04 -14.23 17.83
CA GLN D 35 47.84 -14.59 18.59
C GLN D 35 48.21 -15.19 19.94
N ASP D 36 49.17 -16.11 19.97
CA ASP D 36 49.54 -16.76 21.22
C ASP D 36 50.49 -15.89 22.03
N VAL D 37 51.45 -15.25 21.35
CA VAL D 37 52.44 -14.43 22.04
C VAL D 37 51.88 -13.03 22.17
N GLY D 38 51.29 -12.75 23.33
CA GLY D 38 50.50 -11.55 23.48
C GLY D 38 51.28 -10.28 23.80
N THR D 39 51.52 -9.45 22.80
CA THR D 39 51.93 -8.08 23.05
C THR D 39 50.70 -7.21 22.84
N PRO D 40 49.95 -6.89 23.89
CA PRO D 40 48.71 -6.14 23.70
C PRO D 40 48.88 -4.86 22.92
N ALA D 41 49.98 -4.13 23.13
CA ALA D 41 50.14 -2.86 22.43
C ALA D 41 50.17 -3.06 20.93
N ALA D 42 50.95 -4.02 20.45
CA ALA D 42 51.01 -4.29 19.02
C ALA D 42 49.71 -4.91 18.54
N ARG D 43 49.08 -5.74 19.37
CA ARG D 43 47.85 -6.39 18.94
C ARG D 43 46.74 -5.37 18.72
N ALA D 44 46.57 -4.45 19.66
CA ALA D 44 45.58 -3.39 19.47
C ALA D 44 45.97 -2.49 18.31
N ARG D 45 47.26 -2.17 18.18
CA ARG D 45 47.70 -1.34 17.07
C ARG D 45 47.38 -2.01 15.74
N ALA D 46 47.74 -3.28 15.58
CA ALA D 46 47.42 -3.99 14.36
C ALA D 46 45.93 -4.05 14.14
N PHE D 47 45.16 -4.29 15.20
CA PHE D 47 43.71 -4.22 15.08
C PHE D 47 43.28 -2.90 14.47
N PHE D 48 43.91 -1.81 14.86
CA PHE D 48 43.49 -0.51 14.38
C PHE D 48 43.84 -0.29 12.92
N THR D 49 44.71 -1.12 12.35
CA THR D 49 45.08 -0.94 10.96
C THR D 49 44.15 -1.66 9.99
N ALA D 50 43.29 -2.53 10.49
CA ALA D 50 42.40 -3.25 9.60
C ALA D 50 41.40 -2.28 8.98
N PRO D 51 41.32 -2.21 7.66
CA PRO D 51 40.32 -1.35 7.03
C PRO D 51 38.92 -1.61 7.52
N VAL D 52 38.60 -2.82 7.99
CA VAL D 52 37.26 -3.05 8.50
C VAL D 52 37.01 -2.17 9.69
N VAL D 53 38.01 -2.03 10.55
CA VAL D 53 37.83 -1.20 11.72
C VAL D 53 37.79 0.27 11.35
N VAL D 54 38.71 0.71 10.50
CA VAL D 54 38.74 2.11 10.10
C VAL D 54 37.44 2.48 9.41
N PHE D 55 36.89 1.55 8.64
CA PHE D 55 35.57 1.77 8.09
C PHE D 55 34.56 2.02 9.18
N HIS D 56 34.54 1.18 10.21
CA HIS D 56 33.53 1.36 11.26
C HIS D 56 33.77 2.64 12.05
N LEU D 57 35.02 3.05 12.22
CA LEU D 57 35.24 4.32 12.90
C LEU D 57 34.67 5.46 12.09
N ASN D 58 34.81 5.40 10.77
CA ASN D 58 34.22 6.43 9.94
C ASN D 58 32.71 6.41 10.07
N ILE D 59 32.11 5.23 10.07
CA ILE D 59 30.66 5.22 10.06
C ILE D 59 30.14 5.72 11.40
N LEU D 60 30.88 5.48 12.49
CA LEU D 60 30.44 6.01 13.77
C LEU D 60 30.62 7.51 13.86
N SER D 61 31.75 8.01 13.37
CA SER D 61 31.97 9.45 13.34
C SER D 61 30.92 10.13 12.48
N TYR D 62 30.61 9.57 11.32
CA TYR D 62 29.58 10.16 10.49
C TYR D 62 28.25 10.16 11.22
N PHE D 63 27.93 9.06 11.89
CA PHE D 63 26.69 9.04 12.64
C PHE D 63 26.64 10.19 13.63
N ALA D 64 27.73 10.40 14.36
CA ALA D 64 27.76 11.46 15.36
C ALA D 64 27.62 12.82 14.73
N PHE D 65 28.36 13.07 13.65
CA PHE D 65 28.24 14.34 12.94
C PHE D 65 26.81 14.63 12.59
N LEU D 66 26.13 13.64 12.04
CA LEU D 66 24.79 13.89 11.54
C LEU D 66 23.82 14.22 12.67
N CYS D 67 23.84 13.43 13.75
CA CYS D 67 22.84 13.62 14.78
C CYS D 67 23.17 14.83 15.65
N LEU D 68 24.45 15.14 15.82
CA LEU D 68 24.80 16.34 16.54
C LEU D 68 24.39 17.59 15.79
N PHE D 69 24.76 17.68 14.52
CA PHE D 69 24.29 18.79 13.72
C PHE D 69 22.77 18.90 13.81
N ALA D 70 22.06 17.78 13.73
CA ALA D 70 20.62 17.83 13.83
C ALA D 70 20.19 18.51 15.12
N TYR D 71 20.76 18.10 16.24
CA TYR D 71 20.43 18.71 17.52
C TYR D 71 20.68 20.21 17.49
N VAL D 72 21.83 20.62 16.97
CA VAL D 72 22.18 22.03 16.97
C VAL D 72 21.16 22.82 16.17
N LEU D 73 20.81 22.32 14.98
CA LEU D 73 19.79 23.00 14.21
C LEU D 73 18.43 22.85 14.86
N MET D 74 18.22 21.79 15.64
CA MET D 74 16.88 21.55 16.19
C MET D 74 16.49 22.64 17.17
N VAL D 75 17.34 22.89 18.17
CA VAL D 75 16.94 23.72 19.29
C VAL D 75 17.92 24.87 19.49
N ASP D 76 19.21 24.60 19.25
CA ASP D 76 20.27 25.55 19.56
C ASP D 76 20.52 26.54 18.45
N PHE D 77 19.69 26.56 17.42
CA PHE D 77 19.81 27.56 16.38
C PHE D 77 19.62 28.94 16.97
N GLN D 78 20.62 29.80 16.77
CA GLN D 78 20.67 31.11 17.40
C GLN D 78 21.44 32.05 16.50
N PRO D 79 21.02 33.32 16.36
CA PRO D 79 21.72 34.23 15.45
C PRO D 79 23.22 34.32 15.70
N VAL D 80 23.68 34.33 16.94
CA VAL D 80 25.10 34.50 17.20
C VAL D 80 25.76 33.14 17.01
N PRO D 81 26.92 33.07 16.36
CA PRO D 81 27.56 31.76 16.14
C PRO D 81 27.78 31.04 17.46
N SER D 82 26.97 30.01 17.69
CA SER D 82 27.12 29.21 18.90
C SER D 82 28.39 28.37 18.80
N TRP D 83 28.85 27.90 19.96
CA TRP D 83 30.01 27.01 19.96
C TRP D 83 29.77 25.80 19.08
N CYS D 84 28.57 25.20 19.16
CA CYS D 84 28.30 24.00 18.39
C CYS D 84 28.22 24.29 16.91
N GLU D 85 27.72 25.47 16.53
CA GLU D 85 27.68 25.82 15.11
C GLU D 85 29.08 25.85 14.52
N CYS D 86 30.04 26.42 15.26
CA CYS D 86 31.42 26.40 14.79
C CYS D 86 31.98 24.98 14.83
N ALA D 87 31.51 24.16 15.76
CA ALA D 87 32.00 22.78 15.83
C ALA D 87 31.68 22.02 14.57
N ILE D 88 30.45 22.14 14.07
CA ILE D 88 30.13 21.39 12.86
C ILE D 88 30.74 22.08 11.65
N TYR D 89 30.99 23.38 11.74
CA TYR D 89 31.66 24.07 10.65
C TYR D 89 33.04 23.45 10.41
N LEU D 90 33.84 23.36 11.47
CA LEU D 90 35.15 22.75 11.32
C LEU D 90 35.06 21.25 11.08
N TRP D 91 34.03 20.60 11.62
CA TRP D 91 33.90 19.16 11.43
C TRP D 91 33.62 18.84 9.97
N LEU D 92 32.67 19.53 9.37
CA LEU D 92 32.43 19.40 7.94
C LEU D 92 33.65 19.77 7.13
N PHE D 93 34.33 20.85 7.51
CA PHE D 93 35.54 21.21 6.79
C PHE D 93 36.52 20.06 6.76
N SER D 94 36.76 19.43 7.91
CA SER D 94 37.72 18.34 7.97
C SER D 94 37.28 17.18 7.08
N LEU D 95 35.97 17.06 6.86
CA LEU D 95 35.47 15.95 6.07
C LEU D 95 35.67 16.21 4.58
N VAL D 96 35.30 17.40 4.12
CA VAL D 96 35.55 17.71 2.72
C VAL D 96 37.04 17.83 2.45
N CYS D 97 37.83 18.14 3.47
CA CYS D 97 39.27 18.16 3.30
C CYS D 97 39.78 16.80 2.86
N GLU D 98 39.36 15.74 3.56
CA GLU D 98 39.79 14.40 3.18
C GLU D 98 39.27 14.03 1.80
N GLU D 99 38.04 14.43 1.49
CA GLU D 99 37.48 14.14 0.17
C GLU D 99 38.31 14.77 -0.93
N MET D 100 38.57 16.08 -0.83
CA MET D 100 39.40 16.73 -1.82
C MET D 100 40.80 16.14 -1.82
N ARG D 101 41.29 15.72 -0.65
CA ARG D 101 42.62 15.13 -0.59
C ARG D 101 42.73 13.92 -1.51
N GLN D 102 41.70 13.10 -1.58
CA GLN D 102 41.78 11.89 -2.39
C GLN D 102 41.74 12.19 -3.88
N LEU D 103 41.68 13.46 -4.26
CA LEU D 103 41.75 13.80 -5.67
C LEU D 103 43.18 14.00 -6.16
N PHE D 104 44.12 14.24 -5.26
CA PHE D 104 45.49 14.56 -5.63
C PHE D 104 46.48 13.48 -5.26
N TYR D 105 46.01 12.30 -4.86
CA TYR D 105 46.93 11.28 -4.37
C TYR D 105 47.61 10.51 -5.50
N ASP D 106 47.10 10.65 -6.73
CA ASP D 106 47.47 9.81 -7.86
C ASP D 106 48.97 9.59 -7.93
N PRO D 107 49.45 8.36 -7.70
CA PRO D 107 50.90 8.13 -7.75
C PRO D 107 51.44 8.23 -9.17
N ASP D 108 50.61 7.96 -10.17
CA ASP D 108 51.03 8.18 -11.54
C ASP D 108 50.67 9.61 -11.96
N GLU D 109 51.13 10.00 -13.14
CA GLU D 109 50.88 11.35 -13.65
C GLU D 109 49.59 11.33 -14.45
N CYS D 110 48.48 11.18 -13.73
CA CYS D 110 47.16 11.21 -14.33
C CYS D 110 46.78 12.66 -14.69
N GLY D 111 46.01 12.79 -15.76
CA GLY D 111 45.52 14.10 -16.15
C GLY D 111 44.68 14.70 -15.05
N LEU D 112 44.80 16.02 -14.86
CA LEU D 112 44.06 16.67 -13.78
C LEU D 112 42.58 16.76 -14.11
N MET D 113 42.26 17.16 -15.34
CA MET D 113 40.86 17.26 -15.72
C MET D 113 40.23 15.89 -15.95
N LYS D 114 41.06 14.88 -16.24
CA LYS D 114 40.54 13.52 -16.40
C LYS D 114 39.94 13.01 -15.09
N LYS D 115 40.73 13.01 -14.02
CA LYS D 115 40.25 12.50 -12.76
C LYS D 115 39.12 13.37 -12.21
N ALA D 116 39.12 14.65 -12.59
CA ALA D 116 37.98 15.50 -12.27
C ALA D 116 36.72 15.03 -12.99
N ALA D 117 36.83 14.70 -14.27
CA ALA D 117 35.67 14.20 -15.00
C ALA D 117 35.14 12.92 -14.39
N LEU D 118 36.04 12.04 -13.95
CA LEU D 118 35.60 10.81 -13.31
C LEU D 118 34.85 11.09 -12.03
N TYR D 119 35.39 11.97 -11.18
CA TYR D 119 34.65 12.36 -9.97
C TYR D 119 33.31 12.95 -10.34
N PHE D 120 33.29 13.85 -11.32
CA PHE D 120 32.05 14.51 -11.70
C PHE D 120 31.09 13.56 -12.39
N SER D 121 31.58 12.42 -12.86
CA SER D 121 30.70 11.45 -13.50
C SER D 121 30.03 10.52 -12.50
N ASP D 122 30.49 10.50 -11.25
CA ASP D 122 29.95 9.57 -10.27
C ASP D 122 28.72 10.15 -9.58
N PHE D 123 27.60 9.46 -9.74
CA PHE D 123 26.35 9.84 -9.10
C PHE D 123 26.55 10.15 -7.64
N TRP D 124 27.25 9.27 -6.92
CA TRP D 124 27.45 9.50 -5.51
C TRP D 124 28.29 10.73 -5.26
N ASN D 125 29.37 10.92 -6.01
CA ASN D 125 30.12 12.15 -5.85
C ASN D 125 29.26 13.35 -6.23
N LYS D 126 28.40 13.18 -7.23
CA LYS D 126 27.52 14.28 -7.63
C LYS D 126 26.63 14.72 -6.48
N LEU D 127 26.07 13.77 -5.73
CA LEU D 127 25.21 14.13 -4.61
C LEU D 127 26.02 14.78 -3.50
N ASP D 128 27.26 14.32 -3.32
CA ASP D 128 28.09 14.89 -2.27
C ASP D 128 28.39 16.35 -2.54
N VAL D 129 28.76 16.68 -3.78
CA VAL D 129 29.05 18.08 -4.06
C VAL D 129 27.79 18.92 -4.08
N GLY D 130 26.64 18.31 -4.42
CA GLY D 130 25.38 19.01 -4.25
C GLY D 130 25.20 19.51 -2.83
N ALA D 131 25.42 18.64 -1.85
CA ALA D 131 25.34 19.08 -0.47
C ALA D 131 26.35 20.16 -0.15
N ILE D 132 27.57 20.03 -0.68
CA ILE D 132 28.59 21.03 -0.37
C ILE D 132 28.17 22.40 -0.87
N LEU D 133 27.67 22.46 -2.11
CA LEU D 133 27.24 23.74 -2.66
C LEU D 133 26.06 24.30 -1.89
N LEU D 134 25.11 23.44 -1.52
CA LEU D 134 23.95 23.90 -0.78
C LEU D 134 24.33 24.41 0.60
N PHE D 135 25.17 23.66 1.32
CA PHE D 135 25.62 24.12 2.63
C PHE D 135 26.26 25.50 2.54
N VAL D 136 27.24 25.66 1.67
CA VAL D 136 28.02 26.88 1.70
C VAL D 136 27.16 28.08 1.34
N ALA D 137 26.09 27.86 0.58
CA ALA D 137 25.10 28.91 0.38
C ALA D 137 24.31 29.17 1.65
N GLY D 138 23.86 28.10 2.31
CA GLY D 138 23.10 28.27 3.53
C GLY D 138 23.87 28.93 4.64
N LEU D 139 25.19 28.74 4.66
CA LEU D 139 26.00 29.35 5.71
C LEU D 139 25.84 30.87 5.71
N THR D 140 26.09 31.50 4.56
CA THR D 140 25.95 32.95 4.51
C THR D 140 24.50 33.39 4.61
N CYS D 141 23.55 32.59 4.12
CA CYS D 141 22.15 32.92 4.31
C CYS D 141 21.81 33.04 5.79
N ARG D 142 22.29 32.11 6.61
CA ARG D 142 22.11 32.23 8.04
C ARG D 142 22.85 33.45 8.58
N LEU D 143 24.07 33.68 8.09
CA LEU D 143 24.88 34.77 8.59
C LEU D 143 24.21 36.12 8.40
N ILE D 144 23.46 36.28 7.31
CA ILE D 144 22.71 37.52 7.10
C ILE D 144 21.52 37.54 8.06
N PRO D 145 21.42 38.55 8.92
CA PRO D 145 20.34 38.58 9.91
C PRO D 145 18.97 38.80 9.30
N ALA D 146 18.90 39.38 8.10
CA ALA D 146 17.62 39.60 7.43
C ALA D 146 17.05 38.35 6.79
N THR D 147 17.82 37.27 6.72
CA THR D 147 17.34 36.04 6.10
C THR D 147 17.53 34.85 7.02
N LEU D 148 17.40 35.09 8.33
CA LEU D 148 17.58 34.01 9.28
C LEU D 148 16.62 32.87 9.01
N TYR D 149 15.33 33.19 8.81
CA TYR D 149 14.37 32.13 8.56
C TYR D 149 14.67 31.35 7.29
N PRO D 150 14.83 31.98 6.11
CA PRO D 150 15.46 31.24 5.01
C PRO D 150 16.70 30.48 5.42
N GLY D 151 17.52 31.04 6.30
CA GLY D 151 18.70 30.30 6.75
C GLY D 151 18.31 28.97 7.34
N ARG D 152 17.18 28.94 8.05
CA ARG D 152 16.68 27.69 8.61
C ARG D 152 16.27 26.72 7.51
N VAL D 153 15.61 27.22 6.45
CA VAL D 153 15.10 26.30 5.45
C VAL D 153 16.24 25.67 4.67
N ILE D 154 17.28 26.44 4.38
CA ILE D 154 18.37 25.89 3.58
C ILE D 154 19.17 24.89 4.40
N LEU D 155 19.45 25.22 5.65
CA LEU D 155 20.19 24.29 6.48
C LEU D 155 19.41 23.02 6.72
N SER D 156 18.08 23.13 6.78
CA SER D 156 17.26 21.93 6.92
C SER D 156 17.34 21.06 5.67
N LEU D 157 17.37 21.69 4.50
CA LEU D 157 17.56 20.92 3.28
C LEU D 157 18.93 20.26 3.25
N ASP D 158 19.94 20.98 3.70
CA ASP D 158 21.28 20.41 3.77
C ASP D 158 21.28 19.14 4.60
N PHE D 159 20.68 19.21 5.79
CA PHE D 159 20.58 18.04 6.64
C PHE D 159 20.02 16.85 5.89
N ILE D 160 18.95 17.06 5.12
CA ILE D 160 18.34 15.95 4.42
C ILE D 160 19.30 15.36 3.40
N LEU D 161 20.03 16.21 2.70
CA LEU D 161 20.99 15.71 1.72
C LEU D 161 22.06 14.86 2.38
N PHE D 162 22.45 15.21 3.60
CA PHE D 162 23.42 14.38 4.28
C PHE D 162 22.81 13.07 4.76
N CYS D 163 21.60 13.10 5.29
CA CYS D 163 21.08 11.87 5.85
C CYS D 163 20.75 10.85 4.79
N LEU D 164 20.36 11.28 3.59
CA LEU D 164 20.09 10.29 2.55
C LEU D 164 21.37 9.67 2.03
N ARG D 165 22.52 10.26 2.37
CA ARG D 165 23.81 9.76 1.93
C ARG D 165 24.16 8.42 2.56
N LEU D 166 23.47 8.05 3.64
CA LEU D 166 23.83 6.83 4.35
C LEU D 166 23.53 5.56 3.58
N MET D 167 22.87 5.64 2.43
CA MET D 167 22.70 4.43 1.65
C MET D 167 24.03 3.82 1.25
N HIS D 168 25.10 4.61 1.33
CA HIS D 168 26.45 4.15 1.06
C HIS D 168 26.89 3.01 1.96
N ILE D 169 26.27 2.85 3.12
CA ILE D 169 26.68 1.80 4.03
C ILE D 169 26.69 0.48 3.32
N PHE D 170 25.59 0.18 2.63
CA PHE D 170 25.34 -1.16 2.12
C PHE D 170 26.01 -1.40 0.78
N THR D 171 26.75 -0.43 0.26
CA THR D 171 27.47 -0.67 -0.98
C THR D 171 28.53 -1.72 -0.78
N ILE D 172 29.04 -1.84 0.43
CA ILE D 172 29.98 -2.91 0.74
C ILE D 172 29.31 -4.13 1.33
N SER D 173 27.99 -4.15 1.36
CA SER D 173 27.30 -5.27 1.98
C SER D 173 27.54 -6.55 1.23
N LYS D 174 27.27 -7.66 1.91
CA LYS D 174 27.30 -8.92 1.20
C LYS D 174 26.11 -9.03 0.26
N THR D 175 24.94 -8.61 0.73
CA THR D 175 23.69 -8.98 0.10
C THR D 175 22.82 -7.80 -0.30
N LEU D 176 23.25 -6.58 -0.03
CA LEU D 176 22.42 -5.44 -0.36
C LEU D 176 22.98 -4.60 -1.49
N GLY D 177 24.30 -4.55 -1.60
CA GLY D 177 24.97 -3.78 -2.63
C GLY D 177 24.37 -3.98 -4.00
N PRO D 178 24.24 -5.22 -4.44
CA PRO D 178 23.69 -5.46 -5.78
C PRO D 178 22.36 -4.80 -5.99
N LYS D 179 21.58 -4.64 -4.92
CA LYS D 179 20.25 -4.07 -5.05
C LYS D 179 20.33 -2.57 -5.12
N ILE D 180 21.36 -1.99 -4.51
CA ILE D 180 21.64 -0.59 -4.70
C ILE D 180 21.97 -0.32 -6.16
N ILE D 181 22.69 -1.24 -6.79
CA ILE D 181 22.99 -1.07 -8.20
C ILE D 181 21.70 -0.99 -8.99
N ILE D 182 20.74 -1.79 -8.59
CA ILE D 182 19.50 -1.85 -9.35
C ILE D 182 18.76 -0.55 -9.25
N VAL D 183 18.64 -0.02 -8.04
CA VAL D 183 17.89 1.21 -7.85
C VAL D 183 18.64 2.37 -8.49
N LYS D 184 19.95 2.24 -8.63
CA LYS D 184 20.69 3.22 -9.41
C LYS D 184 20.24 3.20 -10.85
N ARG D 185 19.83 2.03 -11.33
CA ARG D 185 19.24 1.99 -12.65
C ARG D 185 17.85 2.62 -12.63
N MET D 186 17.12 2.41 -11.55
CA MET D 186 15.74 2.87 -11.50
C MET D 186 15.66 4.38 -11.34
N MET D 187 16.69 4.98 -10.75
CA MET D 187 16.62 6.40 -10.40
C MET D 187 16.10 7.22 -11.57
N LYS D 188 16.51 6.86 -12.78
CA LYS D 188 16.14 7.65 -13.96
C LYS D 188 14.64 7.75 -14.12
N ASP D 189 13.95 6.61 -14.14
CA ASP D 189 12.54 6.63 -14.54
C ASP D 189 11.59 6.85 -13.38
N VAL D 190 12.03 6.58 -12.14
CA VAL D 190 11.19 6.89 -11.00
C VAL D 190 11.11 8.40 -10.80
N PHE D 191 12.17 9.10 -11.21
CA PHE D 191 12.11 10.56 -11.27
C PHE D 191 11.03 11.02 -12.24
N PHE D 192 11.07 10.51 -13.46
CA PHE D 192 10.10 10.95 -14.44
C PHE D 192 8.68 10.59 -14.03
N PHE D 193 8.47 9.42 -13.46
CA PHE D 193 7.14 9.11 -12.95
C PHE D 193 6.74 10.09 -11.85
N LEU D 194 7.68 10.40 -10.95
CA LEU D 194 7.42 11.36 -9.89
C LEU D 194 6.76 12.60 -10.43
N PHE D 195 7.25 13.09 -11.57
CA PHE D 195 6.68 14.27 -12.17
C PHE D 195 5.19 14.11 -12.46
N LEU D 196 4.84 13.06 -13.18
CA LEU D 196 3.48 12.95 -13.68
C LEU D 196 2.48 12.71 -12.56
N LEU D 197 2.91 12.04 -11.50
CA LEU D 197 1.99 11.86 -10.38
C LEU D 197 1.81 13.15 -9.63
N ALA D 198 2.84 14.00 -9.64
CA ALA D 198 2.72 15.29 -8.97
C ALA D 198 1.67 16.14 -9.65
N VAL D 199 1.79 16.33 -10.96
CA VAL D 199 0.81 17.14 -11.66
C VAL D 199 -0.53 16.45 -11.66
N TRP D 200 -0.53 15.13 -11.58
CA TRP D 200 -1.78 14.39 -11.51
C TRP D 200 -2.59 14.81 -10.28
N VAL D 201 -2.00 14.67 -9.11
CA VAL D 201 -2.77 14.83 -7.89
C VAL D 201 -3.16 16.29 -7.69
N VAL D 202 -2.30 17.22 -8.10
CA VAL D 202 -2.65 18.62 -7.88
C VAL D 202 -3.78 19.03 -8.81
N SER D 203 -3.89 18.37 -9.97
CA SER D 203 -5.02 18.64 -10.84
C SER D 203 -6.31 18.19 -10.17
N PHE D 204 -6.24 17.10 -9.42
CA PHE D 204 -7.41 16.67 -8.65
C PHE D 204 -7.68 17.61 -7.49
N GLY D 205 -6.62 18.05 -6.81
CA GLY D 205 -6.80 18.95 -5.69
C GLY D 205 -7.49 20.24 -6.11
N VAL D 206 -6.98 20.89 -7.15
CA VAL D 206 -7.58 22.14 -7.57
C VAL D 206 -8.98 21.91 -8.10
N ALA D 207 -9.23 20.75 -8.71
CA ALA D 207 -10.58 20.45 -9.16
C ALA D 207 -11.55 20.45 -7.98
N LYS D 208 -11.21 19.71 -6.93
CA LYS D 208 -12.01 19.71 -5.72
C LYS D 208 -12.19 21.12 -5.16
N GLN D 209 -11.08 21.83 -4.99
CA GLN D 209 -11.13 23.15 -4.36
C GLN D 209 -11.87 24.15 -5.24
N ALA D 210 -12.03 23.86 -6.53
CA ALA D 210 -12.75 24.77 -7.39
C ALA D 210 -14.25 24.58 -7.26
N ILE D 211 -14.71 23.33 -7.27
CA ILE D 211 -16.15 23.11 -7.44
C ILE D 211 -16.90 23.22 -6.11
N LEU D 212 -16.33 22.72 -5.03
CA LEU D 212 -17.09 22.58 -3.79
C LEU D 212 -17.07 23.86 -2.95
N ILE D 213 -16.66 24.98 -3.55
CA ILE D 213 -16.65 26.27 -2.88
C ILE D 213 -16.66 27.35 -3.94
N HIS D 214 -17.17 28.52 -3.56
CA HIS D 214 -17.04 29.68 -4.42
C HIS D 214 -15.59 30.16 -4.43
N ASN D 215 -15.34 31.21 -5.21
CA ASN D 215 -14.00 31.78 -5.28
C ASN D 215 -13.49 32.18 -3.89
N GLU D 216 -12.27 31.77 -3.59
CA GLU D 216 -11.57 32.17 -2.37
C GLU D 216 -10.79 33.44 -2.65
N ARG D 217 -10.80 34.36 -1.68
CA ARG D 217 -10.16 35.66 -1.86
C ARG D 217 -8.63 35.51 -1.92
N ARG D 218 -8.09 34.51 -1.23
CA ARG D 218 -6.66 34.30 -1.18
C ARG D 218 -6.37 32.84 -1.48
N VAL D 219 -5.42 32.61 -2.38
CA VAL D 219 -4.85 31.27 -2.53
C VAL D 219 -3.95 30.96 -1.32
N ASP D 220 -3.54 32.00 -0.60
CA ASP D 220 -2.64 31.80 0.53
C ASP D 220 -3.19 30.78 1.51
N TRP D 221 -4.43 31.00 1.98
CA TRP D 221 -5.00 30.08 2.97
C TRP D 221 -5.48 28.80 2.31
N LEU D 222 -5.83 28.88 1.02
CA LEU D 222 -6.22 27.69 0.29
C LEU D 222 -5.16 26.61 0.39
N PHE D 223 -3.91 26.93 0.03
CA PHE D 223 -2.87 25.91 -0.03
C PHE D 223 -2.47 25.46 1.36
N ARG D 224 -2.59 26.35 2.35
CA ARG D 224 -2.38 25.95 3.73
C ARG D 224 -3.30 24.79 4.12
N GLY D 225 -4.53 24.81 3.63
CA GLY D 225 -5.42 23.69 3.82
C GLY D 225 -5.31 22.67 2.72
N ALA D 226 -5.31 23.13 1.47
CA ALA D 226 -5.43 22.23 0.33
C ALA D 226 -4.18 21.36 0.18
N VAL D 227 -3.00 21.94 0.40
CA VAL D 227 -1.76 21.19 0.18
C VAL D 227 -1.47 20.29 1.37
N TYR D 228 -1.83 20.74 2.58
CA TYR D 228 -1.83 19.85 3.73
C TYR D 228 -2.77 18.67 3.52
N HIS D 229 -4.00 18.94 3.06
CA HIS D 229 -4.93 17.87 2.75
C HIS D 229 -4.41 17.00 1.62
N SER D 230 -3.79 17.63 0.61
CA SER D 230 -3.12 16.88 -0.43
C SER D 230 -2.08 15.94 0.15
N TYR D 231 -1.20 16.47 1.00
CA TYR D 231 -0.24 15.61 1.70
C TYR D 231 -0.93 14.40 2.30
N LEU D 232 -2.06 14.62 2.99
CA LEU D 232 -2.74 13.52 3.66
C LEU D 232 -3.33 12.54 2.65
N THR D 233 -3.97 13.06 1.59
CA THR D 233 -4.70 12.20 0.67
C THR D 233 -3.85 11.80 -0.54
N ILE D 234 -2.55 12.10 -0.50
CA ILE D 234 -1.59 11.48 -1.39
C ILE D 234 -1.84 9.99 -1.54
N PHE D 235 -2.42 9.38 -0.50
CA PHE D 235 -2.72 7.96 -0.51
C PHE D 235 -4.22 7.73 -0.39
N GLY D 236 -5.00 8.66 -0.93
CA GLY D 236 -6.46 8.57 -0.88
C GLY D 236 -6.95 8.53 0.56
N GLN D 237 -7.13 9.72 1.16
CA GLN D 237 -7.59 9.82 2.53
C GLN D 237 -8.67 10.88 2.68
N ILE D 238 -8.27 12.14 2.62
CA ILE D 238 -9.19 13.26 2.75
C ILE D 238 -9.28 14.05 1.45
N PRO D 239 -10.50 14.18 0.93
CA PRO D 239 -10.73 14.92 -0.31
C PRO D 239 -10.07 16.29 -0.24
N GLY D 240 -10.45 17.08 0.77
CA GLY D 240 -9.89 18.41 0.95
C GLY D 240 -10.75 19.25 1.90
N TYR D 241 -11.89 18.70 2.29
CA TYR D 241 -12.80 19.39 3.20
C TYR D 241 -13.05 18.54 4.42
N ILE D 242 -12.15 18.62 5.39
CA ILE D 242 -12.27 17.85 6.63
C ILE D 242 -13.57 18.18 7.36
N ASP D 243 -14.10 19.37 7.10
CA ASP D 243 -15.33 19.81 7.74
C ASP D 243 -16.55 19.19 7.06
N GLY D 244 -16.30 18.31 6.10
CA GLY D 244 -17.37 17.64 5.36
C GLY D 244 -17.33 18.05 3.90
N VAL D 245 -17.52 17.04 2.92
CA VAL D 245 -17.29 17.36 1.51
C VAL D 245 -18.38 18.29 0.97
N ASN D 246 -19.63 17.94 1.22
CA ASN D 246 -20.75 18.74 0.76
C ASN D 246 -21.30 19.60 1.88
N PHE D 247 -21.31 20.92 1.67
CA PHE D 247 -21.81 21.86 2.66
C PHE D 247 -23.34 21.80 2.72
N ASN D 248 -23.93 21.13 1.75
CA ASN D 248 -25.38 20.99 1.69
C ASN D 248 -25.80 19.92 0.69
N PRO D 249 -25.97 18.69 1.20
CA PRO D 249 -26.37 17.57 0.35
C PRO D 249 -27.84 17.68 -0.01
N GLU D 250 -28.23 17.02 -1.10
CA GLU D 250 -29.62 17.04 -1.54
C GLU D 250 -29.87 15.97 -2.60
N HIS D 251 -31.14 15.60 -2.77
CA HIS D 251 -31.51 14.60 -3.76
C HIS D 251 -30.89 13.24 -3.44
N CYS D 252 -31.49 12.18 -3.97
CA CYS D 252 -31.01 10.83 -3.74
C CYS D 252 -31.37 9.94 -4.93
N SER D 253 -30.66 8.82 -5.07
CA SER D 253 -30.91 7.89 -6.16
C SER D 253 -32.40 7.80 -6.43
N PRO D 254 -32.77 7.51 -7.68
CA PRO D 254 -34.16 7.38 -8.07
C PRO D 254 -34.92 6.47 -7.11
N ASN D 255 -35.53 7.05 -6.09
CA ASN D 255 -36.29 6.28 -5.12
C ASN D 255 -37.18 7.21 -4.30
N GLY D 256 -37.94 6.63 -3.36
CA GLY D 256 -38.82 7.41 -2.50
C GLY D 256 -40.23 7.40 -3.08
N THR D 257 -40.33 7.14 -4.38
CA THR D 257 -41.62 7.11 -5.06
C THR D 257 -42.23 5.71 -5.00
N ASP D 258 -41.52 4.79 -4.36
CA ASP D 258 -41.98 3.42 -4.24
C ASP D 258 -43.41 3.41 -3.72
N PRO D 259 -44.34 2.98 -4.56
CA PRO D 259 -45.74 2.92 -4.19
C PRO D 259 -45.93 2.11 -2.91
N TYR D 260 -45.00 1.20 -2.65
CA TYR D 260 -45.06 0.37 -1.46
C TYR D 260 -44.57 1.11 -0.22
N LYS D 261 -43.35 1.64 -0.30
CA LYS D 261 -42.77 2.38 0.81
C LYS D 261 -41.52 3.15 0.40
N PRO D 262 -41.55 4.46 0.55
CA PRO D 262 -40.42 5.31 0.20
C PRO D 262 -39.12 4.78 0.80
N LYS D 263 -38.01 5.11 0.17
CA LYS D 263 -36.69 4.68 0.64
C LYS D 263 -35.74 5.85 0.79
N CYS D 264 -35.85 6.82 -0.12
CA CYS D 264 -35.00 8.00 -0.08
C CYS D 264 -35.52 9.08 -1.03
N PRO D 265 -35.02 10.30 -0.86
CA PRO D 265 -35.43 11.41 -1.71
C PRO D 265 -35.19 11.12 -3.18
N GLU D 266 -35.61 12.03 -4.04
CA GLU D 266 -35.44 11.88 -5.48
C GLU D 266 -35.92 13.14 -6.21
N SER D 267 -34.98 14.00 -6.57
CA SER D 267 -35.30 15.23 -7.27
C SER D 267 -34.10 15.78 -8.03
N ASP D 268 -34.37 16.52 -9.11
CA ASP D 268 -33.31 17.11 -9.91
C ASP D 268 -32.61 18.26 -9.19
N ALA D 269 -31.65 17.92 -8.34
CA ALA D 269 -30.91 18.92 -7.58
C ALA D 269 -29.63 19.33 -8.29
N THR D 270 -29.68 18.98 -9.49
CA THR D 270 -28.46 18.60 -10.19
C THR D 270 -28.23 19.51 -11.39
N GLN D 271 -29.11 19.39 -12.39
CA GLN D 271 -29.01 20.20 -13.59
C GLN D 271 -29.93 21.42 -13.48
N GLN D 272 -31.17 21.17 -13.05
CA GLN D 272 -32.15 22.25 -12.89
C GLN D 272 -31.78 23.18 -11.75
N ARG D 273 -31.12 22.62 -10.73
CA ARG D 273 -30.70 23.40 -9.58
C ARG D 273 -29.18 23.42 -9.45
N PRO D 274 -28.66 24.35 -8.67
CA PRO D 274 -27.21 24.46 -8.46
C PRO D 274 -26.62 23.08 -8.19
N ALA D 275 -25.72 22.62 -9.01
CA ALA D 275 -24.95 21.40 -8.90
C ALA D 275 -24.12 21.36 -7.62
N PHE D 276 -24.79 21.13 -6.50
CA PHE D 276 -24.12 21.07 -5.20
C PHE D 276 -24.78 20.07 -4.27
N PRO D 277 -25.54 19.14 -4.83
CA PRO D 277 -26.23 18.12 -4.05
C PRO D 277 -25.29 16.96 -3.77
N GLU D 278 -25.76 15.98 -3.01
CA GLU D 278 -24.97 14.81 -2.68
C GLU D 278 -24.58 14.04 -3.94
N TRP D 279 -25.42 14.15 -4.97
CA TRP D 279 -25.15 13.45 -6.21
C TRP D 279 -23.82 13.90 -6.81
N LEU D 280 -23.59 15.21 -6.85
CA LEU D 280 -22.30 15.73 -7.31
C LEU D 280 -21.18 15.23 -6.41
N THR D 281 -21.42 15.19 -5.10
CA THR D 281 -20.42 14.69 -4.17
C THR D 281 -20.05 13.24 -4.48
N VAL D 282 -21.06 12.41 -4.73
CA VAL D 282 -20.79 11.02 -5.11
C VAL D 282 -19.96 10.97 -6.38
N LEU D 283 -20.36 11.74 -7.40
CA LEU D 283 -19.64 11.73 -8.67
C LEU D 283 -18.18 12.15 -8.49
N LEU D 284 -17.95 13.26 -7.78
CA LEU D 284 -16.58 13.77 -7.66
C LEU D 284 -15.71 12.84 -6.83
N LEU D 285 -16.23 12.38 -5.69
CA LEU D 285 -15.42 11.56 -4.80
C LEU D 285 -15.10 10.22 -5.43
N CYS D 286 -16.06 9.61 -6.12
CA CYS D 286 -15.75 8.35 -6.79
C CYS D 286 -14.79 8.56 -7.95
N LEU D 287 -14.87 9.71 -8.62
CA LEU D 287 -13.93 9.99 -9.71
C LEU D 287 -12.49 9.96 -9.22
N TYR D 288 -12.22 10.69 -8.15
CA TYR D 288 -10.91 10.60 -7.51
C TYR D 288 -10.49 9.16 -7.32
N LEU D 289 -11.39 8.35 -6.75
CA LEU D 289 -11.03 6.97 -6.47
C LEU D 289 -10.93 6.15 -7.76
N LEU D 290 -11.65 6.55 -8.81
CA LEU D 290 -11.61 5.78 -10.06
C LEU D 290 -10.20 5.64 -10.58
N PHE D 291 -9.35 6.60 -10.26
CA PHE D 291 -8.06 6.61 -10.95
C PHE D 291 -6.88 6.62 -9.98
N THR D 292 -7.01 7.34 -8.87
CA THR D 292 -5.85 7.65 -8.04
C THR D 292 -5.18 6.41 -7.48
N ASN D 293 -5.94 5.59 -6.76
CA ASN D 293 -5.32 4.46 -6.07
C ASN D 293 -5.16 3.24 -6.98
N ILE D 294 -5.35 3.38 -8.29
CA ILE D 294 -5.27 2.22 -9.17
C ILE D 294 -4.35 2.42 -10.39
N LEU D 295 -4.58 3.48 -11.16
CA LEU D 295 -3.88 3.63 -12.43
C LEU D 295 -2.39 3.69 -12.22
N LEU D 296 -1.98 4.51 -11.27
CA LEU D 296 -0.57 4.79 -11.10
C LEU D 296 0.14 3.65 -10.37
N LEU D 297 -0.61 2.87 -9.60
CA LEU D 297 -0.01 1.77 -8.86
C LEU D 297 0.32 0.61 -9.77
N ASN D 298 -0.67 0.14 -10.54
CA ASN D 298 -0.40 -0.96 -11.46
C ASN D 298 0.62 -0.56 -12.50
N LEU D 299 0.68 0.73 -12.84
CA LEU D 299 1.68 1.21 -13.79
C LEU D 299 3.09 0.99 -13.24
N LEU D 300 3.34 1.46 -12.03
CA LEU D 300 4.69 1.38 -11.46
C LEU D 300 5.14 -0.07 -11.35
N ILE D 301 4.31 -0.91 -10.76
CA ILE D 301 4.72 -2.28 -10.49
C ILE D 301 4.93 -3.02 -11.81
N ALA D 302 4.24 -2.59 -12.86
CA ALA D 302 4.54 -3.10 -14.18
C ALA D 302 5.91 -2.64 -14.64
N MET D 303 6.23 -1.36 -14.43
CA MET D 303 7.55 -0.85 -14.80
C MET D 303 8.65 -1.65 -14.12
N PHE D 304 8.47 -1.93 -12.83
CA PHE D 304 9.53 -2.58 -12.07
C PHE D 304 9.64 -4.05 -12.43
N ASN D 305 8.48 -4.72 -12.58
CA ASN D 305 8.49 -6.10 -13.03
C ASN D 305 9.21 -6.23 -14.36
N TYR D 306 9.06 -5.22 -15.21
CA TYR D 306 9.75 -5.23 -16.49
C TYR D 306 11.25 -5.02 -16.31
N THR D 307 11.63 -3.89 -15.73
CA THR D 307 13.03 -3.50 -15.72
C THR D 307 13.88 -4.42 -14.87
N PHE D 308 13.31 -4.91 -13.76
CA PHE D 308 14.06 -5.83 -12.91
C PHE D 308 14.60 -7.00 -13.71
N GLN D 309 13.75 -7.59 -14.56
CA GLN D 309 14.15 -8.80 -15.26
C GLN D 309 15.17 -8.49 -16.35
N GLN D 310 15.42 -7.20 -16.60
CA GLN D 310 16.41 -6.83 -17.61
C GLN D 310 17.81 -6.72 -17.01
N VAL D 311 17.90 -6.62 -15.67
CA VAL D 311 19.19 -6.40 -15.02
C VAL D 311 19.53 -7.48 -13.98
N GLN D 312 18.68 -8.50 -13.84
CA GLN D 312 18.73 -9.38 -12.68
C GLN D 312 20.04 -10.16 -12.56
N GLU D 313 20.72 -10.44 -13.67
CA GLU D 313 21.82 -11.40 -13.56
C GLU D 313 23.19 -10.72 -13.53
N HIS D 314 23.47 -9.85 -14.49
CA HIS D 314 24.81 -9.31 -14.63
C HIS D 314 25.07 -8.32 -13.52
N THR D 315 24.02 -7.87 -12.83
CA THR D 315 24.19 -7.00 -11.69
C THR D 315 25.12 -7.62 -10.66
N ASP D 316 25.16 -8.94 -10.61
CA ASP D 316 25.99 -9.60 -9.61
C ASP D 316 27.46 -9.31 -9.84
N GLN D 317 27.96 -9.66 -11.02
CA GLN D 317 29.37 -9.51 -11.28
C GLN D 317 29.78 -8.06 -11.29
N ILE D 318 28.87 -7.17 -11.65
CA ILE D 318 29.20 -5.76 -11.63
C ILE D 318 29.53 -5.32 -10.22
N TRP D 319 28.72 -5.74 -9.27
CA TRP D 319 29.04 -5.41 -7.89
C TRP D 319 30.39 -5.97 -7.51
N LYS D 320 30.66 -7.22 -7.87
CA LYS D 320 31.93 -7.83 -7.51
C LYS D 320 33.08 -7.05 -8.10
N PHE D 321 32.90 -6.55 -9.30
CA PHE D 321 33.94 -5.77 -9.93
C PHE D 321 34.16 -4.47 -9.19
N GLN D 322 33.08 -3.80 -8.84
CA GLN D 322 33.16 -2.54 -8.14
C GLN D 322 33.82 -2.67 -6.78
N ARG D 323 33.77 -3.85 -6.20
CA ARG D 323 34.26 -4.01 -4.85
C ARG D 323 35.71 -3.52 -4.71
N HIS D 324 36.50 -3.63 -5.77
CA HIS D 324 37.93 -3.40 -5.62
C HIS D 324 38.23 -2.01 -5.07
N ASP D 325 37.83 -0.98 -5.81
CA ASP D 325 38.39 0.35 -5.57
C ASP D 325 38.07 0.84 -4.17
N LEU D 326 36.90 0.47 -3.65
CA LEU D 326 36.61 0.81 -2.28
C LEU D 326 37.60 0.16 -1.34
N ILE D 327 37.93 -1.11 -1.56
CA ILE D 327 38.88 -1.76 -0.68
C ILE D 327 40.23 -1.10 -0.76
N GLU D 328 40.65 -0.75 -1.97
CA GLU D 328 41.93 -0.07 -2.12
C GLU D 328 41.94 1.25 -1.39
N GLU D 329 40.82 1.97 -1.46
CA GLU D 329 40.77 3.29 -0.83
C GLU D 329 41.03 3.20 0.66
N TYR D 330 40.21 2.45 1.38
CA TYR D 330 40.35 2.40 2.82
C TYR D 330 41.58 1.64 3.26
N HIS D 331 42.13 0.78 2.42
CA HIS D 331 43.44 0.24 2.73
C HIS D 331 44.46 1.35 2.84
N GLY D 332 44.49 2.26 1.87
CA GLY D 332 45.50 3.30 1.90
C GLY D 332 45.14 4.53 2.69
N ARG D 333 43.89 4.64 3.08
CA ARG D 333 43.44 5.84 3.78
C ARG D 333 44.13 5.93 5.16
N PRO D 334 44.59 7.13 5.54
CA PRO D 334 45.15 7.30 6.88
C PRO D 334 44.18 6.86 7.96
N ALA D 335 44.73 6.23 9.00
CA ALA D 335 43.93 5.66 10.08
C ALA D 335 43.54 6.68 11.14
N ALA D 336 42.63 7.60 10.83
CA ALA D 336 42.10 8.52 11.82
C ALA D 336 40.72 9.00 11.42
N PRO D 337 39.76 8.99 12.34
CA PRO D 337 38.43 9.51 12.04
C PRO D 337 38.44 11.02 11.98
N PRO D 338 37.44 11.63 11.34
CA PRO D 338 37.47 13.08 11.06
C PRO D 338 37.77 13.93 12.28
N PRO D 339 37.19 13.67 13.46
CA PRO D 339 37.53 14.52 14.61
C PRO D 339 39.02 14.55 14.85
N PHE D 340 39.66 13.39 14.78
CA PHE D 340 41.09 13.28 15.03
C PHE D 340 41.91 13.19 13.74
N ILE D 341 41.27 13.31 12.58
CA ILE D 341 42.01 13.28 11.33
C ILE D 341 42.80 14.56 11.11
N LEU D 342 42.52 15.61 11.87
CA LEU D 342 43.14 16.89 11.61
C LEU D 342 44.66 16.80 11.71
N LEU D 343 45.17 16.08 12.72
CA LEU D 343 46.61 15.99 12.89
C LEU D 343 47.26 15.26 11.72
N SER D 344 46.51 14.38 11.07
CA SER D 344 47.04 13.67 9.92
C SER D 344 46.93 14.53 8.66
N HIS D 345 45.95 15.43 8.61
CA HIS D 345 45.93 16.43 7.56
C HIS D 345 47.08 17.40 7.72
N LEU D 346 47.43 17.73 8.96
CA LEU D 346 48.64 18.51 9.18
C LEU D 346 49.87 17.77 8.67
N GLN D 347 50.00 16.47 8.94
CA GLN D 347 51.15 15.74 8.44
C GLN D 347 51.18 15.77 6.91
N LEU D 348 50.02 15.66 6.29
CA LEU D 348 49.98 15.75 4.83
C LEU D 348 50.42 17.11 4.35
N PHE D 349 49.96 18.18 5.00
CA PHE D 349 50.42 19.50 4.59
C PHE D 349 51.91 19.66 4.82
N ILE D 350 52.44 19.02 5.88
CA ILE D 350 53.89 19.04 6.09
C ILE D 350 54.61 18.45 4.89
N LYS D 351 54.10 17.34 4.36
CA LYS D 351 54.66 16.79 3.14
C LYS D 351 54.40 17.71 1.95
N ARG D 352 53.26 18.38 1.93
CA ARG D 352 52.96 19.32 0.86
C ARG D 352 53.91 20.51 0.87
N VAL D 353 54.33 20.95 2.05
CA VAL D 353 55.27 22.07 2.11
C VAL D 353 56.68 21.61 1.75
N VAL D 354 57.09 20.44 2.22
CA VAL D 354 58.41 19.92 1.90
C VAL D 354 58.30 18.54 1.26
#